data_2FD4
# 
_entry.id   2FD4 
# 
_audit_conform.dict_name       mmcif_pdbx.dic 
_audit_conform.dict_version    5.387 
_audit_conform.dict_location   http://mmcif.pdb.org/dictionaries/ascii/mmcif_pdbx.dic 
# 
loop_
_database_2.database_id 
_database_2.database_code 
_database_2.pdbx_database_accession 
_database_2.pdbx_DOI 
PDB   2FD4         pdb_00002fd4 10.2210/pdb2fd4/pdb 
RCSB  RCSB035733   ?            ?                   
WWPDB D_1000035733 ?            ?                   
# 
loop_
_pdbx_audit_revision_history.ordinal 
_pdbx_audit_revision_history.data_content_type 
_pdbx_audit_revision_history.major_revision 
_pdbx_audit_revision_history.minor_revision 
_pdbx_audit_revision_history.revision_date 
1 'Structure model' 1 0 2005-12-27 
2 'Structure model' 1 1 2008-05-01 
3 'Structure model' 1 2 2011-07-13 
4 'Structure model' 1 3 2017-10-18 
5 'Structure model' 1 4 2024-02-14 
# 
_pdbx_audit_revision_details.ordinal             1 
_pdbx_audit_revision_details.revision_ordinal    1 
_pdbx_audit_revision_details.data_content_type   'Structure model' 
_pdbx_audit_revision_details.provider            repository 
_pdbx_audit_revision_details.type                'Initial release' 
_pdbx_audit_revision_details.description         ? 
_pdbx_audit_revision_details.details             ? 
# 
loop_
_pdbx_audit_revision_group.ordinal 
_pdbx_audit_revision_group.revision_ordinal 
_pdbx_audit_revision_group.data_content_type 
_pdbx_audit_revision_group.group 
1 2 'Structure model' 'Version format compliance' 
2 3 'Structure model' Advisory                    
3 3 'Structure model' 'Version format compliance' 
4 4 'Structure model' 'Refinement description'    
5 5 'Structure model' 'Data collection'           
6 5 'Structure model' 'Database references'       
# 
loop_
_pdbx_audit_revision_category.ordinal 
_pdbx_audit_revision_category.revision_ordinal 
_pdbx_audit_revision_category.data_content_type 
_pdbx_audit_revision_category.category 
1 4 'Structure model' software           
2 5 'Structure model' chem_comp_atom     
3 5 'Structure model' chem_comp_bond     
4 5 'Structure model' database_2         
5 5 'Structure model' struct_ref_seq_dif 
# 
loop_
_pdbx_audit_revision_item.ordinal 
_pdbx_audit_revision_item.revision_ordinal 
_pdbx_audit_revision_item.data_content_type 
_pdbx_audit_revision_item.item 
1 5 'Structure model' '_database_2.pdbx_DOI'                
2 5 'Structure model' '_database_2.pdbx_database_accession' 
3 5 'Structure model' '_struct_ref_seq_dif.details'         
# 
_pdbx_database_status.entry_id                        2FD4 
_pdbx_database_status.deposit_site                    RCSB 
_pdbx_database_status.process_site                    RCSB 
_pdbx_database_status.recvd_initial_deposition_date   2005-12-13 
_pdbx_database_status.status_code                     REL 
_pdbx_database_status.status_code_sf                  REL 
_pdbx_database_status.status_code_mr                  ? 
_pdbx_database_status.SG_entry                        ? 
_pdbx_database_status.pdb_format_compatible           Y 
_pdbx_database_status.status_code_cs                  ? 
_pdbx_database_status.methods_development_category    ? 
_pdbx_database_status.status_code_nmr_data            ? 
# 
loop_
_audit_author.name 
_audit_author.pdbx_ordinal 
'Janjusevic, R.' 1 
'Stebbins, C.E.' 2 
# 
_citation.id                        primary 
_citation.title                     'A bacterial inhibitor of host programmed cell death defenses is an E3 ubiquitin ligase.' 
_citation.journal_abbrev            Science 
_citation.journal_volume            311 
_citation.page_first                222 
_citation.page_last                 226 
_citation.year                      2006 
_citation.journal_id_ASTM           SCIEAS 
_citation.country                   US 
_citation.journal_id_ISSN           0036-8075 
_citation.journal_id_CSD            0038 
_citation.book_publisher            ? 
_citation.pdbx_database_id_PubMed   16373536 
_citation.pdbx_database_id_DOI      10.1126/science.1120131 
# 
loop_
_citation_author.citation_id 
_citation_author.name 
_citation_author.ordinal 
_citation_author.identifier_ORCID 
primary 'Janjusevic, R.'    1 ? 
primary 'Abramovitch, R.B.' 2 ? 
primary 'Martin, G.B.'      3 ? 
primary 'Stebbins, C.E.'    4 ? 
# 
loop_
_entity.id 
_entity.type 
_entity.src_method 
_entity.pdbx_description 
_entity.formula_weight 
_entity.pdbx_number_of_molecules 
_entity.pdbx_ec 
_entity.pdbx_mutation 
_entity.pdbx_fragment 
_entity.details 
1 polymer man 'avirulence protein AvrptoB' 13286.791 1  ? ? 'C-terminal domain, residues 436-553' ? 
2 water   nat water                        18.015    51 ? ? ?                                     ? 
# 
_entity_poly.entity_id                      1 
_entity_poly.type                           'polypeptide(L)' 
_entity_poly.nstd_linkage                   no 
_entity_poly.nstd_monomer                   no 
_entity_poly.pdbx_seq_one_letter_code       
;GPKLAALDPIASQFSQLRTISKADAESEELGFKDAADHHTDDVTHCLFGGELSLSNPDQQVIGLAGNPTDTSQPYSQEGN
KDLAFMDMKKLAQFLAGKPEHPMTRETLNAENIAKYAFRIVP
;
_entity_poly.pdbx_seq_one_letter_code_can   
;GPKLAALDPIASQFSQLRTISKADAESEELGFKDAADHHTDDVTHCLFGGELSLSNPDQQVIGLAGNPTDTSQPYSQEGN
KDLAFMDMKKLAQFLAGKPEHPMTRETLNAENIAKYAFRIVP
;
_entity_poly.pdbx_strand_id                 A 
_entity_poly.pdbx_target_identifier         ? 
# 
_pdbx_entity_nonpoly.entity_id   2 
_pdbx_entity_nonpoly.name        water 
_pdbx_entity_nonpoly.comp_id     HOH 
# 
loop_
_entity_poly_seq.entity_id 
_entity_poly_seq.num 
_entity_poly_seq.mon_id 
_entity_poly_seq.hetero 
1 1   GLY n 
1 2   PRO n 
1 3   LYS n 
1 4   LEU n 
1 5   ALA n 
1 6   ALA n 
1 7   LEU n 
1 8   ASP n 
1 9   PRO n 
1 10  ILE n 
1 11  ALA n 
1 12  SER n 
1 13  GLN n 
1 14  PHE n 
1 15  SER n 
1 16  GLN n 
1 17  LEU n 
1 18  ARG n 
1 19  THR n 
1 20  ILE n 
1 21  SER n 
1 22  LYS n 
1 23  ALA n 
1 24  ASP n 
1 25  ALA n 
1 26  GLU n 
1 27  SER n 
1 28  GLU n 
1 29  GLU n 
1 30  LEU n 
1 31  GLY n 
1 32  PHE n 
1 33  LYS n 
1 34  ASP n 
1 35  ALA n 
1 36  ALA n 
1 37  ASP n 
1 38  HIS n 
1 39  HIS n 
1 40  THR n 
1 41  ASP n 
1 42  ASP n 
1 43  VAL n 
1 44  THR n 
1 45  HIS n 
1 46  CYS n 
1 47  LEU n 
1 48  PHE n 
1 49  GLY n 
1 50  GLY n 
1 51  GLU n 
1 52  LEU n 
1 53  SER n 
1 54  LEU n 
1 55  SER n 
1 56  ASN n 
1 57  PRO n 
1 58  ASP n 
1 59  GLN n 
1 60  GLN n 
1 61  VAL n 
1 62  ILE n 
1 63  GLY n 
1 64  LEU n 
1 65  ALA n 
1 66  GLY n 
1 67  ASN n 
1 68  PRO n 
1 69  THR n 
1 70  ASP n 
1 71  THR n 
1 72  SER n 
1 73  GLN n 
1 74  PRO n 
1 75  TYR n 
1 76  SER n 
1 77  GLN n 
1 78  GLU n 
1 79  GLY n 
1 80  ASN n 
1 81  LYS n 
1 82  ASP n 
1 83  LEU n 
1 84  ALA n 
1 85  PHE n 
1 86  MET n 
1 87  ASP n 
1 88  MET n 
1 89  LYS n 
1 90  LYS n 
1 91  LEU n 
1 92  ALA n 
1 93  GLN n 
1 94  PHE n 
1 95  LEU n 
1 96  ALA n 
1 97  GLY n 
1 98  LYS n 
1 99  PRO n 
1 100 GLU n 
1 101 HIS n 
1 102 PRO n 
1 103 MET n 
1 104 THR n 
1 105 ARG n 
1 106 GLU n 
1 107 THR n 
1 108 LEU n 
1 109 ASN n 
1 110 ALA n 
1 111 GLU n 
1 112 ASN n 
1 113 ILE n 
1 114 ALA n 
1 115 LYS n 
1 116 TYR n 
1 117 ALA n 
1 118 PHE n 
1 119 ARG n 
1 120 ILE n 
1 121 VAL n 
1 122 PRO n 
# 
_entity_src_gen.entity_id                          1 
_entity_src_gen.pdbx_src_id                        1 
_entity_src_gen.pdbx_alt_source_flag               sample 
_entity_src_gen.pdbx_seq_type                      ? 
_entity_src_gen.pdbx_beg_seq_num                   ? 
_entity_src_gen.pdbx_end_seq_num                   ? 
_entity_src_gen.gene_src_common_name               ? 
_entity_src_gen.gene_src_genus                     Pseudomonas 
_entity_src_gen.pdbx_gene_src_gene                 ? 
_entity_src_gen.gene_src_species                   ? 
_entity_src_gen.gene_src_strain                    ? 
_entity_src_gen.gene_src_tissue                    ? 
_entity_src_gen.gene_src_tissue_fraction           ? 
_entity_src_gen.gene_src_details                   ? 
_entity_src_gen.pdbx_gene_src_fragment             ? 
_entity_src_gen.pdbx_gene_src_scientific_name      'Pseudomonas syringae' 
_entity_src_gen.pdbx_gene_src_ncbi_taxonomy_id     317 
_entity_src_gen.pdbx_gene_src_variant              ? 
_entity_src_gen.pdbx_gene_src_cell_line            ? 
_entity_src_gen.pdbx_gene_src_atcc                 ? 
_entity_src_gen.pdbx_gene_src_organ                ? 
_entity_src_gen.pdbx_gene_src_organelle            ? 
_entity_src_gen.pdbx_gene_src_cell                 ? 
_entity_src_gen.pdbx_gene_src_cellular_location    ? 
_entity_src_gen.host_org_common_name               ? 
_entity_src_gen.pdbx_host_org_scientific_name      'Escherichia coli BL21(DE3)' 
_entity_src_gen.pdbx_host_org_ncbi_taxonomy_id     469008 
_entity_src_gen.host_org_genus                     Escherichia 
_entity_src_gen.pdbx_host_org_gene                 ? 
_entity_src_gen.pdbx_host_org_organ                ? 
_entity_src_gen.host_org_species                   'Escherichia coli' 
_entity_src_gen.pdbx_host_org_tissue               ? 
_entity_src_gen.pdbx_host_org_tissue_fraction      ? 
_entity_src_gen.pdbx_host_org_strain               'BL21(DE3)' 
_entity_src_gen.pdbx_host_org_variant              ? 
_entity_src_gen.pdbx_host_org_cell_line            ? 
_entity_src_gen.pdbx_host_org_atcc                 ? 
_entity_src_gen.pdbx_host_org_culture_collection   ? 
_entity_src_gen.pdbx_host_org_cell                 ? 
_entity_src_gen.pdbx_host_org_organelle            ? 
_entity_src_gen.pdbx_host_org_cellular_location    ? 
_entity_src_gen.pdbx_host_org_vector_type          PLASMID 
_entity_src_gen.pdbx_host_org_vector               ? 
_entity_src_gen.host_org_details                   ? 
_entity_src_gen.expression_system_id               ? 
_entity_src_gen.plasmid_name                       pGEX4T3 
_entity_src_gen.plasmid_details                    ? 
_entity_src_gen.pdbx_description                   ? 
# 
loop_
_chem_comp.id 
_chem_comp.type 
_chem_comp.mon_nstd_flag 
_chem_comp.name 
_chem_comp.pdbx_synonyms 
_chem_comp.formula 
_chem_comp.formula_weight 
ALA 'L-peptide linking' y ALANINE         ? 'C3 H7 N O2'     89.093  
ARG 'L-peptide linking' y ARGININE        ? 'C6 H15 N4 O2 1' 175.209 
ASN 'L-peptide linking' y ASPARAGINE      ? 'C4 H8 N2 O3'    132.118 
ASP 'L-peptide linking' y 'ASPARTIC ACID' ? 'C4 H7 N O4'     133.103 
CYS 'L-peptide linking' y CYSTEINE        ? 'C3 H7 N O2 S'   121.158 
GLN 'L-peptide linking' y GLUTAMINE       ? 'C5 H10 N2 O3'   146.144 
GLU 'L-peptide linking' y 'GLUTAMIC ACID' ? 'C5 H9 N O4'     147.129 
GLY 'peptide linking'   y GLYCINE         ? 'C2 H5 N O2'     75.067  
HIS 'L-peptide linking' y HISTIDINE       ? 'C6 H10 N3 O2 1' 156.162 
HOH non-polymer         . WATER           ? 'H2 O'           18.015  
ILE 'L-peptide linking' y ISOLEUCINE      ? 'C6 H13 N O2'    131.173 
LEU 'L-peptide linking' y LEUCINE         ? 'C6 H13 N O2'    131.173 
LYS 'L-peptide linking' y LYSINE          ? 'C6 H15 N2 O2 1' 147.195 
MET 'L-peptide linking' y METHIONINE      ? 'C5 H11 N O2 S'  149.211 
PHE 'L-peptide linking' y PHENYLALANINE   ? 'C9 H11 N O2'    165.189 
PRO 'L-peptide linking' y PROLINE         ? 'C5 H9 N O2'     115.130 
SER 'L-peptide linking' y SERINE          ? 'C3 H7 N O3'     105.093 
THR 'L-peptide linking' y THREONINE       ? 'C4 H9 N O3'     119.119 
TYR 'L-peptide linking' y TYROSINE        ? 'C9 H11 N O3'    181.189 
VAL 'L-peptide linking' y VALINE          ? 'C5 H11 N O2'    117.146 
# 
loop_
_pdbx_poly_seq_scheme.asym_id 
_pdbx_poly_seq_scheme.entity_id 
_pdbx_poly_seq_scheme.seq_id 
_pdbx_poly_seq_scheme.mon_id 
_pdbx_poly_seq_scheme.ndb_seq_num 
_pdbx_poly_seq_scheme.pdb_seq_num 
_pdbx_poly_seq_scheme.auth_seq_num 
_pdbx_poly_seq_scheme.pdb_mon_id 
_pdbx_poly_seq_scheme.auth_mon_id 
_pdbx_poly_seq_scheme.pdb_strand_id 
_pdbx_poly_seq_scheme.pdb_ins_code 
_pdbx_poly_seq_scheme.hetero 
A 1 1   GLY 1   433 ?   ?   ?   A . n 
A 1 2   PRO 2   434 ?   ?   ?   A . n 
A 1 3   LYS 3   435 435 LYS LYS A A n 
A 1 4   LEU 4   435 435 LEU LEU A . n 
A 1 5   ALA 5   436 436 ALA ALA A . n 
A 1 6   ALA 6   437 437 ALA ALA A . n 
A 1 7   LEU 7   438 438 LEU LEU A . n 
A 1 8   ASP 8   439 439 ASP ASP A . n 
A 1 9   PRO 9   440 440 PRO PRO A . n 
A 1 10  ILE 10  441 441 ILE ILE A . n 
A 1 11  ALA 11  442 442 ALA ALA A . n 
A 1 12  SER 12  443 443 SER SER A . n 
A 1 13  GLN 13  444 444 GLN GLN A . n 
A 1 14  PHE 14  445 445 PHE PHE A . n 
A 1 15  SER 15  446 446 SER SER A . n 
A 1 16  GLN 16  447 447 GLN GLN A . n 
A 1 17  LEU 17  448 448 LEU LEU A . n 
A 1 18  ARG 18  449 449 ARG ARG A . n 
A 1 19  THR 19  450 450 THR THR A . n 
A 1 20  ILE 20  451 451 ILE ILE A . n 
A 1 21  SER 21  452 452 SER SER A . n 
A 1 22  LYS 22  453 453 LYS LYS A . n 
A 1 23  ALA 23  454 454 ALA ALA A . n 
A 1 24  ASP 24  455 ?   ?   ?   A . n 
A 1 25  ALA 25  456 ?   ?   ?   A . n 
A 1 26  GLU 26  457 ?   ?   ?   A . n 
A 1 27  SER 27  458 ?   ?   ?   A . n 
A 1 28  GLU 28  459 ?   ?   ?   A . n 
A 1 29  GLU 29  460 ?   ?   ?   A . n 
A 1 30  LEU 30  461 461 LEU LEU A . n 
A 1 31  GLY 31  462 462 GLY GLY A . n 
A 1 32  PHE 32  463 463 PHE PHE A . n 
A 1 33  LYS 33  464 464 LYS LYS A . n 
A 1 34  ASP 34  465 465 ASP ASP A . n 
A 1 35  ALA 35  466 466 ALA ALA A . n 
A 1 36  ALA 36  467 467 ALA ALA A . n 
A 1 37  ASP 37  468 ?   ?   ?   A . n 
A 1 38  HIS 38  469 ?   ?   ?   A . n 
A 1 39  HIS 39  470 ?   ?   ?   A . n 
A 1 40  THR 40  471 ?   ?   ?   A . n 
A 1 41  ASP 41  472 472 ASP ASP A . n 
A 1 42  ASP 42  473 473 ASP ASP A . n 
A 1 43  VAL 43  474 474 VAL VAL A . n 
A 1 44  THR 44  475 475 THR THR A . n 
A 1 45  HIS 45  476 476 HIS HIS A . n 
A 1 46  CYS 46  477 477 CYS CYS A . n 
A 1 47  LEU 47  478 478 LEU LEU A . n 
A 1 48  PHE 48  479 479 PHE PHE A . n 
A 1 49  GLY 49  480 480 GLY GLY A . n 
A 1 50  GLY 50  481 481 GLY GLY A . n 
A 1 51  GLU 51  482 482 GLU GLU A . n 
A 1 52  LEU 52  483 483 LEU LEU A . n 
A 1 53  SER 53  484 484 SER SER A . n 
A 1 54  LEU 54  485 485 LEU LEU A . n 
A 1 55  SER 55  486 486 SER SER A . n 
A 1 56  ASN 56  487 487 ASN ASN A . n 
A 1 57  PRO 57  488 488 PRO PRO A . n 
A 1 58  ASP 58  489 489 ASP ASP A . n 
A 1 59  GLN 59  490 490 GLN GLN A . n 
A 1 60  GLN 60  491 491 GLN GLN A . n 
A 1 61  VAL 61  492 492 VAL VAL A . n 
A 1 62  ILE 62  493 493 ILE ILE A . n 
A 1 63  GLY 63  494 494 GLY GLY A . n 
A 1 64  LEU 64  495 495 LEU LEU A . n 
A 1 65  ALA 65  496 496 ALA ALA A . n 
A 1 66  GLY 66  497 497 GLY GLY A . n 
A 1 67  ASN 67  498 498 ASN ASN A . n 
A 1 68  PRO 68  499 499 PRO PRO A . n 
A 1 69  THR 69  500 500 THR THR A . n 
A 1 70  ASP 70  501 501 ASP ASP A . n 
A 1 71  THR 71  502 502 THR THR A . n 
A 1 72  SER 72  503 503 SER SER A . n 
A 1 73  GLN 73  504 504 GLN GLN A . n 
A 1 74  PRO 74  505 505 PRO PRO A . n 
A 1 75  TYR 75  506 506 TYR TYR A . n 
A 1 76  SER 76  507 507 SER SER A . n 
A 1 77  GLN 77  508 ?   ?   ?   A . n 
A 1 78  GLU 78  509 ?   ?   ?   A . n 
A 1 79  GLY 79  510 ?   ?   ?   A . n 
A 1 80  ASN 80  511 ?   ?   ?   A . n 
A 1 81  LYS 81  512 ?   ?   ?   A . n 
A 1 82  ASP 82  513 513 ASP ASP A . n 
A 1 83  LEU 83  514 514 LEU LEU A . n 
A 1 84  ALA 84  515 515 ALA ALA A . n 
A 1 85  PHE 85  516 516 PHE PHE A . n 
A 1 86  MET 86  517 517 MET MET A . n 
A 1 87  ASP 87  518 518 ASP ASP A . n 
A 1 88  MET 88  519 519 MET MET A . n 
A 1 89  LYS 89  520 520 LYS LYS A . n 
A 1 90  LYS 90  521 521 LYS LYS A . n 
A 1 91  LEU 91  522 522 LEU LEU A . n 
A 1 92  ALA 92  523 523 ALA ALA A . n 
A 1 93  GLN 93  524 524 GLN GLN A . n 
A 1 94  PHE 94  525 525 PHE PHE A . n 
A 1 95  LEU 95  526 526 LEU LEU A . n 
A 1 96  ALA 96  527 527 ALA ALA A . n 
A 1 97  GLY 97  528 528 GLY GLY A . n 
A 1 98  LYS 98  529 529 LYS LYS A . n 
A 1 99  PRO 99  530 530 PRO PRO A . n 
A 1 100 GLU 100 531 531 GLU GLU A . n 
A 1 101 HIS 101 532 532 HIS HIS A . n 
A 1 102 PRO 102 533 533 PRO PRO A . n 
A 1 103 MET 103 534 534 MET MET A . n 
A 1 104 THR 104 535 535 THR THR A . n 
A 1 105 ARG 105 536 536 ARG ARG A . n 
A 1 106 GLU 106 537 537 GLU GLU A . n 
A 1 107 THR 107 538 538 THR THR A . n 
A 1 108 LEU 108 539 539 LEU LEU A . n 
A 1 109 ASN 109 540 540 ASN ASN A . n 
A 1 110 ALA 110 541 541 ALA ALA A . n 
A 1 111 GLU 111 542 542 GLU GLU A . n 
A 1 112 ASN 112 543 543 ASN ASN A . n 
A 1 113 ILE 113 544 544 ILE ILE A . n 
A 1 114 ALA 114 545 545 ALA ALA A . n 
A 1 115 LYS 115 546 546 LYS LYS A . n 
A 1 116 TYR 116 547 547 TYR TYR A . n 
A 1 117 ALA 117 548 548 ALA ALA A . n 
A 1 118 PHE 118 549 549 PHE PHE A . n 
A 1 119 ARG 119 550 550 ARG ARG A . n 
A 1 120 ILE 120 551 551 ILE ILE A . n 
A 1 121 VAL 121 552 552 VAL VAL A . n 
A 1 122 PRO 122 553 553 PRO PRO A . n 
# 
loop_
_pdbx_nonpoly_scheme.asym_id 
_pdbx_nonpoly_scheme.entity_id 
_pdbx_nonpoly_scheme.mon_id 
_pdbx_nonpoly_scheme.ndb_seq_num 
_pdbx_nonpoly_scheme.pdb_seq_num 
_pdbx_nonpoly_scheme.auth_seq_num 
_pdbx_nonpoly_scheme.pdb_mon_id 
_pdbx_nonpoly_scheme.auth_mon_id 
_pdbx_nonpoly_scheme.pdb_strand_id 
_pdbx_nonpoly_scheme.pdb_ins_code 
B 2 HOH 1  1  1  HOH HOH A . 
B 2 HOH 2  2  2  HOH HOH A . 
B 2 HOH 3  3  3  HOH HOH A . 
B 2 HOH 4  4  4  HOH HOH A . 
B 2 HOH 5  5  5  HOH HOH A . 
B 2 HOH 6  6  6  HOH HOH A . 
B 2 HOH 7  7  7  HOH HOH A . 
B 2 HOH 8  8  8  HOH HOH A . 
B 2 HOH 9  9  9  HOH HOH A . 
B 2 HOH 10 10 10 HOH HOH A . 
B 2 HOH 11 11 11 HOH HOH A . 
B 2 HOH 12 12 12 HOH HOH A . 
B 2 HOH 13 13 13 HOH HOH A . 
B 2 HOH 14 14 14 HOH HOH A . 
B 2 HOH 15 15 15 HOH HOH A . 
B 2 HOH 16 16 16 HOH HOH A . 
B 2 HOH 17 17 17 HOH HOH A . 
B 2 HOH 18 18 18 HOH HOH A . 
B 2 HOH 19 19 19 HOH HOH A . 
B 2 HOH 20 20 20 HOH HOH A . 
B 2 HOH 21 21 21 HOH HOH A . 
B 2 HOH 22 22 22 HOH HOH A . 
B 2 HOH 23 23 23 HOH HOH A . 
B 2 HOH 24 24 24 HOH HOH A . 
B 2 HOH 25 25 25 HOH HOH A . 
B 2 HOH 26 26 26 HOH HOH A . 
B 2 HOH 27 27 27 HOH HOH A . 
B 2 HOH 28 28 28 HOH HOH A . 
B 2 HOH 29 29 29 HOH HOH A . 
B 2 HOH 30 30 30 HOH HOH A . 
B 2 HOH 31 31 31 HOH HOH A . 
B 2 HOH 32 32 32 HOH HOH A . 
B 2 HOH 33 33 33 HOH HOH A . 
B 2 HOH 34 34 34 HOH HOH A . 
B 2 HOH 35 35 35 HOH HOH A . 
B 2 HOH 36 36 36 HOH HOH A . 
B 2 HOH 37 37 37 HOH HOH A . 
B 2 HOH 38 38 38 HOH HOH A . 
B 2 HOH 39 39 39 HOH HOH A . 
B 2 HOH 40 40 40 HOH HOH A . 
B 2 HOH 41 41 41 HOH HOH A . 
B 2 HOH 42 42 42 HOH HOH A . 
B 2 HOH 43 43 43 HOH HOH A . 
B 2 HOH 44 44 44 HOH HOH A . 
B 2 HOH 45 45 45 HOH HOH A . 
B 2 HOH 46 46 46 HOH HOH A . 
B 2 HOH 47 47 47 HOH HOH A . 
B 2 HOH 48 48 48 HOH HOH A . 
B 2 HOH 49 49 49 HOH HOH A . 
B 2 HOH 50 50 50 HOH HOH A . 
B 2 HOH 51 51 51 HOH HOH A . 
# 
loop_
_software.name 
_software.version 
_software.date 
_software.type 
_software.contact_author 
_software.contact_author_email 
_software.classification 
_software.location 
_software.language 
_software.citation_id 
_software.pdbx_ordinal 
DENZO       .     ?               package 'Zbyszek Otwinowski' zbyszek@mix.swmed.edu    'data reduction'  
http://www.lnls.br/infra/linhasluz/denzo-hkl.htm ?       ? 1 
SCALEPACK   .     ?               package 'Zbyszek Otwinowski' zbyszek@mix.swmed.edu    'data scaling'    
http://www.lnls.br/infra/linhasluz/denzo-hkl.htm ?       ? 2 
SOLVE       2.08  14-Sept-2004    program 'Tom Terwilliger'    terwilliger@LANL.gov     phasing           
http://www.solve.lanl.gov/                       ?       ? 3 
RESOLVE     2.08  14-Sept-2004    program 'Terwilliger, T. C'  terwilliger@LANL.gov     phasing           
http://www.solve.lanl.gov/                       ?       ? 4 
REFMAC      .     ?               program 'Murshudov, G.N.'    ccp4@dl.ac.uk            refinement        
http://www.ccp4.ac.uk/main.html                  Fortran ? 5 
PDB_EXTRACT 1.701 'OCT. 28, 2005' package PDB                  sw-help@rcsb.rutgers.edu 'data extraction' 
http://pdb.rutgers.edu/software/                 C++     ? 6 
# 
_cell.length_a           61.863 
_cell.length_b           61.863 
_cell.length_c           60.419 
_cell.angle_alpha        90.00 
_cell.angle_beta         90.00 
_cell.angle_gamma        120.00 
_cell.entry_id           2FD4 
_cell.pdbx_unique_axis   ? 
_cell.Z_PDB              6 
_cell.length_a_esd       ? 
_cell.length_b_esd       ? 
_cell.length_c_esd       ? 
_cell.angle_alpha_esd    ? 
_cell.angle_beta_esd     ? 
_cell.angle_gamma_esd    ? 
# 
_symmetry.space_group_name_H-M             'P 32 2 1' 
_symmetry.entry_id                         2FD4 
_symmetry.pdbx_full_space_group_name_H-M   ? 
_symmetry.Int_Tables_number                154 
_symmetry.cell_setting                     ? 
_symmetry.space_group_name_Hall            ? 
# 
_exptl.entry_id          2FD4 
_exptl.method            'X-RAY DIFFRACTION' 
_exptl.crystals_number   1 
# 
_exptl_crystal.id                    1 
_exptl_crystal.density_meas          ? 
_exptl_crystal.density_Matthews      2.51 
_exptl_crystal.density_percent_sol   51.00 
_exptl_crystal.description           ? 
_exptl_crystal.F_000                 ? 
_exptl_crystal.preparation           ? 
# 
_exptl_crystal_grow.crystal_id      1 
_exptl_crystal_grow.method          'VAPOR DIFFUSION, HANGING DROP' 
_exptl_crystal_grow.temp            298 
_exptl_crystal_grow.temp_details    ? 
_exptl_crystal_grow.pH              6.8 
_exptl_crystal_grow.pdbx_details    
'1.37 M-1.39 M sodium citrate, 100 mM HEPES, 2 mM DTT, pH 6.8, VAPOR DIFFUSION, HANGING DROP, temperature 298K' 
_exptl_crystal_grow.pdbx_pH_range   . 
# 
_diffrn.id                     1 
_diffrn.ambient_temp           103 
_diffrn.ambient_temp_details   ? 
_diffrn.crystal_id             1 
# 
_diffrn_detector.diffrn_id              1 
_diffrn_detector.detector               CCD 
_diffrn_detector.type                   MARRESEARCH 
_diffrn_detector.pdbx_collection_date   2004-10-20 
_diffrn_detector.details                ? 
# 
_diffrn_radiation.diffrn_id                        1 
_diffrn_radiation.wavelength_id                    1 
_diffrn_radiation.pdbx_monochromatic_or_laue_m_l   M 
_diffrn_radiation.monochromator                    
'Double crystal monochromator. Si(111) or Si(220) options. Sagitall focusing. Cylindrically bent ULE mirror with Pt and Rh coating.' 
_diffrn_radiation.pdbx_diffrn_protocol             'SINGLE WAVELENGTH' 
_diffrn_radiation.pdbx_scattering_type             x-ray 
# 
_diffrn_radiation_wavelength.id           1 
_diffrn_radiation_wavelength.wavelength   0.979 
_diffrn_radiation_wavelength.wt           1.0 
# 
_diffrn_source.diffrn_id                   1 
_diffrn_source.source                      SYNCHROTRON 
_diffrn_source.type                        'NSLS BEAMLINE X9A' 
_diffrn_source.pdbx_synchrotron_site       NSLS 
_diffrn_source.pdbx_synchrotron_beamline   X9A 
_diffrn_source.pdbx_wavelength             ? 
_diffrn_source.pdbx_wavelength_list        0.979 
# 
_reflns.entry_id                     2FD4 
_reflns.observed_criterion_sigma_I   ? 
_reflns.observed_criterion_sigma_F   ? 
_reflns.d_resolution_low             50 
_reflns.d_resolution_high            1.70 
_reflns.number_obs                   15065 
_reflns.number_all                   ? 
_reflns.percent_possible_obs         99.900 
_reflns.pdbx_Rmerge_I_obs            0.03 
_reflns.pdbx_Rsym_value              ? 
_reflns.pdbx_netI_over_sigmaI        ? 
_reflns.B_iso_Wilson_estimate        ? 
_reflns.pdbx_redundancy              5.600 
_reflns.R_free_details               ? 
_reflns.limit_h_max                  ? 
_reflns.limit_h_min                  ? 
_reflns.limit_k_max                  ? 
_reflns.limit_k_min                  ? 
_reflns.limit_l_max                  ? 
_reflns.limit_l_min                  ? 
_reflns.observed_criterion_F_max     ? 
_reflns.observed_criterion_F_min     ? 
_reflns.pdbx_chi_squared             ? 
_reflns.pdbx_scaling_rejects         ? 
_reflns.pdbx_ordinal                 1 
_reflns.pdbx_diffrn_id               1 
# 
loop_
_reflns_shell.d_res_high 
_reflns_shell.d_res_low 
_reflns_shell.percent_possible_all 
_reflns_shell.Rmerge_I_obs 
_reflns_shell.pdbx_Rsym_value 
_reflns_shell.meanI_over_sigI_obs 
_reflns_shell.pdbx_redundancy 
_reflns_shell.percent_possible_obs 
_reflns_shell.number_unique_all 
_reflns_shell.number_measured_all 
_reflns_shell.number_measured_obs 
_reflns_shell.number_unique_obs 
_reflns_shell.pdbx_chi_squared 
_reflns_shell.pdbx_ordinal 
_reflns_shell.pdbx_diffrn_id 
1.70 1.76  99.900  0.674 ? ? 5.100 ? ? ? ? ? ? 1  1 
1.76 1.83  100.000 0.475 ? ? 5.100 ? ? ? ? ? ? 2  1 
1.83 1.91  99.900  0.272 ? ? 5.100 ? ? ? ? ? ? 3  1 
1.91 2.02  100.000 0.149 ? ? 5.100 ? ? ? ? ? ? 4  1 
2.02 2.14  100.000 0.092 ? ? 5.100 ? ? ? ? ? ? 5  1 
2.14 2.31  99.900  0.061 ? ? 5.100 ? ? ? ? ? ? 6  1 
2.31 2.54  99.800  0.053 ? ? 6.000 ? ? ? ? ? ? 7  1 
2.54 2.91  100.000 0.055 ? ? 9.200 ? ? ? ? ? ? 8  1 
2.91 3.66  100.000 0.03  ? ? 5.400 ? ? ? ? ? ? 9  1 
3.66 99.00 99.300  0.022 ? ? 5.100 ? ? ? ? ? ? 10 1 
# 
_refine.entry_id                                 2FD4 
_refine.ls_number_reflns_obs                     12049 
_refine.ls_number_reflns_all                     12686 
_refine.pdbx_ls_sigma_I                          ? 
_refine.pdbx_ls_sigma_F                          ? 
_refine.pdbx_data_cutoff_high_absF               ? 
_refine.pdbx_data_cutoff_low_absF                ? 
_refine.pdbx_data_cutoff_high_rms_absF           ? 
_refine.ls_d_res_low                             50.00 
_refine.ls_d_res_high                            1.80 
_refine.ls_percent_reflns_obs                    99.42 
_refine.ls_R_factor_obs                          0.24344 
_refine.ls_R_factor_all                          ? 
_refine.ls_R_factor_R_work                       0.24215 
_refine.ls_R_factor_R_free                       0.26669 
_refine.ls_R_factor_R_free_error                 ? 
_refine.ls_R_factor_R_free_error_details         ? 
_refine.ls_percent_reflns_R_free                 5.0 
_refine.ls_number_reflns_R_free                  637 
_refine.ls_number_parameters                     ? 
_refine.ls_number_restraints                     ? 
_refine.occupancy_min                            ? 
_refine.occupancy_max                            ? 
_refine.correlation_coeff_Fo_to_Fc               0.947 
_refine.correlation_coeff_Fo_to_Fc_free          0.941 
_refine.B_iso_mean                               44.173 
_refine.aniso_B[1][1]                            1.92 
_refine.aniso_B[2][2]                            1.92 
_refine.aniso_B[3][3]                            -2.88 
_refine.aniso_B[1][2]                            0.96 
_refine.aniso_B[1][3]                            0.00 
_refine.aniso_B[2][3]                            0.00 
_refine.solvent_model_details                    'BABINET MODEL WITH MASK' 
_refine.solvent_model_param_ksol                 ? 
_refine.solvent_model_param_bsol                 ? 
_refine.pdbx_solvent_vdw_probe_radii             1.20 
_refine.pdbx_solvent_ion_probe_radii             0.80 
_refine.pdbx_solvent_shrinkage_radii             0.80 
_refine.pdbx_ls_cross_valid_method               THROUGHOUT 
_refine.details                                  'HYDROGENS HAVE BEEN ADDED IN THE RIDING POSITIONS' 
_refine.pdbx_starting_model                      ? 
_refine.pdbx_method_to_determine_struct          SAD 
_refine.pdbx_isotropic_thermal_model             ? 
_refine.pdbx_stereochemistry_target_values       'MAXIMUM LIKELIHOOD' 
_refine.pdbx_stereochem_target_val_spec_case     ? 
_refine.pdbx_R_Free_selection_details            RANDOM 
_refine.pdbx_overall_ESU_R                       0.140 
_refine.pdbx_overall_ESU_R_Free                  0.130 
_refine.overall_SU_ML                            0.122 
_refine.overall_SU_B                             7.825 
_refine.ls_redundancy_reflns_obs                 ? 
_refine.B_iso_min                                ? 
_refine.B_iso_max                                ? 
_refine.overall_SU_R_Cruickshank_DPI             ? 
_refine.overall_SU_R_free                        ? 
_refine.ls_wR_factor_R_free                      ? 
_refine.ls_wR_factor_R_work                      ? 
_refine.overall_FOM_free_R_set                   ? 
_refine.overall_FOM_work_R_set                   ? 
_refine.pdbx_refine_id                           'X-RAY DIFFRACTION' 
_refine.pdbx_TLS_residual_ADP_flag               'LIKELY RESIDUAL' 
_refine.pdbx_diffrn_id                           1 
_refine.pdbx_overall_phase_error                 ? 
_refine.pdbx_overall_SU_R_free_Cruickshank_DPI   ? 
_refine.pdbx_overall_SU_R_Blow_DPI               ? 
_refine.pdbx_overall_SU_R_free_Blow_DPI          ? 
# 
_refine_hist.pdbx_refine_id                   'X-RAY DIFFRACTION' 
_refine_hist.cycle_id                         LAST 
_refine_hist.pdbx_number_atoms_protein        801 
_refine_hist.pdbx_number_atoms_nucleic_acid   0 
_refine_hist.pdbx_number_atoms_ligand         0 
_refine_hist.number_atoms_solvent             51 
_refine_hist.number_atoms_total               852 
_refine_hist.d_res_high                       1.80 
_refine_hist.d_res_low                        50.00 
# 
loop_
_refine_ls_restr.type 
_refine_ls_restr.dev_ideal 
_refine_ls_restr.dev_ideal_target 
_refine_ls_restr.weight 
_refine_ls_restr.number 
_refine_ls_restr.pdbx_refine_id 
_refine_ls_restr.pdbx_restraint_function 
r_bond_refined_d             0.019  0.022  ? 814  'X-RAY DIFFRACTION' ? 
r_bond_other_d               0.003  0.020  ? 742  'X-RAY DIFFRACTION' ? 
r_angle_refined_deg          1.794  1.982  ? 1097 'X-RAY DIFFRACTION' ? 
r_angle_other_deg            0.894  3.000  ? 1737 'X-RAY DIFFRACTION' ? 
r_dihedral_angle_1_deg       8.912  5.000  ? 101  'X-RAY DIFFRACTION' ? 
r_dihedral_angle_2_deg       41.213 25.429 ? 35   'X-RAY DIFFRACTION' ? 
r_dihedral_angle_3_deg       14.338 15.000 ? 139  'X-RAY DIFFRACTION' ? 
r_dihedral_angle_4_deg       6.097  15.000 ? 3    'X-RAY DIFFRACTION' ? 
r_chiral_restr               0.122  0.200  ? 125  'X-RAY DIFFRACTION' ? 
r_gen_planes_refined         0.008  0.020  ? 887  'X-RAY DIFFRACTION' ? 
r_gen_planes_other           0.001  0.020  ? 148  'X-RAY DIFFRACTION' ? 
r_nbd_refined                0.239  0.200  ? 159  'X-RAY DIFFRACTION' ? 
r_nbd_other                  0.196  0.200  ? 736  'X-RAY DIFFRACTION' ? 
r_nbtor_refined              0.184  0.200  ? 380  'X-RAY DIFFRACTION' ? 
r_nbtor_other                0.094  0.200  ? 507  'X-RAY DIFFRACTION' ? 
r_xyhbond_nbd_refined        0.178  0.200  ? 42   'X-RAY DIFFRACTION' ? 
r_xyhbond_nbd_other          ?      ?      ? ?    'X-RAY DIFFRACTION' ? 
r_metal_ion_refined          ?      ?      ? ?    'X-RAY DIFFRACTION' ? 
r_metal_ion_other            ?      ?      ? ?    'X-RAY DIFFRACTION' ? 
r_symmetry_vdw_refined       0.092  0.200  ? 8    'X-RAY DIFFRACTION' ? 
r_symmetry_vdw_other         0.203  0.200  ? 31   'X-RAY DIFFRACTION' ? 
r_symmetry_hbond_refined     0.170  0.200  ? 7    'X-RAY DIFFRACTION' ? 
r_symmetry_hbond_other       ?      ?      ? ?    'X-RAY DIFFRACTION' ? 
r_symmetry_metal_ion_refined ?      ?      ? ?    'X-RAY DIFFRACTION' ? 
r_symmetry_metal_ion_other   ?      ?      ? ?    'X-RAY DIFFRACTION' ? 
r_mcbond_it                  1.147  1.500  ? 656  'X-RAY DIFFRACTION' ? 
r_mcbond_other               0.293  1.500  ? 211  'X-RAY DIFFRACTION' ? 
r_mcangle_it                 1.370  2.000  ? 832  'X-RAY DIFFRACTION' ? 
r_scbond_it                  2.450  3.000  ? 327  'X-RAY DIFFRACTION' ? 
r_scangle_it                 3.525  4.500  ? 265  'X-RAY DIFFRACTION' ? 
r_rigid_bond_restr           ?      ?      ? ?    'X-RAY DIFFRACTION' ? 
r_sphericity_free            ?      ?      ? ?    'X-RAY DIFFRACTION' ? 
r_sphericity_bonded          ?      ?      ? ?    'X-RAY DIFFRACTION' ? 
# 
_refine_ls_shell.pdbx_total_number_of_bins_used   20 
_refine_ls_shell.d_res_high                       1.800 
_refine_ls_shell.d_res_low                        1.847 
_refine_ls_shell.number_reflns_R_work             880 
_refine_ls_shell.R_factor_R_work                  0.314 
_refine_ls_shell.percent_reflns_obs               100.00 
_refine_ls_shell.R_factor_R_free                  0.224 
_refine_ls_shell.R_factor_R_free_error            ? 
_refine_ls_shell.percent_reflns_R_free            ? 
_refine_ls_shell.number_reflns_R_free             42 
_refine_ls_shell.number_reflns_all                ? 
_refine_ls_shell.R_factor_all                     ? 
_refine_ls_shell.redundancy_reflns_obs            ? 
_refine_ls_shell.number_reflns_obs                ? 
_refine_ls_shell.pdbx_refine_id                   'X-RAY DIFFRACTION' 
# 
_struct.entry_id                  2FD4 
_struct.title                     'Crystal Structure of AvrPtoB (436-553)' 
_struct.pdbx_model_details        ? 
_struct.pdbx_CASP_flag            ? 
_struct.pdbx_model_type_details   ? 
# 
_struct_keywords.entry_id        2FD4 
_struct_keywords.pdbx_keywords   LIGASE 
_struct_keywords.text            'Pseudomonas, AvrPtoB, RING finger, U-box, ubiquitin ligase, LIGASE' 
# 
loop_
_struct_asym.id 
_struct_asym.pdbx_blank_PDB_chainid_flag 
_struct_asym.pdbx_modified 
_struct_asym.entity_id 
_struct_asym.details 
A N N 1 ? 
B N N 2 ? 
# 
_struct_ref.id                         1 
_struct_ref.db_name                    UNP 
_struct_ref.db_code                    Q8RSY1_PSESM 
_struct_ref.pdbx_db_accession          Q8RSY1 
_struct_ref.entity_id                  1 
_struct_ref.pdbx_seq_one_letter_code   
;AALDPIASQFSQLRTISKADAESEELGFKDAADHHTDDVTHCLFGGELSLSNPDQQVIGLAGNPTDTSQPYSQEGNKDLA
FMDMKKLAQFLAGKPEHPMTRETLNAENIAKYAFRIVP
;
_struct_ref.pdbx_align_begin           436 
_struct_ref.pdbx_db_isoform            ? 
# 
_struct_ref_seq.align_id                      1 
_struct_ref_seq.ref_id                        1 
_struct_ref_seq.pdbx_PDB_id_code              2FD4 
_struct_ref_seq.pdbx_strand_id                A 
_struct_ref_seq.seq_align_beg                 5 
_struct_ref_seq.pdbx_seq_align_beg_ins_code   ? 
_struct_ref_seq.seq_align_end                 122 
_struct_ref_seq.pdbx_seq_align_end_ins_code   ? 
_struct_ref_seq.pdbx_db_accession             Q8RSY1 
_struct_ref_seq.db_align_beg                  436 
_struct_ref_seq.pdbx_db_align_beg_ins_code    ? 
_struct_ref_seq.db_align_end                  553 
_struct_ref_seq.pdbx_db_align_end_ins_code    ? 
_struct_ref_seq.pdbx_auth_seq_align_beg       436 
_struct_ref_seq.pdbx_auth_seq_align_end       553 
# 
loop_
_struct_ref_seq_dif.align_id 
_struct_ref_seq_dif.pdbx_pdb_id_code 
_struct_ref_seq_dif.mon_id 
_struct_ref_seq_dif.pdbx_pdb_strand_id 
_struct_ref_seq_dif.seq_num 
_struct_ref_seq_dif.pdbx_pdb_ins_code 
_struct_ref_seq_dif.pdbx_seq_db_name 
_struct_ref_seq_dif.pdbx_seq_db_accession_code 
_struct_ref_seq_dif.db_mon_id 
_struct_ref_seq_dif.pdbx_seq_db_seq_num 
_struct_ref_seq_dif.details 
_struct_ref_seq_dif.pdbx_auth_seq_num 
_struct_ref_seq_dif.pdbx_ordinal 
1 2FD4 GLY A 1 ? UNP Q8RSY1 ? ? 'cloning artifact' 433 1 
1 2FD4 PRO A 2 ? UNP Q8RSY1 ? ? 'cloning artifact' 434 2 
1 2FD4 LYS A 3 A UNP Q8RSY1 ? ? 'cloning artifact' 435 3 
1 2FD4 LEU A 4 ? UNP Q8RSY1 ? ? 'cloning artifact' 435 4 
# 
_pdbx_struct_assembly.id                   1 
_pdbx_struct_assembly.details              author_defined_assembly 
_pdbx_struct_assembly.method_details       ? 
_pdbx_struct_assembly.oligomeric_details   monomeric 
_pdbx_struct_assembly.oligomeric_count     1 
# 
_pdbx_struct_assembly_gen.assembly_id       1 
_pdbx_struct_assembly_gen.oper_expression   1 
_pdbx_struct_assembly_gen.asym_id_list      A,B 
# 
_pdbx_struct_oper_list.id                   1 
_pdbx_struct_oper_list.type                 'identity operation' 
_pdbx_struct_oper_list.name                 1_555 
_pdbx_struct_oper_list.symmetry_operation   x,y,z 
_pdbx_struct_oper_list.matrix[1][1]         1.0000000000 
_pdbx_struct_oper_list.matrix[1][2]         0.0000000000 
_pdbx_struct_oper_list.matrix[1][3]         0.0000000000 
_pdbx_struct_oper_list.vector[1]            0.0000000000 
_pdbx_struct_oper_list.matrix[2][1]         0.0000000000 
_pdbx_struct_oper_list.matrix[2][2]         1.0000000000 
_pdbx_struct_oper_list.matrix[2][3]         0.0000000000 
_pdbx_struct_oper_list.vector[2]            0.0000000000 
_pdbx_struct_oper_list.matrix[3][1]         0.0000000000 
_pdbx_struct_oper_list.matrix[3][2]         0.0000000000 
_pdbx_struct_oper_list.matrix[3][3]         1.0000000000 
_pdbx_struct_oper_list.vector[3]            0.0000000000 
# 
_struct_biol.id   1 
# 
loop_
_struct_conf.conf_type_id 
_struct_conf.id 
_struct_conf.pdbx_PDB_helix_id 
_struct_conf.beg_label_comp_id 
_struct_conf.beg_label_asym_id 
_struct_conf.beg_label_seq_id 
_struct_conf.pdbx_beg_PDB_ins_code 
_struct_conf.end_label_comp_id 
_struct_conf.end_label_asym_id 
_struct_conf.end_label_seq_id 
_struct_conf.pdbx_end_PDB_ins_code 
_struct_conf.beg_auth_comp_id 
_struct_conf.beg_auth_asym_id 
_struct_conf.beg_auth_seq_id 
_struct_conf.end_auth_comp_id 
_struct_conf.end_auth_asym_id 
_struct_conf.end_auth_seq_id 
_struct_conf.pdbx_PDB_helix_class 
_struct_conf.details 
_struct_conf.pdbx_PDB_helix_length 
HELX_P HELX_P1 1 ILE A 10  ? LEU A 17  ? ILE A 441 LEU A 448 5 ? 8  
HELX_P HELX_P2 2 MET A 88  ? LYS A 98  ? MET A 519 LYS A 529 1 ? 11 
HELX_P HELX_P3 3 ASN A 112 ? TYR A 116 ? ASN A 543 TYR A 547 1 ? 5  
# 
_struct_conf_type.id          HELX_P 
_struct_conf_type.criteria    ? 
_struct_conf_type.reference   ? 
# 
_struct_sheet.id               A 
_struct_sheet.type             ? 
_struct_sheet.number_strands   4 
_struct_sheet.details          ? 
# 
loop_
_struct_sheet_order.sheet_id 
_struct_sheet_order.range_id_1 
_struct_sheet_order.range_id_2 
_struct_sheet_order.offset 
_struct_sheet_order.sense 
A 1 2 ? parallel      
A 2 3 ? anti-parallel 
A 3 4 ? anti-parallel 
# 
loop_
_struct_sheet_range.sheet_id 
_struct_sheet_range.id 
_struct_sheet_range.beg_label_comp_id 
_struct_sheet_range.beg_label_asym_id 
_struct_sheet_range.beg_label_seq_id 
_struct_sheet_range.pdbx_beg_PDB_ins_code 
_struct_sheet_range.end_label_comp_id 
_struct_sheet_range.end_label_asym_id 
_struct_sheet_range.end_label_seq_id 
_struct_sheet_range.pdbx_end_PDB_ins_code 
_struct_sheet_range.beg_auth_comp_id 
_struct_sheet_range.beg_auth_asym_id 
_struct_sheet_range.beg_auth_seq_id 
_struct_sheet_range.end_auth_comp_id 
_struct_sheet_range.end_auth_asym_id 
_struct_sheet_range.end_auth_seq_id 
A 1 ARG A 18  ? SER A 21  ? ARG A 449 SER A 452 
A 2 ALA A 117 ? VAL A 121 ? ALA A 548 VAL A 552 
A 3 VAL A 61  ? ALA A 65  ? VAL A 492 ALA A 496 
A 4 LEU A 83  ? ASP A 87  ? LEU A 514 ASP A 518 
# 
loop_
_pdbx_struct_sheet_hbond.sheet_id 
_pdbx_struct_sheet_hbond.range_id_1 
_pdbx_struct_sheet_hbond.range_id_2 
_pdbx_struct_sheet_hbond.range_1_label_atom_id 
_pdbx_struct_sheet_hbond.range_1_label_comp_id 
_pdbx_struct_sheet_hbond.range_1_label_asym_id 
_pdbx_struct_sheet_hbond.range_1_label_seq_id 
_pdbx_struct_sheet_hbond.range_1_PDB_ins_code 
_pdbx_struct_sheet_hbond.range_1_auth_atom_id 
_pdbx_struct_sheet_hbond.range_1_auth_comp_id 
_pdbx_struct_sheet_hbond.range_1_auth_asym_id 
_pdbx_struct_sheet_hbond.range_1_auth_seq_id 
_pdbx_struct_sheet_hbond.range_2_label_atom_id 
_pdbx_struct_sheet_hbond.range_2_label_comp_id 
_pdbx_struct_sheet_hbond.range_2_label_asym_id 
_pdbx_struct_sheet_hbond.range_2_label_seq_id 
_pdbx_struct_sheet_hbond.range_2_PDB_ins_code 
_pdbx_struct_sheet_hbond.range_2_auth_atom_id 
_pdbx_struct_sheet_hbond.range_2_auth_comp_id 
_pdbx_struct_sheet_hbond.range_2_auth_asym_id 
_pdbx_struct_sheet_hbond.range_2_auth_seq_id 
A 1 2 N ARG A 18  ? N ARG A 449 O ARG A 119 ? O ARG A 550 
A 2 3 O PHE A 118 ? O PHE A 549 N GLY A 63  ? N GLY A 494 
A 3 4 N LEU A 64  ? N LEU A 495 O ALA A 84  ? O ALA A 515 
# 
_pdbx_validate_rmsd_bond.id                        1 
_pdbx_validate_rmsd_bond.PDB_model_num             1 
_pdbx_validate_rmsd_bond.auth_atom_id_1            C 
_pdbx_validate_rmsd_bond.auth_asym_id_1            A 
_pdbx_validate_rmsd_bond.auth_comp_id_1            ALA 
_pdbx_validate_rmsd_bond.auth_seq_id_1             467 
_pdbx_validate_rmsd_bond.PDB_ins_code_1            ? 
_pdbx_validate_rmsd_bond.label_alt_id_1            ? 
_pdbx_validate_rmsd_bond.auth_atom_id_2            O 
_pdbx_validate_rmsd_bond.auth_asym_id_2            A 
_pdbx_validate_rmsd_bond.auth_comp_id_2            ALA 
_pdbx_validate_rmsd_bond.auth_seq_id_2             467 
_pdbx_validate_rmsd_bond.PDB_ins_code_2            ? 
_pdbx_validate_rmsd_bond.label_alt_id_2            ? 
_pdbx_validate_rmsd_bond.bond_value                1.343 
_pdbx_validate_rmsd_bond.bond_target_value         1.229 
_pdbx_validate_rmsd_bond.bond_deviation            0.114 
_pdbx_validate_rmsd_bond.bond_standard_deviation   0.019 
_pdbx_validate_rmsd_bond.linker_flag               N 
# 
loop_
_pdbx_validate_torsion.id 
_pdbx_validate_torsion.PDB_model_num 
_pdbx_validate_torsion.auth_comp_id 
_pdbx_validate_torsion.auth_asym_id 
_pdbx_validate_torsion.auth_seq_id 
_pdbx_validate_torsion.PDB_ins_code 
_pdbx_validate_torsion.label_alt_id 
_pdbx_validate_torsion.phi 
_pdbx_validate_torsion.psi 
1 1 ASP A 473 ? ? 80.15  1.36  
2 1 THR A 502 ? ? -57.75 94.18 
3 1 SER A 503 ? ? 87.84  60.00 
# 
_pdbx_validate_peptide_omega.id               1 
_pdbx_validate_peptide_omega.PDB_model_num    1 
_pdbx_validate_peptide_omega.auth_comp_id_1   SER 
_pdbx_validate_peptide_omega.auth_asym_id_1   A 
_pdbx_validate_peptide_omega.auth_seq_id_1    503 
_pdbx_validate_peptide_omega.PDB_ins_code_1   ? 
_pdbx_validate_peptide_omega.label_alt_id_1   ? 
_pdbx_validate_peptide_omega.auth_comp_id_2   GLN 
_pdbx_validate_peptide_omega.auth_asym_id_2   A 
_pdbx_validate_peptide_omega.auth_seq_id_2    504 
_pdbx_validate_peptide_omega.PDB_ins_code_2   ? 
_pdbx_validate_peptide_omega.label_alt_id_2   ? 
_pdbx_validate_peptide_omega.omega            122.81 
# 
_diffrn_reflns.diffrn_id                   1 
_diffrn_reflns.pdbx_d_res_low              99.00 
_diffrn_reflns.pdbx_d_res_high             2.20 
_diffrn_reflns.number                      13351 
_diffrn_reflns.pdbx_percent_possible_obs   99.900 
_diffrn_reflns.pdbx_Rmerge_I_obs           0.064 
_diffrn_reflns.pdbx_chi_squared            1.077 
_diffrn_reflns.pdbx_redundancy             11.700 
_diffrn_reflns.pdbx_rejects                ? 
_diffrn_reflns.pdbx_number_obs             ? 
_diffrn_reflns.av_sigmaI_over_netI         ? 
_diffrn_reflns.pdbx_Rsym_value             ? 
_diffrn_reflns.pdbx_observed_criterion     ? 
# 
loop_
_pdbx_diffrn_reflns_shell.diffrn_id 
_pdbx_diffrn_reflns_shell.d_res_low 
_pdbx_diffrn_reflns_shell.d_res_high 
_pdbx_diffrn_reflns_shell.percent_possible_obs 
_pdbx_diffrn_reflns_shell.Rmerge_I_obs 
_pdbx_diffrn_reflns_shell.chi_squared 
_pdbx_diffrn_reflns_shell.redundancy 
_pdbx_diffrn_reflns_shell.rejects 
_pdbx_diffrn_reflns_shell.number_obs 
_pdbx_diffrn_reflns_shell.Rsym_value 
1 99.00 4.74 99.300  0.030 1.452 11.600 ? ? ? 
1 4.74  3.76 100.000 0.032 1.069 11.800 ? ? ? 
1 3.76  3.29 100.000 0.047 1.054 11.800 ? ? ? 
1 3.29  2.99 100.000 0.090 1.016 11.800 ? ? ? 
1 2.99  2.77 100.000 0.121 0.974 11.800 ? ? ? 
1 2.77  2.61 100.000 0.201 0.969 11.700 ? ? ? 
1 2.61  2.48 100.000 0.288 0.979 11.700 ? ? ? 
1 2.48  2.37 100.000 0.392 1.034 11.700 ? ? ? 
1 2.37  2.28 100.000 0.475 1.022 11.700 ? ? ? 
1 2.28  2.20 100.000 0.627 1.204 11.600 ? ? ? 
# 
loop_
_pdbx_refine_tls.id 
_pdbx_refine_tls.details 
_pdbx_refine_tls.method 
_pdbx_refine_tls.origin_x 
_pdbx_refine_tls.origin_y 
_pdbx_refine_tls.origin_z 
_pdbx_refine_tls.T[1][1] 
_pdbx_refine_tls.T[2][2] 
_pdbx_refine_tls.T[3][3] 
_pdbx_refine_tls.T[1][2] 
_pdbx_refine_tls.T[1][3] 
_pdbx_refine_tls.T[2][3] 
_pdbx_refine_tls.L[1][1] 
_pdbx_refine_tls.L[2][2] 
_pdbx_refine_tls.L[3][3] 
_pdbx_refine_tls.L[1][2] 
_pdbx_refine_tls.L[1][3] 
_pdbx_refine_tls.L[2][3] 
_pdbx_refine_tls.S[1][1] 
_pdbx_refine_tls.S[1][2] 
_pdbx_refine_tls.S[1][3] 
_pdbx_refine_tls.S[2][1] 
_pdbx_refine_tls.S[2][2] 
_pdbx_refine_tls.S[2][3] 
_pdbx_refine_tls.S[3][1] 
_pdbx_refine_tls.S[3][2] 
_pdbx_refine_tls.S[3][3] 
_pdbx_refine_tls.pdbx_refine_id 
1 ? refined -8.2824 -0.9061 0.1368   -0.1590 -0.1836 -0.2070 0.0344 -0.0170 -0.0291 10.4065 6.2650  8.0769  5.5124  -1.4401 -3.7834 0.0593  -0.0660 0.4120  -0.2082 -0.2406 0.1830  0.8469 0.0612 0.1813 'X-RAY DIFFRACTION' 
2 ? refined 7.3278  -5.0807 -10.0681 0.0228  0.5209  0.0194  0.2058 0.0814  -0.0543 15.8037 61.9603 18.6143 15.3745 -3.6806 5.9569  -1.5381 1.4756  -1.2737 -1.5794 1.3469  -2.6810 0.6995 1.5671 0.1912 'X-RAY DIFFRACTION' 
3 ? refined 2.7054  -1.2001 -3.2329  -0.0936 -0.0684 -0.2125 0.0933 0.0335  0.0451  7.9629  8.5386  4.8416  2.6505  2.7913  0.3054  0.0976  0.6527  0.0253  -0.7998 -0.2141 -0.1569 0.4272 0.3276 0.1164 'X-RAY DIFFRACTION' 
4 ? refined 0.9064  2.5446  4.3668   -0.1912 -0.2115 -0.1457 0.0167 0.0101  0.0448  7.7546  4.3267  6.8543  1.9758  1.5675  0.0626  0.3060  -0.0586 0.6527  0.1104  -0.5126 -0.0265 0.2424 0.1412 0.2066 'X-RAY DIFFRACTION' 
# 
loop_
_pdbx_refine_tls_group.id 
_pdbx_refine_tls_group.refine_tls_id 
_pdbx_refine_tls_group.beg_auth_asym_id 
_pdbx_refine_tls_group.beg_auth_seq_id 
_pdbx_refine_tls_group.beg_label_asym_id 
_pdbx_refine_tls_group.beg_label_seq_id 
_pdbx_refine_tls_group.end_auth_asym_id 
_pdbx_refine_tls_group.end_auth_seq_id 
_pdbx_refine_tls_group.end_label_asym_id 
_pdbx_refine_tls_group.end_label_seq_id 
_pdbx_refine_tls_group.selection 
_pdbx_refine_tls_group.pdbx_refine_id 
_pdbx_refine_tls_group.selection_details 
1 1 A 435 A 4  A 454 A 23  ? 'X-RAY DIFFRACTION' ? 
2 2 A 461 A 30 A 467 A 36  ? 'X-RAY DIFFRACTION' ? 
3 3 A 472 A 41 A 507 A 76  ? 'X-RAY DIFFRACTION' ? 
4 4 A 513 A 82 A 553 A 122 ? 'X-RAY DIFFRACTION' ? 
# 
loop_
_pdbx_phasing_MAD_set_site.id 
_pdbx_phasing_MAD_set_site.atom_type_symbol 
_pdbx_phasing_MAD_set_site.occupancy 
_pdbx_phasing_MAD_set_site.fract_x 
_pdbx_phasing_MAD_set_site.fract_y 
_pdbx_phasing_MAD_set_site.fract_z 
_pdbx_phasing_MAD_set_site.b_iso 
1 Se 1.990 0.222 0.681 0.004 54.291 
2 Se 1.343 0.587 0.149 0.092 60.000 
3 Se 1.370 0.283 0.724 0.107 60.000 
# 
loop_
_pdbx_phasing_MAD_shell.d_res_low 
_pdbx_phasing_MAD_shell.d_res_high 
_pdbx_phasing_MAD_shell.reflns 
_pdbx_phasing_MAD_shell.fom 
99.00 8.02 342  0.400 
8.02  5.03 610  0.480 
5.03  3.92 762  0.490 
3.92  3.32 886  0.460 
3.32  2.93 1015 0.390 
2.93  2.65 1097 0.290 
2.65  2.44 1176 0.190 
2.44  2.27 1271 0.130 
# 
_pdbx_phasing_dm.entry_id          2FD4 
_pdbx_phasing_dm.fom_acentric      0.590 
_pdbx_phasing_dm.fom_centric       0.570 
_pdbx_phasing_dm.fom               0.580 
_pdbx_phasing_dm.reflns_acentric   6141 
_pdbx_phasing_dm.reflns_centric    1020 
_pdbx_phasing_dm.reflns            7161 
# 
loop_
_pdbx_phasing_dm_shell.d_res_high 
_pdbx_phasing_dm_shell.d_res_low 
_pdbx_phasing_dm_shell.delta_phi_final 
_pdbx_phasing_dm_shell.delta_phi_initial 
_pdbx_phasing_dm_shell.fom_acentric 
_pdbx_phasing_dm_shell.fom_centric 
_pdbx_phasing_dm_shell.fom 
_pdbx_phasing_dm_shell.reflns_acentric 
_pdbx_phasing_dm_shell.reflns_centric 
_pdbx_phasing_dm_shell.reflns 
6.300 26.952 ? ? 0.940 0.850 0.910 221  112 333  
3.900 6.300  ? ? 0.930 0.770 0.900 790  198 988  
3.100 3.900  ? ? 0.860 0.720 0.840 1025 186 1211 
2.800 3.100  ? ? 0.670 0.550 0.650 1052 153 1205 
2.400 2.800  ? ? 0.420 0.350 0.410 1888 241 2129 
2.200 2.400  ? ? 0.250 0.250 0.250 1165 130 1295 
# 
_phasing.method   SAD 
# 
_phasing_MAD.entry_id          2FD4 
_phasing_MAD.pdbx_d_res_high   2.20 
_phasing_MAD.pdbx_d_res_low    99.00 
_phasing_MAD.pdbx_reflns       7159 
_phasing_MAD.pdbx_fom          0.320 
# 
loop_
_pdbx_unobs_or_zero_occ_residues.id 
_pdbx_unobs_or_zero_occ_residues.PDB_model_num 
_pdbx_unobs_or_zero_occ_residues.polymer_flag 
_pdbx_unobs_or_zero_occ_residues.occupancy_flag 
_pdbx_unobs_or_zero_occ_residues.auth_asym_id 
_pdbx_unobs_or_zero_occ_residues.auth_comp_id 
_pdbx_unobs_or_zero_occ_residues.auth_seq_id 
_pdbx_unobs_or_zero_occ_residues.PDB_ins_code 
_pdbx_unobs_or_zero_occ_residues.label_asym_id 
_pdbx_unobs_or_zero_occ_residues.label_comp_id 
_pdbx_unobs_or_zero_occ_residues.label_seq_id 
1  1 Y 1 A GLY 433 ? A GLY 1  
2  1 Y 1 A PRO 434 ? A PRO 2  
3  1 Y 1 A ASP 455 ? A ASP 24 
4  1 Y 1 A ALA 456 ? A ALA 25 
5  1 Y 1 A GLU 457 ? A GLU 26 
6  1 Y 1 A SER 458 ? A SER 27 
7  1 Y 1 A GLU 459 ? A GLU 28 
8  1 Y 1 A GLU 460 ? A GLU 29 
9  1 Y 1 A ASP 468 ? A ASP 37 
10 1 Y 1 A HIS 469 ? A HIS 38 
11 1 Y 1 A HIS 470 ? A HIS 39 
12 1 Y 1 A THR 471 ? A THR 40 
13 1 Y 1 A GLN 508 ? A GLN 77 
14 1 Y 1 A GLU 509 ? A GLU 78 
15 1 Y 1 A GLY 510 ? A GLY 79 
16 1 Y 1 A ASN 511 ? A ASN 80 
17 1 Y 1 A LYS 512 ? A LYS 81 
# 
loop_
_chem_comp_atom.comp_id 
_chem_comp_atom.atom_id 
_chem_comp_atom.type_symbol 
_chem_comp_atom.pdbx_aromatic_flag 
_chem_comp_atom.pdbx_stereo_config 
_chem_comp_atom.pdbx_ordinal 
ALA N    N N N 1   
ALA CA   C N S 2   
ALA C    C N N 3   
ALA O    O N N 4   
ALA CB   C N N 5   
ALA OXT  O N N 6   
ALA H    H N N 7   
ALA H2   H N N 8   
ALA HA   H N N 9   
ALA HB1  H N N 10  
ALA HB2  H N N 11  
ALA HB3  H N N 12  
ALA HXT  H N N 13  
ARG N    N N N 14  
ARG CA   C N S 15  
ARG C    C N N 16  
ARG O    O N N 17  
ARG CB   C N N 18  
ARG CG   C N N 19  
ARG CD   C N N 20  
ARG NE   N N N 21  
ARG CZ   C N N 22  
ARG NH1  N N N 23  
ARG NH2  N N N 24  
ARG OXT  O N N 25  
ARG H    H N N 26  
ARG H2   H N N 27  
ARG HA   H N N 28  
ARG HB2  H N N 29  
ARG HB3  H N N 30  
ARG HG2  H N N 31  
ARG HG3  H N N 32  
ARG HD2  H N N 33  
ARG HD3  H N N 34  
ARG HE   H N N 35  
ARG HH11 H N N 36  
ARG HH12 H N N 37  
ARG HH21 H N N 38  
ARG HH22 H N N 39  
ARG HXT  H N N 40  
ASN N    N N N 41  
ASN CA   C N S 42  
ASN C    C N N 43  
ASN O    O N N 44  
ASN CB   C N N 45  
ASN CG   C N N 46  
ASN OD1  O N N 47  
ASN ND2  N N N 48  
ASN OXT  O N N 49  
ASN H    H N N 50  
ASN H2   H N N 51  
ASN HA   H N N 52  
ASN HB2  H N N 53  
ASN HB3  H N N 54  
ASN HD21 H N N 55  
ASN HD22 H N N 56  
ASN HXT  H N N 57  
ASP N    N N N 58  
ASP CA   C N S 59  
ASP C    C N N 60  
ASP O    O N N 61  
ASP CB   C N N 62  
ASP CG   C N N 63  
ASP OD1  O N N 64  
ASP OD2  O N N 65  
ASP OXT  O N N 66  
ASP H    H N N 67  
ASP H2   H N N 68  
ASP HA   H N N 69  
ASP HB2  H N N 70  
ASP HB3  H N N 71  
ASP HD2  H N N 72  
ASP HXT  H N N 73  
CYS N    N N N 74  
CYS CA   C N R 75  
CYS C    C N N 76  
CYS O    O N N 77  
CYS CB   C N N 78  
CYS SG   S N N 79  
CYS OXT  O N N 80  
CYS H    H N N 81  
CYS H2   H N N 82  
CYS HA   H N N 83  
CYS HB2  H N N 84  
CYS HB3  H N N 85  
CYS HG   H N N 86  
CYS HXT  H N N 87  
GLN N    N N N 88  
GLN CA   C N S 89  
GLN C    C N N 90  
GLN O    O N N 91  
GLN CB   C N N 92  
GLN CG   C N N 93  
GLN CD   C N N 94  
GLN OE1  O N N 95  
GLN NE2  N N N 96  
GLN OXT  O N N 97  
GLN H    H N N 98  
GLN H2   H N N 99  
GLN HA   H N N 100 
GLN HB2  H N N 101 
GLN HB3  H N N 102 
GLN HG2  H N N 103 
GLN HG3  H N N 104 
GLN HE21 H N N 105 
GLN HE22 H N N 106 
GLN HXT  H N N 107 
GLU N    N N N 108 
GLU CA   C N S 109 
GLU C    C N N 110 
GLU O    O N N 111 
GLU CB   C N N 112 
GLU CG   C N N 113 
GLU CD   C N N 114 
GLU OE1  O N N 115 
GLU OE2  O N N 116 
GLU OXT  O N N 117 
GLU H    H N N 118 
GLU H2   H N N 119 
GLU HA   H N N 120 
GLU HB2  H N N 121 
GLU HB3  H N N 122 
GLU HG2  H N N 123 
GLU HG3  H N N 124 
GLU HE2  H N N 125 
GLU HXT  H N N 126 
GLY N    N N N 127 
GLY CA   C N N 128 
GLY C    C N N 129 
GLY O    O N N 130 
GLY OXT  O N N 131 
GLY H    H N N 132 
GLY H2   H N N 133 
GLY HA2  H N N 134 
GLY HA3  H N N 135 
GLY HXT  H N N 136 
HIS N    N N N 137 
HIS CA   C N S 138 
HIS C    C N N 139 
HIS O    O N N 140 
HIS CB   C N N 141 
HIS CG   C Y N 142 
HIS ND1  N Y N 143 
HIS CD2  C Y N 144 
HIS CE1  C Y N 145 
HIS NE2  N Y N 146 
HIS OXT  O N N 147 
HIS H    H N N 148 
HIS H2   H N N 149 
HIS HA   H N N 150 
HIS HB2  H N N 151 
HIS HB3  H N N 152 
HIS HD1  H N N 153 
HIS HD2  H N N 154 
HIS HE1  H N N 155 
HIS HE2  H N N 156 
HIS HXT  H N N 157 
HOH O    O N N 158 
HOH H1   H N N 159 
HOH H2   H N N 160 
ILE N    N N N 161 
ILE CA   C N S 162 
ILE C    C N N 163 
ILE O    O N N 164 
ILE CB   C N S 165 
ILE CG1  C N N 166 
ILE CG2  C N N 167 
ILE CD1  C N N 168 
ILE OXT  O N N 169 
ILE H    H N N 170 
ILE H2   H N N 171 
ILE HA   H N N 172 
ILE HB   H N N 173 
ILE HG12 H N N 174 
ILE HG13 H N N 175 
ILE HG21 H N N 176 
ILE HG22 H N N 177 
ILE HG23 H N N 178 
ILE HD11 H N N 179 
ILE HD12 H N N 180 
ILE HD13 H N N 181 
ILE HXT  H N N 182 
LEU N    N N N 183 
LEU CA   C N S 184 
LEU C    C N N 185 
LEU O    O N N 186 
LEU CB   C N N 187 
LEU CG   C N N 188 
LEU CD1  C N N 189 
LEU CD2  C N N 190 
LEU OXT  O N N 191 
LEU H    H N N 192 
LEU H2   H N N 193 
LEU HA   H N N 194 
LEU HB2  H N N 195 
LEU HB3  H N N 196 
LEU HG   H N N 197 
LEU HD11 H N N 198 
LEU HD12 H N N 199 
LEU HD13 H N N 200 
LEU HD21 H N N 201 
LEU HD22 H N N 202 
LEU HD23 H N N 203 
LEU HXT  H N N 204 
LYS N    N N N 205 
LYS CA   C N S 206 
LYS C    C N N 207 
LYS O    O N N 208 
LYS CB   C N N 209 
LYS CG   C N N 210 
LYS CD   C N N 211 
LYS CE   C N N 212 
LYS NZ   N N N 213 
LYS OXT  O N N 214 
LYS H    H N N 215 
LYS H2   H N N 216 
LYS HA   H N N 217 
LYS HB2  H N N 218 
LYS HB3  H N N 219 
LYS HG2  H N N 220 
LYS HG3  H N N 221 
LYS HD2  H N N 222 
LYS HD3  H N N 223 
LYS HE2  H N N 224 
LYS HE3  H N N 225 
LYS HZ1  H N N 226 
LYS HZ2  H N N 227 
LYS HZ3  H N N 228 
LYS HXT  H N N 229 
MET N    N N N 230 
MET CA   C N S 231 
MET C    C N N 232 
MET O    O N N 233 
MET CB   C N N 234 
MET CG   C N N 235 
MET SD   S N N 236 
MET CE   C N N 237 
MET OXT  O N N 238 
MET H    H N N 239 
MET H2   H N N 240 
MET HA   H N N 241 
MET HB2  H N N 242 
MET HB3  H N N 243 
MET HG2  H N N 244 
MET HG3  H N N 245 
MET HE1  H N N 246 
MET HE2  H N N 247 
MET HE3  H N N 248 
MET HXT  H N N 249 
PHE N    N N N 250 
PHE CA   C N S 251 
PHE C    C N N 252 
PHE O    O N N 253 
PHE CB   C N N 254 
PHE CG   C Y N 255 
PHE CD1  C Y N 256 
PHE CD2  C Y N 257 
PHE CE1  C Y N 258 
PHE CE2  C Y N 259 
PHE CZ   C Y N 260 
PHE OXT  O N N 261 
PHE H    H N N 262 
PHE H2   H N N 263 
PHE HA   H N N 264 
PHE HB2  H N N 265 
PHE HB3  H N N 266 
PHE HD1  H N N 267 
PHE HD2  H N N 268 
PHE HE1  H N N 269 
PHE HE2  H N N 270 
PHE HZ   H N N 271 
PHE HXT  H N N 272 
PRO N    N N N 273 
PRO CA   C N S 274 
PRO C    C N N 275 
PRO O    O N N 276 
PRO CB   C N N 277 
PRO CG   C N N 278 
PRO CD   C N N 279 
PRO OXT  O N N 280 
PRO H    H N N 281 
PRO HA   H N N 282 
PRO HB2  H N N 283 
PRO HB3  H N N 284 
PRO HG2  H N N 285 
PRO HG3  H N N 286 
PRO HD2  H N N 287 
PRO HD3  H N N 288 
PRO HXT  H N N 289 
SER N    N N N 290 
SER CA   C N S 291 
SER C    C N N 292 
SER O    O N N 293 
SER CB   C N N 294 
SER OG   O N N 295 
SER OXT  O N N 296 
SER H    H N N 297 
SER H2   H N N 298 
SER HA   H N N 299 
SER HB2  H N N 300 
SER HB3  H N N 301 
SER HG   H N N 302 
SER HXT  H N N 303 
THR N    N N N 304 
THR CA   C N S 305 
THR C    C N N 306 
THR O    O N N 307 
THR CB   C N R 308 
THR OG1  O N N 309 
THR CG2  C N N 310 
THR OXT  O N N 311 
THR H    H N N 312 
THR H2   H N N 313 
THR HA   H N N 314 
THR HB   H N N 315 
THR HG1  H N N 316 
THR HG21 H N N 317 
THR HG22 H N N 318 
THR HG23 H N N 319 
THR HXT  H N N 320 
TYR N    N N N 321 
TYR CA   C N S 322 
TYR C    C N N 323 
TYR O    O N N 324 
TYR CB   C N N 325 
TYR CG   C Y N 326 
TYR CD1  C Y N 327 
TYR CD2  C Y N 328 
TYR CE1  C Y N 329 
TYR CE2  C Y N 330 
TYR CZ   C Y N 331 
TYR OH   O N N 332 
TYR OXT  O N N 333 
TYR H    H N N 334 
TYR H2   H N N 335 
TYR HA   H N N 336 
TYR HB2  H N N 337 
TYR HB3  H N N 338 
TYR HD1  H N N 339 
TYR HD2  H N N 340 
TYR HE1  H N N 341 
TYR HE2  H N N 342 
TYR HH   H N N 343 
TYR HXT  H N N 344 
VAL N    N N N 345 
VAL CA   C N S 346 
VAL C    C N N 347 
VAL O    O N N 348 
VAL CB   C N N 349 
VAL CG1  C N N 350 
VAL CG2  C N N 351 
VAL OXT  O N N 352 
VAL H    H N N 353 
VAL H2   H N N 354 
VAL HA   H N N 355 
VAL HB   H N N 356 
VAL HG11 H N N 357 
VAL HG12 H N N 358 
VAL HG13 H N N 359 
VAL HG21 H N N 360 
VAL HG22 H N N 361 
VAL HG23 H N N 362 
VAL HXT  H N N 363 
# 
loop_
_chem_comp_bond.comp_id 
_chem_comp_bond.atom_id_1 
_chem_comp_bond.atom_id_2 
_chem_comp_bond.value_order 
_chem_comp_bond.pdbx_aromatic_flag 
_chem_comp_bond.pdbx_stereo_config 
_chem_comp_bond.pdbx_ordinal 
ALA N   CA   sing N N 1   
ALA N   H    sing N N 2   
ALA N   H2   sing N N 3   
ALA CA  C    sing N N 4   
ALA CA  CB   sing N N 5   
ALA CA  HA   sing N N 6   
ALA C   O    doub N N 7   
ALA C   OXT  sing N N 8   
ALA CB  HB1  sing N N 9   
ALA CB  HB2  sing N N 10  
ALA CB  HB3  sing N N 11  
ALA OXT HXT  sing N N 12  
ARG N   CA   sing N N 13  
ARG N   H    sing N N 14  
ARG N   H2   sing N N 15  
ARG CA  C    sing N N 16  
ARG CA  CB   sing N N 17  
ARG CA  HA   sing N N 18  
ARG C   O    doub N N 19  
ARG C   OXT  sing N N 20  
ARG CB  CG   sing N N 21  
ARG CB  HB2  sing N N 22  
ARG CB  HB3  sing N N 23  
ARG CG  CD   sing N N 24  
ARG CG  HG2  sing N N 25  
ARG CG  HG3  sing N N 26  
ARG CD  NE   sing N N 27  
ARG CD  HD2  sing N N 28  
ARG CD  HD3  sing N N 29  
ARG NE  CZ   sing N N 30  
ARG NE  HE   sing N N 31  
ARG CZ  NH1  sing N N 32  
ARG CZ  NH2  doub N N 33  
ARG NH1 HH11 sing N N 34  
ARG NH1 HH12 sing N N 35  
ARG NH2 HH21 sing N N 36  
ARG NH2 HH22 sing N N 37  
ARG OXT HXT  sing N N 38  
ASN N   CA   sing N N 39  
ASN N   H    sing N N 40  
ASN N   H2   sing N N 41  
ASN CA  C    sing N N 42  
ASN CA  CB   sing N N 43  
ASN CA  HA   sing N N 44  
ASN C   O    doub N N 45  
ASN C   OXT  sing N N 46  
ASN CB  CG   sing N N 47  
ASN CB  HB2  sing N N 48  
ASN CB  HB3  sing N N 49  
ASN CG  OD1  doub N N 50  
ASN CG  ND2  sing N N 51  
ASN ND2 HD21 sing N N 52  
ASN ND2 HD22 sing N N 53  
ASN OXT HXT  sing N N 54  
ASP N   CA   sing N N 55  
ASP N   H    sing N N 56  
ASP N   H2   sing N N 57  
ASP CA  C    sing N N 58  
ASP CA  CB   sing N N 59  
ASP CA  HA   sing N N 60  
ASP C   O    doub N N 61  
ASP C   OXT  sing N N 62  
ASP CB  CG   sing N N 63  
ASP CB  HB2  sing N N 64  
ASP CB  HB3  sing N N 65  
ASP CG  OD1  doub N N 66  
ASP CG  OD2  sing N N 67  
ASP OD2 HD2  sing N N 68  
ASP OXT HXT  sing N N 69  
CYS N   CA   sing N N 70  
CYS N   H    sing N N 71  
CYS N   H2   sing N N 72  
CYS CA  C    sing N N 73  
CYS CA  CB   sing N N 74  
CYS CA  HA   sing N N 75  
CYS C   O    doub N N 76  
CYS C   OXT  sing N N 77  
CYS CB  SG   sing N N 78  
CYS CB  HB2  sing N N 79  
CYS CB  HB3  sing N N 80  
CYS SG  HG   sing N N 81  
CYS OXT HXT  sing N N 82  
GLN N   CA   sing N N 83  
GLN N   H    sing N N 84  
GLN N   H2   sing N N 85  
GLN CA  C    sing N N 86  
GLN CA  CB   sing N N 87  
GLN CA  HA   sing N N 88  
GLN C   O    doub N N 89  
GLN C   OXT  sing N N 90  
GLN CB  CG   sing N N 91  
GLN CB  HB2  sing N N 92  
GLN CB  HB3  sing N N 93  
GLN CG  CD   sing N N 94  
GLN CG  HG2  sing N N 95  
GLN CG  HG3  sing N N 96  
GLN CD  OE1  doub N N 97  
GLN CD  NE2  sing N N 98  
GLN NE2 HE21 sing N N 99  
GLN NE2 HE22 sing N N 100 
GLN OXT HXT  sing N N 101 
GLU N   CA   sing N N 102 
GLU N   H    sing N N 103 
GLU N   H2   sing N N 104 
GLU CA  C    sing N N 105 
GLU CA  CB   sing N N 106 
GLU CA  HA   sing N N 107 
GLU C   O    doub N N 108 
GLU C   OXT  sing N N 109 
GLU CB  CG   sing N N 110 
GLU CB  HB2  sing N N 111 
GLU CB  HB3  sing N N 112 
GLU CG  CD   sing N N 113 
GLU CG  HG2  sing N N 114 
GLU CG  HG3  sing N N 115 
GLU CD  OE1  doub N N 116 
GLU CD  OE2  sing N N 117 
GLU OE2 HE2  sing N N 118 
GLU OXT HXT  sing N N 119 
GLY N   CA   sing N N 120 
GLY N   H    sing N N 121 
GLY N   H2   sing N N 122 
GLY CA  C    sing N N 123 
GLY CA  HA2  sing N N 124 
GLY CA  HA3  sing N N 125 
GLY C   O    doub N N 126 
GLY C   OXT  sing N N 127 
GLY OXT HXT  sing N N 128 
HIS N   CA   sing N N 129 
HIS N   H    sing N N 130 
HIS N   H2   sing N N 131 
HIS CA  C    sing N N 132 
HIS CA  CB   sing N N 133 
HIS CA  HA   sing N N 134 
HIS C   O    doub N N 135 
HIS C   OXT  sing N N 136 
HIS CB  CG   sing N N 137 
HIS CB  HB2  sing N N 138 
HIS CB  HB3  sing N N 139 
HIS CG  ND1  sing Y N 140 
HIS CG  CD2  doub Y N 141 
HIS ND1 CE1  doub Y N 142 
HIS ND1 HD1  sing N N 143 
HIS CD2 NE2  sing Y N 144 
HIS CD2 HD2  sing N N 145 
HIS CE1 NE2  sing Y N 146 
HIS CE1 HE1  sing N N 147 
HIS NE2 HE2  sing N N 148 
HIS OXT HXT  sing N N 149 
HOH O   H1   sing N N 150 
HOH O   H2   sing N N 151 
ILE N   CA   sing N N 152 
ILE N   H    sing N N 153 
ILE N   H2   sing N N 154 
ILE CA  C    sing N N 155 
ILE CA  CB   sing N N 156 
ILE CA  HA   sing N N 157 
ILE C   O    doub N N 158 
ILE C   OXT  sing N N 159 
ILE CB  CG1  sing N N 160 
ILE CB  CG2  sing N N 161 
ILE CB  HB   sing N N 162 
ILE CG1 CD1  sing N N 163 
ILE CG1 HG12 sing N N 164 
ILE CG1 HG13 sing N N 165 
ILE CG2 HG21 sing N N 166 
ILE CG2 HG22 sing N N 167 
ILE CG2 HG23 sing N N 168 
ILE CD1 HD11 sing N N 169 
ILE CD1 HD12 sing N N 170 
ILE CD1 HD13 sing N N 171 
ILE OXT HXT  sing N N 172 
LEU N   CA   sing N N 173 
LEU N   H    sing N N 174 
LEU N   H2   sing N N 175 
LEU CA  C    sing N N 176 
LEU CA  CB   sing N N 177 
LEU CA  HA   sing N N 178 
LEU C   O    doub N N 179 
LEU C   OXT  sing N N 180 
LEU CB  CG   sing N N 181 
LEU CB  HB2  sing N N 182 
LEU CB  HB3  sing N N 183 
LEU CG  CD1  sing N N 184 
LEU CG  CD2  sing N N 185 
LEU CG  HG   sing N N 186 
LEU CD1 HD11 sing N N 187 
LEU CD1 HD12 sing N N 188 
LEU CD1 HD13 sing N N 189 
LEU CD2 HD21 sing N N 190 
LEU CD2 HD22 sing N N 191 
LEU CD2 HD23 sing N N 192 
LEU OXT HXT  sing N N 193 
LYS N   CA   sing N N 194 
LYS N   H    sing N N 195 
LYS N   H2   sing N N 196 
LYS CA  C    sing N N 197 
LYS CA  CB   sing N N 198 
LYS CA  HA   sing N N 199 
LYS C   O    doub N N 200 
LYS C   OXT  sing N N 201 
LYS CB  CG   sing N N 202 
LYS CB  HB2  sing N N 203 
LYS CB  HB3  sing N N 204 
LYS CG  CD   sing N N 205 
LYS CG  HG2  sing N N 206 
LYS CG  HG3  sing N N 207 
LYS CD  CE   sing N N 208 
LYS CD  HD2  sing N N 209 
LYS CD  HD3  sing N N 210 
LYS CE  NZ   sing N N 211 
LYS CE  HE2  sing N N 212 
LYS CE  HE3  sing N N 213 
LYS NZ  HZ1  sing N N 214 
LYS NZ  HZ2  sing N N 215 
LYS NZ  HZ3  sing N N 216 
LYS OXT HXT  sing N N 217 
MET N   CA   sing N N 218 
MET N   H    sing N N 219 
MET N   H2   sing N N 220 
MET CA  C    sing N N 221 
MET CA  CB   sing N N 222 
MET CA  HA   sing N N 223 
MET C   O    doub N N 224 
MET C   OXT  sing N N 225 
MET CB  CG   sing N N 226 
MET CB  HB2  sing N N 227 
MET CB  HB3  sing N N 228 
MET CG  SD   sing N N 229 
MET CG  HG2  sing N N 230 
MET CG  HG3  sing N N 231 
MET SD  CE   sing N N 232 
MET CE  HE1  sing N N 233 
MET CE  HE2  sing N N 234 
MET CE  HE3  sing N N 235 
MET OXT HXT  sing N N 236 
PHE N   CA   sing N N 237 
PHE N   H    sing N N 238 
PHE N   H2   sing N N 239 
PHE CA  C    sing N N 240 
PHE CA  CB   sing N N 241 
PHE CA  HA   sing N N 242 
PHE C   O    doub N N 243 
PHE C   OXT  sing N N 244 
PHE CB  CG   sing N N 245 
PHE CB  HB2  sing N N 246 
PHE CB  HB3  sing N N 247 
PHE CG  CD1  doub Y N 248 
PHE CG  CD2  sing Y N 249 
PHE CD1 CE1  sing Y N 250 
PHE CD1 HD1  sing N N 251 
PHE CD2 CE2  doub Y N 252 
PHE CD2 HD2  sing N N 253 
PHE CE1 CZ   doub Y N 254 
PHE CE1 HE1  sing N N 255 
PHE CE2 CZ   sing Y N 256 
PHE CE2 HE2  sing N N 257 
PHE CZ  HZ   sing N N 258 
PHE OXT HXT  sing N N 259 
PRO N   CA   sing N N 260 
PRO N   CD   sing N N 261 
PRO N   H    sing N N 262 
PRO CA  C    sing N N 263 
PRO CA  CB   sing N N 264 
PRO CA  HA   sing N N 265 
PRO C   O    doub N N 266 
PRO C   OXT  sing N N 267 
PRO CB  CG   sing N N 268 
PRO CB  HB2  sing N N 269 
PRO CB  HB3  sing N N 270 
PRO CG  CD   sing N N 271 
PRO CG  HG2  sing N N 272 
PRO CG  HG3  sing N N 273 
PRO CD  HD2  sing N N 274 
PRO CD  HD3  sing N N 275 
PRO OXT HXT  sing N N 276 
SER N   CA   sing N N 277 
SER N   H    sing N N 278 
SER N   H2   sing N N 279 
SER CA  C    sing N N 280 
SER CA  CB   sing N N 281 
SER CA  HA   sing N N 282 
SER C   O    doub N N 283 
SER C   OXT  sing N N 284 
SER CB  OG   sing N N 285 
SER CB  HB2  sing N N 286 
SER CB  HB3  sing N N 287 
SER OG  HG   sing N N 288 
SER OXT HXT  sing N N 289 
THR N   CA   sing N N 290 
THR N   H    sing N N 291 
THR N   H2   sing N N 292 
THR CA  C    sing N N 293 
THR CA  CB   sing N N 294 
THR CA  HA   sing N N 295 
THR C   O    doub N N 296 
THR C   OXT  sing N N 297 
THR CB  OG1  sing N N 298 
THR CB  CG2  sing N N 299 
THR CB  HB   sing N N 300 
THR OG1 HG1  sing N N 301 
THR CG2 HG21 sing N N 302 
THR CG2 HG22 sing N N 303 
THR CG2 HG23 sing N N 304 
THR OXT HXT  sing N N 305 
TYR N   CA   sing N N 306 
TYR N   H    sing N N 307 
TYR N   H2   sing N N 308 
TYR CA  C    sing N N 309 
TYR CA  CB   sing N N 310 
TYR CA  HA   sing N N 311 
TYR C   O    doub N N 312 
TYR C   OXT  sing N N 313 
TYR CB  CG   sing N N 314 
TYR CB  HB2  sing N N 315 
TYR CB  HB3  sing N N 316 
TYR CG  CD1  doub Y N 317 
TYR CG  CD2  sing Y N 318 
TYR CD1 CE1  sing Y N 319 
TYR CD1 HD1  sing N N 320 
TYR CD2 CE2  doub Y N 321 
TYR CD2 HD2  sing N N 322 
TYR CE1 CZ   doub Y N 323 
TYR CE1 HE1  sing N N 324 
TYR CE2 CZ   sing Y N 325 
TYR CE2 HE2  sing N N 326 
TYR CZ  OH   sing N N 327 
TYR OH  HH   sing N N 328 
TYR OXT HXT  sing N N 329 
VAL N   CA   sing N N 330 
VAL N   H    sing N N 331 
VAL N   H2   sing N N 332 
VAL CA  C    sing N N 333 
VAL CA  CB   sing N N 334 
VAL CA  HA   sing N N 335 
VAL C   O    doub N N 336 
VAL C   OXT  sing N N 337 
VAL CB  CG1  sing N N 338 
VAL CB  CG2  sing N N 339 
VAL CB  HB   sing N N 340 
VAL CG1 HG11 sing N N 341 
VAL CG1 HG12 sing N N 342 
VAL CG1 HG13 sing N N 343 
VAL CG2 HG21 sing N N 344 
VAL CG2 HG22 sing N N 345 
VAL CG2 HG23 sing N N 346 
VAL OXT HXT  sing N N 347 
# 
_atom_sites.entry_id                    2FD4 
_atom_sites.fract_transf_matrix[1][1]   0.01144264 
_atom_sites.fract_transf_matrix[1][2]   -0.01473244 
_atom_sites.fract_transf_matrix[1][3]   0.00046450 
_atom_sites.fract_transf_matrix[2][1]   0.00869874 
_atom_sites.fract_transf_matrix[2][2]   -0.00456681 
_atom_sites.fract_transf_matrix[2][3]   0.01587593 
_atom_sites.fract_transf_matrix[3][1]   -0.01271362 
_atom_sites.fract_transf_matrix[3][2]   -0.00974336 
_atom_sites.fract_transf_matrix[3][3]   0.00416331 
_atom_sites.fract_transf_vector[1]      0.625977 
_atom_sites.fract_transf_vector[2]      0.138526 
_atom_sites.fract_transf_vector[3]      0.021395 
# 
loop_
_atom_type.symbol 
C 
N 
O 
S 
# 
loop_
_atom_site.group_PDB 
_atom_site.id 
_atom_site.type_symbol 
_atom_site.label_atom_id 
_atom_site.label_alt_id 
_atom_site.label_comp_id 
_atom_site.label_asym_id 
_atom_site.label_entity_id 
_atom_site.label_seq_id 
_atom_site.pdbx_PDB_ins_code 
_atom_site.Cartn_x 
_atom_site.Cartn_y 
_atom_site.Cartn_z 
_atom_site.occupancy 
_atom_site.B_iso_or_equiv 
_atom_site.pdbx_formal_charge 
_atom_site.auth_seq_id 
_atom_site.auth_comp_id 
_atom_site.auth_asym_id 
_atom_site.auth_atom_id 
_atom_site.pdbx_PDB_model_num 
ATOM   1   N N   . LYS A 1 3   A -20.083 -15.806 7.587   1.00 50.35 ? 435 LYS A N   1 
ATOM   2   C CA  . LYS A 1 3   A -19.532 -15.484 8.926   1.00 50.14 ? 435 LYS A CA  1 
ATOM   3   C C   . LYS A 1 3   A -19.277 -13.984 9.070   1.00 49.15 ? 435 LYS A C   1 
ATOM   4   O O   . LYS A 1 3   A -19.040 -13.264 8.085   1.00 50.48 ? 435 LYS A O   1 
ATOM   5   C CB  . LYS A 1 3   A -18.207 -16.214 9.178   1.00 50.22 ? 435 LYS A CB  1 
ATOM   6   C CG  . LYS A 1 3   A -18.219 -17.690 8.987   1.00 50.72 ? 435 LYS A CG  1 
ATOM   7   C CD  . LYS A 1 3   A -16.974 -18.273 9.593   1.00 50.69 ? 435 LYS A CD  1 
ATOM   8   C CE  . LYS A 1 3   A -16.893 -19.765 9.398   1.00 50.68 ? 435 LYS A CE  1 
ATOM   9   N NZ  . LYS A 1 3   A -15.963 -20.342 10.406  1.00 51.48 ? 435 LYS A NZ  1 
ATOM   10  N N   . LEU A 1 4   ? -19.275 -13.515 10.316  1.00 48.23 ? 435 LEU A N   1 
ATOM   11  C CA  . LEU A 1 4   ? -18.902 -12.130 10.599  1.00 48.27 ? 435 LEU A CA  1 
ATOM   12  C C   . LEU A 1 4   ? -17.532 -11.848 10.053  1.00 47.34 ? 435 LEU A C   1 
ATOM   13  O O   . LEU A 1 4   ? -16.674 -12.711 10.100  1.00 46.41 ? 435 LEU A O   1 
ATOM   14  C CB  . LEU A 1 4   ? -18.867 -11.882 12.118  1.00 47.61 ? 435 LEU A CB  1 
ATOM   15  C CG  . LEU A 1 4   ? -20.235 -11.598 12.721  1.00 49.74 ? 435 LEU A CG  1 
ATOM   16  C CD1 . LEU A 1 4   ? -20.094 -11.211 14.156  1.00 50.10 ? 435 LEU A CD1 1 
ATOM   17  C CD2 . LEU A 1 4   ? -20.950 -10.481 11.898  1.00 52.31 ? 435 LEU A CD2 1 
ATOM   18  N N   . ALA A 1 5   ? -17.321 -10.659 9.498   1.00 47.61 ? 436 ALA A N   1 
ATOM   19  C CA  . ALA A 1 5   ? -15.999 -10.293 9.082   1.00 48.08 ? 436 ALA A CA  1 
ATOM   20  C C   . ALA A 1 5   ? -15.818 -8.803  9.338   1.00 49.16 ? 436 ALA A C   1 
ATOM   21  O O   . ALA A 1 5   ? -16.725 -7.990  9.101   1.00 50.07 ? 436 ALA A O   1 
ATOM   22  C CB  . ALA A 1 5   ? -15.722 -10.651 7.640   1.00 49.41 ? 436 ALA A CB  1 
ATOM   23  N N   . ALA A 1 6   ? -14.632 -8.462  9.812   1.00 47.80 ? 437 ALA A N   1 
ATOM   24  C CA  . ALA A 1 6   ? -14.279 -7.071  10.114  1.00 48.00 ? 437 ALA A CA  1 
ATOM   25  C C   . ALA A 1 6   ? -13.962 -6.304  8.847   1.00 48.91 ? 437 ALA A C   1 
ATOM   26  O O   . ALA A 1 6   ? -13.292 -6.825  7.948   1.00 49.26 ? 437 ALA A O   1 
ATOM   27  C CB  . ALA A 1 6   ? -13.082 -7.041  11.010  1.00 47.88 ? 437 ALA A CB  1 
ATOM   28  N N   . LEU A 1 7   ? -14.424 -5.068  8.787   1.00 48.83 ? 438 LEU A N   1 
ATOM   29  C CA  . LEU A 1 7   ? -14.001 -4.161  7.752   1.00 49.33 ? 438 LEU A CA  1 
ATOM   30  C C   . LEU A 1 7   ? -12.900 -3.258  8.253   1.00 49.23 ? 438 LEU A C   1 
ATOM   31  O O   . LEU A 1 7   ? -13.121 -2.373  9.071   1.00 48.71 ? 438 LEU A O   1 
ATOM   32  C CB  . LEU A 1 7   ? -15.168 -3.293  7.281   1.00 49.96 ? 438 LEU A CB  1 
ATOM   33  C CG  . LEU A 1 7   ? -14.789 -2.391  6.070   1.00 50.64 ? 438 LEU A CG  1 
ATOM   34  C CD1 . LEU A 1 7   ? -14.424 -3.238  4.874   1.00 53.41 ? 438 LEU A CD1 1 
ATOM   35  C CD2 . LEU A 1 7   ? -15.963 -1.457  5.795   1.00 50.11 ? 438 LEU A CD2 1 
ATOM   36  N N   . ASP A 1 8   ? -11.696 -3.479  7.783   1.00 50.26 ? 439 ASP A N   1 
ATOM   37  C CA  . ASP A 1 8   ? -10.591 -2.701  8.329   1.00 48.64 ? 439 ASP A CA  1 
ATOM   38  C C   . ASP A 1 8   ? -10.683 -1.253  7.830   1.00 47.54 ? 439 ASP A C   1 
ATOM   39  O O   . ASP A 1 8   ? -10.888 -1.034  6.640   1.00 48.31 ? 439 ASP A O   1 
ATOM   40  C CB  . ASP A 1 8   ? -9.271  -3.348  7.945   1.00 50.29 ? 439 ASP A CB  1 
ATOM   41  C CG  . ASP A 1 8   ? -8.100  -2.667  8.547   1.00 52.09 ? 439 ASP A CG  1 
ATOM   42  O OD1 . ASP A 1 8   ? -7.782  -1.569  8.043   1.00 49.58 ? 439 ASP A OD1 1 
ATOM   43  O OD2 . ASP A 1 8   ? -7.498  -3.196  9.531   1.00 57.33 ? 439 ASP A OD2 1 
ATOM   44  N N   . PRO A 1 9   ? -10.576 -0.248  8.746   1.00 47.70 ? 440 PRO A N   1 
ATOM   45  C CA  . PRO A 1 9   ? -10.726 1.199   8.469   1.00 47.33 ? 440 PRO A CA  1 
ATOM   46  C C   . PRO A 1 9   ? -9.675  1.775   7.496   1.00 47.81 ? 440 PRO A C   1 
ATOM   47  O O   . PRO A 1 9   ? -9.896  2.841   6.881   1.00 46.79 ? 440 PRO A O   1 
ATOM   48  C CB  . PRO A 1 9   ? -10.582 1.860   9.833   1.00 48.94 ? 440 PRO A CB  1 
ATOM   49  C CG  . PRO A 1 9   ? -10.439 0.770   10.836  1.00 47.97 ? 440 PRO A CG  1 
ATOM   50  C CD  . PRO A 1 9   ? -10.430 -0.546  10.183  1.00 47.75 ? 440 PRO A CD  1 
ATOM   51  N N   . ILE A 1 10  ? -8.545  1.075   7.395   1.00 47.80 ? 441 ILE A N   1 
ATOM   52  C CA  . ILE A 1 10  ? -7.437  1.436   6.485   1.00 47.23 ? 441 ILE A CA  1 
ATOM   53  C C   . ILE A 1 10  ? -7.568  0.615   5.200   1.00 47.51 ? 441 ILE A C   1 
ATOM   54  O O   . ILE A 1 10  ? -7.681  1.199   4.136   1.00 46.59 ? 441 ILE A O   1 
ATOM   55  C CB  . ILE A 1 10  ? -6.064  1.218   7.151   1.00 47.50 ? 441 ILE A CB  1 
ATOM   56  C CG1 . ILE A 1 10  ? -5.942  2.145   8.355   1.00 46.26 ? 441 ILE A CG1 1 
ATOM   57  C CG2 . ILE A 1 10  ? -4.893  1.387   6.130   1.00 47.83 ? 441 ILE A CG2 1 
ATOM   58  C CD1 . ILE A 1 10  ? -4.742  1.880   9.180   1.00 47.71 ? 441 ILE A CD1 1 
ATOM   59  N N   . ALA A 1 11  ? -7.611  -0.717  5.287   1.00 48.23 ? 442 ALA A N   1 
ATOM   60  C CA  . ALA A 1 11  ? -7.616  -1.498  4.036   1.00 48.73 ? 442 ALA A CA  1 
ATOM   61  C C   . ALA A 1 11  ? -8.891  -1.255  3.173   1.00 49.43 ? 442 ALA A C   1 
ATOM   62  O O   . ALA A 1 11  ? -8.872  -1.448  1.916   1.00 47.85 ? 442 ALA A O   1 
ATOM   63  C CB  . ALA A 1 11  ? -7.436  -2.981  4.301   1.00 49.71 ? 442 ALA A CB  1 
ATOM   64  N N   . SER A 1 12  ? -10.003 -0.881  3.814   1.00 48.53 ? 443 SER A N   1 
ATOM   65  C CA  . SER A 1 12  ? -11.233 -0.551  3.083   1.00 47.94 ? 443 SER A CA  1 
ATOM   66  C C   . SER A 1 12  ? -11.077 0.712   2.171   1.00 47.26 ? 443 SER A C   1 
ATOM   67  O O   . SER A 1 12  ? -11.901 0.966   1.307   1.00 46.85 ? 443 SER A O   1 
ATOM   68  C CB  . SER A 1 12  ? -12.422 -0.386  4.011   1.00 49.18 ? 443 SER A CB  1 
ATOM   69  O OG  . SER A 1 12  ? -12.323 0.843   4.731   1.00 47.86 ? 443 SER A OG  1 
ATOM   70  N N   . GLN A 1 13  ? -10.000 1.467   2.335   1.00 46.89 ? 444 GLN A N   1 
ATOM   71  C CA  . GLN A 1 13  ? -9.731  2.615   1.433   1.00 47.75 ? 444 GLN A CA  1 
ATOM   72  C C   . GLN A 1 13  ? -9.017  2.280   0.121   1.00 47.23 ? 444 GLN A C   1 
ATOM   73  O O   . GLN A 1 13  ? -8.843  3.135   -0.757  1.00 47.15 ? 444 GLN A O   1 
ATOM   74  C CB  . GLN A 1 13  ? -8.930  3.661   2.188   1.00 48.55 ? 444 GLN A CB  1 
ATOM   75  C CG  . GLN A 1 13  ? -9.738  4.312   3.251   1.00 48.84 ? 444 GLN A CG  1 
ATOM   76  C CD  . GLN A 1 13  ? -8.990  5.384   3.986   1.00 47.89 ? 444 GLN A CD  1 
ATOM   77  O OE1 . GLN A 1 13  ? -8.582  6.383   3.384   1.00 48.82 ? 444 GLN A OE1 1 
ATOM   78  N NE2 . GLN A 1 13  ? -8.802  5.201   5.295   1.00 44.45 ? 444 GLN A NE2 1 
ATOM   79  N N   . PHE A 1 14  ? -8.608  1.032   -0.031  1.00 47.21 ? 445 PHE A N   1 
ATOM   80  C CA  . PHE A 1 14  ? -7.841  0.578   -1.188  1.00 46.57 ? 445 PHE A CA  1 
ATOM   81  C C   . PHE A 1 14  ? -8.444  1.042   -2.480  1.00 45.98 ? 445 PHE A C   1 
ATOM   82  O O   . PHE A 1 14  ? -7.754  1.614   -3.294  1.00 45.19 ? 445 PHE A O   1 
ATOM   83  C CB  . PHE A 1 14  ? -7.727  -0.926  -1.150  1.00 47.09 ? 445 PHE A CB  1 
ATOM   84  C CG  . PHE A 1 14  ? -6.912  -1.516  -2.255  1.00 46.77 ? 445 PHE A CG  1 
ATOM   85  C CD1 . PHE A 1 14  ? -5.553  -1.211  -2.368  1.00 47.02 ? 445 PHE A CD1 1 
ATOM   86  C CD2 . PHE A 1 14  ? -7.473  -2.406  -3.156  1.00 48.24 ? 445 PHE A CD2 1 
ATOM   87  C CE1 . PHE A 1 14  ? -4.797  -1.728  -3.320  1.00 46.97 ? 445 PHE A CE1 1 
ATOM   88  C CE2 . PHE A 1 14  ? -6.711  -2.968  -4.114  1.00 48.89 ? 445 PHE A CE2 1 
ATOM   89  C CZ  . PHE A 1 14  ? -5.352  -2.661  -4.204  1.00 49.13 ? 445 PHE A CZ  1 
ATOM   90  N N   . SER A 1 15  ? -9.733  0.807   -2.682  1.00 45.45 ? 446 SER A N   1 
ATOM   91  C CA  . SER A 1 15  ? -10.417 1.173   -3.953  1.00 45.18 ? 446 SER A CA  1 
ATOM   92  C C   . SER A 1 15  ? -10.581 2.663   -4.280  1.00 45.11 ? 446 SER A C   1 
ATOM   93  O O   . SER A 1 15  ? -10.977 2.994   -5.387  1.00 43.68 ? 446 SER A O   1 
ATOM   94  C CB  . SER A 1 15  ? -11.796 0.530   -3.994  1.00 44.95 ? 446 SER A CB  1 
ATOM   95  O OG  . SER A 1 15  ? -11.632 -0.833  -4.049  1.00 51.21 ? 446 SER A OG  1 
ATOM   96  N N   . GLN A 1 16  ? -10.358 3.509   -3.292  1.00 46.47 ? 447 GLN A N   1 
ATOM   97  C CA  . GLN A 1 16  ? -10.422 4.948   -3.422  1.00 47.53 ? 447 GLN A CA  1 
ATOM   98  C C   . GLN A 1 16  ? -9.104  5.618   -3.641  1.00 47.44 ? 447 GLN A C   1 
ATOM   99  O O   . GLN A 1 16  ? -9.022  6.832   -3.754  1.00 49.48 ? 447 GLN A O   1 
ATOM   100 C CB  . GLN A 1 16  ? -11.028 5.502   -2.141  1.00 48.60 ? 447 GLN A CB  1 
ATOM   101 C CG  . GLN A 1 16  ? -12.363 4.911   -1.870  1.00 49.38 ? 447 GLN A CG  1 
ATOM   102 C CD  . GLN A 1 16  ? -12.853 5.066   -0.483  1.00 52.48 ? 447 GLN A CD  1 
ATOM   103 O OE1 . GLN A 1 16  ? -12.228 4.656   0.484   1.00 53.78 ? 447 GLN A OE1 1 
ATOM   104 N NE2 . GLN A 1 16  ? -14.076 5.618   -0.377  1.00 50.30 ? 447 GLN A NE2 1 
ATOM   105 N N   . LEU A 1 17  ? -8.048  4.842   -3.621  1.00 47.97 ? 448 LEU A N   1 
ATOM   106 C CA  . LEU A 1 17  ? -6.705  5.404   -3.693  1.00 47.74 ? 448 LEU A CA  1 
ATOM   107 C C   . LEU A 1 17  ? -6.466  5.948   -5.059  1.00 46.96 ? 448 LEU A C   1 
ATOM   108 O O   . LEU A 1 17  ? -7.006  5.449   -6.045  1.00 47.91 ? 448 LEU A O   1 
ATOM   109 C CB  . LEU A 1 17  ? -5.674  4.338   -3.373  1.00 47.42 ? 448 LEU A CB  1 
ATOM   110 C CG  . LEU A 1 17  ? -5.626  3.800   -1.934  1.00 48.57 ? 448 LEU A CG  1 
ATOM   111 C CD1 . LEU A 1 17  ? -4.509  2.776   -1.824  1.00 48.19 ? 448 LEU A CD1 1 
ATOM   112 C CD2 . LEU A 1 17  ? -5.418  4.842   -0.944  1.00 49.52 ? 448 LEU A CD2 1 
ATOM   113 N N   . ARG A 1 18  ? -5.590  6.949   -5.126  1.00 48.81 ? 449 ARG A N   1 
ATOM   114 C CA  . ARG A 1 18  ? -4.954  7.340   -6.394  1.00 48.53 ? 449 ARG A CA  1 
ATOM   115 C C   . ARG A 1 18  ? -4.274  6.110   -6.945  1.00 48.79 ? 449 ARG A C   1 
ATOM   116 O O   . ARG A 1 18  ? -3.851  5.218   -6.183  1.00 49.39 ? 449 ARG A O   1 
ATOM   117 C CB  . ARG A 1 18  ? -3.904  8.424   -6.190  1.00 47.29 ? 449 ARG A CB  1 
ATOM   118 C CG  . ARG A 1 18  ? -4.508  9.786   -5.803  1.00 46.19 ? 449 ARG A CG  1 
ATOM   119 C CD  . ARG A 1 18  ? -3.451  10.742  -5.397  1.00 48.25 ? 449 ARG A CD  1 
ATOM   120 N NE  . ARG A 1 18  ? -2.968  10.449  -4.040  1.00 46.33 ? 449 ARG A NE  1 
ATOM   121 C CZ  . ARG A 1 18  ? -2.058  11.129  -3.396  1.00 47.86 ? 449 ARG A CZ  1 
ATOM   122 N NH1 . ARG A 1 18  ? -1.474  12.193  -3.938  1.00 47.66 ? 449 ARG A NH1 1 
ATOM   123 N NH2 . ARG A 1 18  ? -1.718  10.731  -2.162  1.00 46.33 ? 449 ARG A NH2 1 
ATOM   124 N N   . THR A 1 19  ? -4.150  6.056   -8.268  1.00 48.12 ? 450 THR A N   1 
ATOM   125 C CA  . THR A 1 19  ? -3.601  4.874   -8.915  1.00 48.19 ? 450 THR A CA  1 
ATOM   126 C C   . THR A 1 19  ? -2.337  5.174   -9.698  1.00 48.12 ? 450 THR A C   1 
ATOM   127 O O   . THR A 1 19  ? -2.054  6.311   -10.056 1.00 47.57 ? 450 THR A O   1 
ATOM   128 C CB  . THR A 1 19  ? -4.621  4.174   -9.806  1.00 48.03 ? 450 THR A CB  1 
ATOM   129 O OG1 . THR A 1 19  ? -4.949  4.990   -10.969 1.00 48.09 ? 450 THR A OG1 1 
ATOM   130 C CG2 . THR A 1 19  ? -5.865  3.828   -8.995  1.00 50.60 ? 450 THR A CG2 1 
ATOM   131 N N   . ILE A 1 20  ? -1.562  4.120   -9.895  1.00 47.62 ? 451 ILE A N   1 
ATOM   132 C CA  . ILE A 1 20  ? -0.375  4.143   -10.667 1.00 46.96 ? 451 ILE A CA  1 
ATOM   133 C C   . ILE A 1 20  ? -0.432  2.886   -11.471 1.00 47.20 ? 451 ILE A C   1 
ATOM   134 O O   . ILE A 1 20  ? -0.658  1.841   -10.954 1.00 45.74 ? 451 ILE A O   1 
ATOM   135 C CB  . ILE A 1 20  ? 0.884   4.168   -9.810  1.00 46.51 ? 451 ILE A CB  1 
ATOM   136 C CG1 . ILE A 1 20  ? 0.933   5.436   -8.949  1.00 45.92 ? 451 ILE A CG1 1 
ATOM   137 C CG2 . ILE A 1 20  ? 2.133   4.131   -10.671 1.00 48.43 ? 451 ILE A CG2 1 
ATOM   138 C CD1 . ILE A 1 20  ? 2.026   5.339   -7.868  1.00 47.55 ? 451 ILE A CD1 1 
ATOM   139 N N   . SER A 1 21  ? -0.274  3.009   -12.775 1.00 47.46 ? 452 SER A N   1 
ATOM   140 C CA  . SER A 1 21  ? -0.328  1.861   -13.642 1.00 49.32 ? 452 SER A CA  1 
ATOM   141 C C   . SER A 1 21  ? 0.880   0.994   -13.435 1.00 49.59 ? 452 SER A C   1 
ATOM   142 O O   . SER A 1 21  ? 1.929   1.501   -13.103 1.00 49.96 ? 452 SER A O   1 
ATOM   143 C CB  . SER A 1 21  ? -0.378  2.362   -15.085 1.00 49.59 ? 452 SER A CB  1 
ATOM   144 O OG  . SER A 1 21  ? -1.388  3.344   -15.088 1.00 51.72 ? 452 SER A OG  1 
ATOM   145 N N   . LYS A 1 22  ? 0.737   -0.304  -13.683 1.00 51.06 ? 453 LYS A N   1 
ATOM   146 C CA  . LYS A 1 22  ? 1.866   -1.221  -13.674 1.00 51.86 ? 453 LYS A CA  1 
ATOM   147 C C   . LYS A 1 22  ? 3.006   -0.721  -14.533 1.00 52.74 ? 453 LYS A C   1 
ATOM   148 O O   . LYS A 1 22  ? 4.167   -0.963  -14.213 1.00 54.25 ? 453 LYS A O   1 
ATOM   149 C CB  . LYS A 1 22  ? 1.444   -2.608  -14.142 1.00 51.63 ? 453 LYS A CB  1 
ATOM   150 C CG  . LYS A 1 22  ? 2.540   -3.638  -13.964 1.00 52.86 ? 453 LYS A CG  1 
ATOM   151 C CD  . LYS A 1 22  ? 1.993   -5.024  -13.667 1.00 53.88 ? 453 LYS A CD  1 
ATOM   152 C CE  . LYS A 1 22  ? 1.986   -5.907  -14.889 1.00 55.60 ? 453 LYS A CE  1 
ATOM   153 N NZ  . LYS A 1 22  ? 1.358   -7.218  -14.565 1.00 56.92 ? 453 LYS A NZ  1 
ATOM   154 N N   . ALA A 1 23  ? 2.675   -0.036  -15.631 1.00 53.02 ? 454 ALA A N   1 
ATOM   155 C CA  . ALA A 1 23  ? 3.652   0.562   -16.531 1.00 52.62 ? 454 ALA A CA  1 
ATOM   156 C C   . ALA A 1 23  ? 4.085   1.952   -16.065 1.00 52.86 ? 454 ALA A C   1 
ATOM   157 O O   . ALA A 1 23  ? 4.228   2.216   -14.858 1.00 52.39 ? 454 ALA A O   1 
ATOM   158 C CB  . ALA A 1 23  ? 3.060   0.651   -17.911 1.00 52.70 ? 454 ALA A CB  1 
ATOM   159 N N   . LEU A 1 30  ? 11.014  3.672   -9.779  1.00 47.55 ? 461 LEU A N   1 
ATOM   160 C CA  . LEU A 1 30  ? 10.067  2.711   -9.171  1.00 47.25 ? 461 LEU A CA  1 
ATOM   161 C C   . LEU A 1 30  ? 10.399  1.339   -9.712  1.00 47.40 ? 461 LEU A C   1 
ATOM   162 O O   . LEU A 1 30  ? 10.566  1.182   -10.930 1.00 48.29 ? 461 LEU A O   1 
ATOM   163 C CB  . LEU A 1 30  ? 8.610   3.062   -9.524  1.00 46.36 ? 461 LEU A CB  1 
ATOM   164 C CG  . LEU A 1 30  ? 8.228   4.514   -9.239  1.00 46.63 ? 461 LEU A CG  1 
ATOM   165 C CD1 . LEU A 1 30  ? 6.804   4.796   -9.657  1.00 47.15 ? 461 LEU A CD1 1 
ATOM   166 C CD2 . LEU A 1 30  ? 8.457   4.881   -7.758  1.00 45.98 ? 461 LEU A CD2 1 
ATOM   167 N N   . GLY A 1 31  ? 10.470  0.338   -8.846  1.00 47.41 ? 462 GLY A N   1 
ATOM   168 C CA  . GLY A 1 31  ? 11.070  -0.939  -9.250  1.00 48.00 ? 462 GLY A CA  1 
ATOM   169 C C   . GLY A 1 31  ? 10.165  -2.146  -9.342  1.00 48.07 ? 462 GLY A C   1 
ATOM   170 O O   . GLY A 1 31  ? 10.650  -3.282  -9.361  1.00 48.10 ? 462 GLY A O   1 
ATOM   171 N N   . PHE A 1 32  ? 8.861   -1.919  -9.416  1.00 48.51 ? 463 PHE A N   1 
ATOM   172 C CA  . PHE A 1 32  ? 7.914   -3.011  -9.299  1.00 48.49 ? 463 PHE A CA  1 
ATOM   173 C C   . PHE A 1 32  ? 8.180   -4.051  -10.337 1.00 48.17 ? 463 PHE A C   1 
ATOM   174 O O   . PHE A 1 32  ? 8.214   -3.779  -11.543 1.00 48.66 ? 463 PHE A O   1 
ATOM   175 C CB  . PHE A 1 32  ? 6.463   -2.538  -9.401  1.00 48.27 ? 463 PHE A CB  1 
ATOM   176 C CG  . PHE A 1 32  ? 5.447   -3.605  -9.036  1.00 48.21 ? 463 PHE A CG  1 
ATOM   177 C CD1 . PHE A 1 32  ? 5.274   -4.007  -7.723  1.00 48.09 ? 463 PHE A CD1 1 
ATOM   178 C CD2 . PHE A 1 32  ? 4.643   -4.187  -10.009 1.00 49.98 ? 463 PHE A CD2 1 
ATOM   179 C CE1 . PHE A 1 32  ? 4.356   -4.982  -7.407  1.00 46.92 ? 463 PHE A CE1 1 
ATOM   180 C CE2 . PHE A 1 32  ? 3.701   -5.155  -9.671  1.00 49.48 ? 463 PHE A CE2 1 
ATOM   181 C CZ  . PHE A 1 32  ? 3.565   -5.540  -8.383  1.00 48.02 ? 463 PHE A CZ  1 
ATOM   182 N N   . LYS A 1 33  ? 8.403   -5.250  -9.845  1.00 48.05 ? 464 LYS A N   1 
ATOM   183 C CA  . LYS A 1 33  ? 8.512   -6.403  -10.690 1.00 48.01 ? 464 LYS A CA  1 
ATOM   184 C C   . LYS A 1 33  ? 7.537   -7.396  -10.111 1.00 47.74 ? 464 LYS A C   1 
ATOM   185 O O   . LYS A 1 33  ? 7.804   -8.013  -9.089  1.00 48.33 ? 464 LYS A O   1 
ATOM   186 C CB  . LYS A 1 33  ? 9.944   -6.914  -10.724 1.00 47.79 ? 464 LYS A CB  1 
ATOM   187 C CG  . LYS A 1 33  ? 10.855  -6.004  -11.559 1.00 48.12 ? 464 LYS A CG  1 
ATOM   188 C CD  . LYS A 1 33  ? 12.295  -6.009  -11.084 1.00 48.32 ? 464 LYS A CD  1 
ATOM   189 C CE  . LYS A 1 33  ? 13.162  -5.013  -11.852 1.00 47.64 ? 464 LYS A CE  1 
ATOM   190 N NZ  . LYS A 1 33  ? 14.557  -4.988  -11.319 1.00 48.67 ? 464 LYS A NZ  1 
ATOM   191 N N   . ASP A 1 34  ? 6.381   -7.492  -10.754 1.00 47.16 ? 465 ASP A N   1 
ATOM   192 C CA  . ASP A 1 34  ? 5.338   -8.431  -10.350 1.00 47.19 ? 465 ASP A CA  1 
ATOM   193 C C   . ASP A 1 34  ? 5.885   -9.848  -10.359 1.00 46.91 ? 465 ASP A C   1 
ATOM   194 O O   . ASP A 1 34  ? 6.701   -10.189 -11.230 1.00 47.27 ? 465 ASP A O   1 
ATOM   195 C CB  . ASP A 1 34  ? 4.169   -8.333  -11.328 1.00 46.86 ? 465 ASP A CB  1 
ATOM   196 C CG  . ASP A 1 34  ? 2.905   -8.941  -10.786 1.00 47.00 ? 465 ASP A CG  1 
ATOM   197 O OD1 . ASP A 1 34  ? 2.839   -10.174 -10.617 1.00 46.43 ? 465 ASP A OD1 1 
ATOM   198 O OD2 . ASP A 1 34  ? 1.966   -8.168  -10.532 1.00 48.67 ? 465 ASP A OD2 1 
ATOM   199 N N   . ALA A 1 35  ? 5.436   -10.683 -9.426  1.00 46.63 ? 466 ALA A N   1 
ATOM   200 C CA  . ALA A 1 35  ? 5.864   -12.089 -9.405  1.00 46.86 ? 466 ALA A CA  1 
ATOM   201 C C   . ALA A 1 35  ? 5.591   -12.779 -10.746 1.00 46.88 ? 466 ALA A C   1 
ATOM   202 O O   . ALA A 1 35  ? 6.523   -13.178 -11.462 1.00 48.08 ? 466 ALA A O   1 
ATOM   203 C CB  . ALA A 1 35  ? 5.184   -12.836 -8.271  1.00 46.74 ? 466 ALA A CB  1 
ATOM   204 N N   . ALA A 1 36  ? 4.319   -12.904 -11.106 1.00 46.94 ? 467 ALA A N   1 
ATOM   205 C CA  . ALA A 1 36  ? 3.954   -13.532 -12.375 1.00 46.67 ? 467 ALA A CA  1 
ATOM   206 C C   . ALA A 1 36  ? 4.219   -12.569 -13.545 1.00 46.80 ? 467 ALA A C   1 
ATOM   207 O O   . ALA A 1 36  ? 5.398   -12.697 -14.175 1.00 46.59 ? 467 ALA A O   1 
ATOM   208 C CB  . ALA A 1 36  ? 2.492   -13.963 -12.349 1.00 46.46 ? 467 ALA A CB  1 
ATOM   209 N N   . ASP A 1 41  ? 13.413  -14.245 -8.049  1.00 57.47 ? 472 ASP A N   1 
ATOM   210 C CA  . ASP A 1 41  ? 13.796  -14.068 -9.445  1.00 56.71 ? 472 ASP A CA  1 
ATOM   211 C C   . ASP A 1 41  ? 13.519  -12.638 -9.917  1.00 56.80 ? 472 ASP A C   1 
ATOM   212 O O   . ASP A 1 41  ? 12.746  -12.437 -10.865 1.00 56.99 ? 472 ASP A O   1 
ATOM   213 C CB  . ASP A 1 41  ? 13.035  -15.062 -10.328 1.00 56.91 ? 472 ASP A CB  1 
ATOM   214 C CG  . ASP A 1 41  ? 13.048  -16.469 -9.758  1.00 57.19 ? 472 ASP A CG  1 
ATOM   215 O OD1 . ASP A 1 41  ? 12.478  -16.648 -8.653  1.00 56.86 ? 472 ASP A OD1 1 
ATOM   216 O OD2 . ASP A 1 41  ? 13.617  -17.383 -10.415 1.00 56.73 ? 472 ASP A OD2 1 
ATOM   217 N N   . ASP A 1 42  ? 14.141  -11.659 -9.248  1.00 56.31 ? 473 ASP A N   1 
ATOM   218 C CA  . ASP A 1 42  ? 14.050  -10.233 -9.612  1.00 55.52 ? 473 ASP A CA  1 
ATOM   219 C C   . ASP A 1 42  ? 12.757  -9.588  -9.111  1.00 55.16 ? 473 ASP A C   1 
ATOM   220 O O   . ASP A 1 42  ? 12.531  -8.398  -9.310  1.00 55.78 ? 473 ASP A O   1 
ATOM   221 C CB  . ASP A 1 42  ? 14.159  -10.046 -11.138 1.00 55.84 ? 473 ASP A CB  1 
ATOM   222 C CG  . ASP A 1 42  ? 15.148  -8.960  -11.536 1.00 56.20 ? 473 ASP A CG  1 
ATOM   223 O OD1 . ASP A 1 42  ? 15.028  -7.808  -11.057 1.00 57.53 ? 473 ASP A OD1 1 
ATOM   224 O OD2 . ASP A 1 42  ? 16.047  -9.277  -12.345 1.00 55.63 ? 473 ASP A OD2 1 
ATOM   225 N N   . VAL A 1 43  ? 11.932  -10.365 -8.415  1.00 54.30 ? 474 VAL A N   1 
ATOM   226 C CA  . VAL A 1 43  ? 10.586  -9.966  -8.070  1.00 53.01 ? 474 VAL A CA  1 
ATOM   227 C C   . VAL A 1 43  ? 10.615  -9.002  -6.892  1.00 52.79 ? 474 VAL A C   1 
ATOM   228 O O   . VAL A 1 43  ? 11.447  -9.136  -5.995  1.00 52.16 ? 474 VAL A O   1 
ATOM   229 C CB  . VAL A 1 43  ? 9.739   -11.217 -7.718  1.00 52.93 ? 474 VAL A CB  1 
ATOM   230 C CG1 . VAL A 1 43  ? 8.382   -10.821 -7.164  1.00 52.27 ? 474 VAL A CG1 1 
ATOM   231 C CG2 . VAL A 1 43  ? 9.574   -12.113 -8.936  1.00 51.57 ? 474 VAL A CG2 1 
ATOM   232 N N   . THR A 1 44  ? 9.705   -8.023  -6.905  1.00 51.96 ? 475 THR A N   1 
ATOM   233 C CA  . THR A 1 44  ? 9.525   -7.141  -5.782  1.00 51.75 ? 475 THR A CA  1 
ATOM   234 C C   . THR A 1 44  ? 8.957   -7.942  -4.600  1.00 51.84 ? 475 THR A C   1 
ATOM   235 O O   . THR A 1 44  ? 8.005   -8.713  -4.774  1.00 52.32 ? 475 THR A O   1 
ATOM   236 C CB  . THR A 1 44  ? 8.539   -5.989  -6.140  1.00 51.67 ? 475 THR A CB  1 
ATOM   237 O OG1 . THR A 1 44  ? 8.964   -5.352  -7.346  1.00 51.46 ? 475 THR A OG1 1 
ATOM   238 C CG2 . THR A 1 44  ? 8.497   -4.966  -5.043  1.00 51.15 ? 475 THR A CG2 1 
ATOM   239 N N   . HIS A 1 45  ? 9.529   -7.749  -3.404  1.00 51.88 ? 476 HIS A N   1 
ATOM   240 C CA  . HIS A 1 45  ? 8.983   -8.318  -2.167  1.00 50.54 ? 476 HIS A CA  1 
ATOM   241 C C   . HIS A 1 45  ? 8.296   -7.233  -1.394  1.00 51.36 ? 476 HIS A C   1 
ATOM   242 O O   . HIS A 1 45  ? 8.667   -6.062  -1.472  1.00 51.11 ? 476 HIS A O   1 
ATOM   243 C CB  . HIS A 1 45  ? 10.066  -8.956  -1.289  1.00 51.46 ? 476 HIS A CB  1 
ATOM   244 C CG  . HIS A 1 45  ? 10.464  -10.311 -1.750  1.00 50.84 ? 476 HIS A CG  1 
ATOM   245 N ND1 . HIS A 1 45  ? 10.689  -11.375 -0.892  1.00 48.50 ? 476 HIS A ND1 1 
ATOM   246 C CD2 . HIS A 1 45  ? 10.641  -10.789 -3.003  1.00 51.99 ? 476 HIS A CD2 1 
ATOM   247 C CE1 . HIS A 1 45  ? 10.995  -12.440 -1.606  1.00 50.31 ? 476 HIS A CE1 1 
ATOM   248 N NE2 . HIS A 1 45  ? 10.980  -12.112 -2.886  1.00 49.09 ? 476 HIS A NE2 1 
ATOM   249 N N   . CYS A 1 46  ? 7.267   -7.625  -0.663  1.00 49.38 ? 477 CYS A N   1 
ATOM   250 C CA  . CYS A 1 46  ? 6.556   -6.678  0.158   1.00 48.76 ? 477 CYS A CA  1 
ATOM   251 C C   . CYS A 1 46  ? 7.520   -6.276  1.247   1.00 49.03 ? 477 CYS A C   1 
ATOM   252 O O   . CYS A 1 46  ? 8.412   -7.018  1.636   1.00 45.71 ? 477 CYS A O   1 
ATOM   253 C CB  . CYS A 1 46  ? 5.286   -7.342  0.706   1.00 48.93 ? 477 CYS A CB  1 
ATOM   254 S SG  . CYS A 1 46  ? 4.380   -6.489  2.015   1.00 48.87 ? 477 CYS A SG  1 
ATOM   255 N N   . LEU A 1 47  ? 7.363   -5.061  1.747   1.00 48.92 ? 478 LEU A N   1 
ATOM   256 C CA  . LEU A 1 47  ? 8.098   -4.650  2.923   1.00 47.92 ? 478 LEU A CA  1 
ATOM   257 C C   . LEU A 1 47  ? 7.936   -5.621  4.145   1.00 46.92 ? 478 LEU A C   1 
ATOM   258 O O   . LEU A 1 47  ? 8.827   -5.761  4.978   1.00 45.93 ? 478 LEU A O   1 
ATOM   259 C CB  . LEU A 1 47  ? 7.563   -3.232  3.220   1.00 48.38 ? 478 LEU A CB  1 
ATOM   260 C CG  . LEU A 1 47  ? 8.285   -2.446  4.288   1.00 50.39 ? 478 LEU A CG  1 
ATOM   261 C CD1 . LEU A 1 47  ? 9.687   -2.111  3.823   1.00 51.50 ? 478 LEU A CD1 1 
ATOM   262 C CD2 . LEU A 1 47  ? 7.482   -1.227  4.585   1.00 51.02 ? 478 LEU A CD2 1 
ATOM   263 N N   . PHE A 1 48  ? 6.793   -6.321  4.221   1.00 45.41 ? 479 PHE A N   1 
ATOM   264 C CA  . PHE A 1 48  ? 6.507   -7.223  5.349   1.00 44.56 ? 479 PHE A CA  1 
ATOM   265 C C   . PHE A 1 48  ? 6.749   -8.674  4.936   1.00 44.42 ? 479 PHE A C   1 
ATOM   266 O O   . PHE A 1 48  ? 6.426   -9.602  5.684   1.00 45.19 ? 479 PHE A O   1 
ATOM   267 C CB  . PHE A 1 48  ? 5.056   -7.035  5.814   1.00 45.66 ? 479 PHE A CB  1 
ATOM   268 C CG  . PHE A 1 48  ? 4.765   -5.620  6.258   1.00 44.63 ? 479 PHE A CG  1 
ATOM   269 C CD1 . PHE A 1 48  ? 5.131   -5.206  7.530   1.00 48.35 ? 479 PHE A CD1 1 
ATOM   270 C CD2 . PHE A 1 48  ? 4.146   -4.725  5.408   1.00 48.75 ? 479 PHE A CD2 1 
ATOM   271 C CE1 . PHE A 1 48  ? 4.895   -3.897  7.942   1.00 46.51 ? 479 PHE A CE1 1 
ATOM   272 C CE2 . PHE A 1 48  ? 3.884   -3.446  5.802   1.00 45.38 ? 479 PHE A CE2 1 
ATOM   273 C CZ  . PHE A 1 48  ? 4.297   -3.014  7.042   1.00 46.54 ? 479 PHE A CZ  1 
ATOM   274 N N   . GLY A 1 49  ? 7.280   -8.879  3.740   1.00 43.34 ? 480 GLY A N   1 
ATOM   275 C CA  . GLY A 1 49  ? 7.774   -10.230 3.377   1.00 42.75 ? 480 GLY A CA  1 
ATOM   276 C C   . GLY A 1 49  ? 7.010   -10.865 2.240   1.00 42.42 ? 480 GLY A C   1 
ATOM   277 O O   . GLY A 1 49  ? 5.780   -10.710 2.111   1.00 41.71 ? 480 GLY A O   1 
ATOM   278 N N   . GLY A 1 50  ? 7.733   -11.551 1.366   1.00 42.81 ? 481 GLY A N   1 
ATOM   279 C CA  . GLY A 1 50  ? 7.078   -12.288 0.305   1.00 44.06 ? 481 GLY A CA  1 
ATOM   280 C C   . GLY A 1 50  ? 6.924   -11.498 -0.978  1.00 44.80 ? 481 GLY A C   1 
ATOM   281 O O   . GLY A 1 50  ? 6.944   -10.279 -0.974  1.00 45.26 ? 481 GLY A O   1 
ATOM   282 N N   . GLU A 1 51  ? 6.797   -12.224 -2.093  1.00 45.30 ? 482 GLU A N   1 
ATOM   283 C CA  . GLU A 1 51  ? 6.708   -11.606 -3.392  1.00 45.43 ? 482 GLU A CA  1 
ATOM   284 C C   . GLU A 1 51  ? 5.359   -10.906 -3.531  1.00 45.08 ? 482 GLU A C   1 
ATOM   285 O O   . GLU A 1 51  ? 4.347   -11.352 -2.959  1.00 44.49 ? 482 GLU A O   1 
ATOM   286 C CB  . GLU A 1 51  ? 6.830   -12.643 -4.501  1.00 44.64 ? 482 GLU A CB  1 
ATOM   287 C CG  . GLU A 1 51  ? 8.195   -13.339 -4.581  1.00 44.35 ? 482 GLU A CG  1 
ATOM   288 C CD  . GLU A 1 51  ? 8.256   -14.357 -5.700  1.00 46.02 ? 482 GLU A CD  1 
ATOM   289 O OE1 . GLU A 1 51  ? 7.171   -14.676 -6.258  1.00 49.29 ? 482 GLU A OE1 1 
ATOM   290 O OE2 . GLU A 1 51  ? 9.383   -14.885 -5.993  1.00 38.83 ? 482 GLU A OE2 1 
ATOM   291 N N   . LEU A 1 52  ? 5.347   -9.809  -4.273  1.00 46.99 ? 483 LEU A N   1 
ATOM   292 C CA  . LEU A 1 52  ? 4.083   -9.130  -4.639  1.00 47.49 ? 483 LEU A CA  1 
ATOM   293 C C   . LEU A 1 52  ? 3.581   -9.443  -6.066  1.00 48.37 ? 483 LEU A C   1 
ATOM   294 O O   . LEU A 1 52  ? 4.390   -9.618  -6.984  1.00 49.91 ? 483 LEU A O   1 
ATOM   295 C CB  . LEU A 1 52  ? 4.223   -7.622  -4.506  1.00 48.50 ? 483 LEU A CB  1 
ATOM   296 C CG  . LEU A 1 52  ? 4.391   -7.112  -3.095  1.00 48.83 ? 483 LEU A CG  1 
ATOM   297 C CD1 . LEU A 1 52  ? 4.770   -5.661  -3.132  1.00 52.11 ? 483 LEU A CD1 1 
ATOM   298 C CD2 . LEU A 1 52  ? 3.128   -7.392  -2.316  1.00 48.67 ? 483 LEU A CD2 1 
ATOM   299 N N   . SER A 1 53  ? 2.249   -9.533  -6.237  1.00 48.02 ? 484 SER A N   1 
ATOM   300 C CA  . SER A 1 53  ? 1.622   -9.710  -7.538  1.00 47.66 ? 484 SER A CA  1 
ATOM   301 C C   . SER A 1 53  ? 0.204   -9.132  -7.603  1.00 47.58 ? 484 SER A C   1 
ATOM   302 O O   . SER A 1 53  ? -0.611  -9.298  -6.690  1.00 47.74 ? 484 SER A O   1 
ATOM   303 C CB  . SER A 1 53  ? 1.587   -11.174 -7.998  1.00 47.92 ? 484 SER A CB  1 
ATOM   304 O OG  . SER A 1 53  ? 1.215   -11.279 -9.390  1.00 44.66 ? 484 SER A OG  1 
ATOM   305 N N   . LEU A 1 54  ? -0.075  -8.448  -8.701  1.00 47.26 ? 485 LEU A N   1 
ATOM   306 C CA  . LEU A 1 54  ? -1.395  -7.887  -8.959  1.00 46.62 ? 485 LEU A CA  1 
ATOM   307 C C   . LEU A 1 54  ? -2.411  -9.004  -9.175  1.00 47.20 ? 485 LEU A C   1 
ATOM   308 O O   . LEU A 1 54  ? -3.613  -8.746  -9.276  1.00 47.41 ? 485 LEU A O   1 
ATOM   309 C CB  . LEU A 1 54  ? -1.310  -6.958  -10.171 1.00 47.59 ? 485 LEU A CB  1 
ATOM   310 C CG  . LEU A 1 54  ? -0.362  -5.760  -9.978  1.00 48.40 ? 485 LEU A CG  1 
ATOM   311 C CD1 . LEU A 1 54  ? -0.467  -4.775  -11.122 1.00 50.29 ? 485 LEU A CD1 1 
ATOM   312 C CD2 . LEU A 1 54  ? -0.658  -5.077  -8.728  1.00 49.68 ? 485 LEU A CD2 1 
ATOM   313 N N   . SER A 1 55  ? -1.910  -10.238 -9.356  1.00 46.64 ? 486 SER A N   1 
ATOM   314 C CA  . SER A 1 55  ? -2.740  -11.394 -9.662  1.00 46.28 ? 486 SER A CA  1 
ATOM   315 C C   . SER A 1 55  ? -2.909  -12.286 -8.461  1.00 45.90 ? 486 SER A C   1 
ATOM   316 O O   . SER A 1 55  ? -3.609  -13.285 -8.538  1.00 47.06 ? 486 SER A O   1 
ATOM   317 C CB  . SER A 1 55  ? -2.137  -12.239 -10.814 1.00 45.93 ? 486 SER A CB  1 
ATOM   318 O OG  . SER A 1 55  ? -2.231  -11.564 -12.054 1.00 43.88 ? 486 SER A OG  1 
ATOM   319 N N   . ASN A 1 56  ? -2.247  -11.951 -7.360  1.00 47.31 ? 487 ASN A N   1 
ATOM   320 C CA  . ASN A 1 56  ? -2.396  -12.680 -6.128  1.00 47.11 ? 487 ASN A CA  1 
ATOM   321 C C   . ASN A 1 56  ? -3.739  -12.314 -5.522  1.00 47.43 ? 487 ASN A C   1 
ATOM   322 O O   . ASN A 1 56  ? -3.927  -11.186 -5.097  1.00 48.52 ? 487 ASN A O   1 
ATOM   323 C CB  . ASN A 1 56  ? -1.265  -12.302 -5.181  1.00 47.84 ? 487 ASN A CB  1 
ATOM   324 C CG  . ASN A 1 56  ? -1.187  -13.194 -3.983  1.00 48.72 ? 487 ASN A CG  1 
ATOM   325 O OD1 . ASN A 1 56  ? -2.204  -13.549 -3.365  1.00 51.10 ? 487 ASN A OD1 1 
ATOM   326 N ND2 . ASN A 1 56  ? 0.031   -13.586 -3.643  1.00 51.94 ? 487 ASN A ND2 1 
ATOM   327 N N   . PRO A 1 57  ? -4.674  -13.261 -5.460  1.00 46.92 ? 488 PRO A N   1 
ATOM   328 C CA  . PRO A 1 57  ? -5.991  -12.863 -4.966  1.00 46.83 ? 488 PRO A CA  1 
ATOM   329 C C   . PRO A 1 57  ? -6.015  -12.342 -3.547  1.00 46.87 ? 488 PRO A C   1 
ATOM   330 O O   . PRO A 1 57  ? -6.980  -11.662 -3.184  1.00 46.92 ? 488 PRO A O   1 
ATOM   331 C CB  . PRO A 1 57  ? -6.844  -14.137 -5.101  1.00 46.88 ? 488 PRO A CB  1 
ATOM   332 C CG  . PRO A 1 57  ? -5.896  -15.240 -5.304  1.00 47.05 ? 488 PRO A CG  1 
ATOM   333 C CD  . PRO A 1 57  ? -4.615  -14.684 -5.832  1.00 46.55 ? 488 PRO A CD  1 
ATOM   334 N N   . ASP A 1 58  ? -4.981  -12.606 -2.755  1.00 46.07 ? 489 ASP A N   1 
ATOM   335 C CA  . ASP A 1 58  ? -5.007  -12.172 -1.357  1.00 47.26 ? 489 ASP A CA  1 
ATOM   336 C C   . ASP A 1 58  ? -4.262  -10.926 -0.999  1.00 47.25 ? 489 ASP A C   1 
ATOM   337 O O   . ASP A 1 58  ? -4.251  -10.568 0.195   1.00 47.65 ? 489 ASP A O   1 
ATOM   338 C CB  . ASP A 1 58  ? -4.482  -13.276 -0.466  1.00 47.69 ? 489 ASP A CB  1 
ATOM   339 C CG  . ASP A 1 58  ? -5.593  -14.115 0.084   1.00 51.35 ? 489 ASP A CG  1 
ATOM   340 O OD1 . ASP A 1 58  ? -6.319  -13.622 0.991   1.00 58.57 ? 489 ASP A OD1 1 
ATOM   341 O OD2 . ASP A 1 58  ? -5.749  -15.225 -0.405  1.00 50.34 ? 489 ASP A OD2 1 
ATOM   342 N N   . GLN A 1 59  ? -3.630  -10.290 -1.989  1.00 46.93 ? 490 GLN A N   1 
ATOM   343 C CA  . GLN A 1 59  ? -2.903  -9.050  -1.770  1.00 46.88 ? 490 GLN A CA  1 
ATOM   344 C C   . GLN A 1 59  ? -3.670  -7.844  -2.328  1.00 47.05 ? 490 GLN A C   1 
ATOM   345 O O   . GLN A 1 59  ? -4.448  -7.980  -3.264  1.00 45.95 ? 490 GLN A O   1 
ATOM   346 C CB  . GLN A 1 59  ? -1.542  -9.120  -2.423  1.00 45.73 ? 490 GLN A CB  1 
ATOM   347 C CG  . GLN A 1 59  ? -0.670  -10.109 -1.762  1.00 45.79 ? 490 GLN A CG  1 
ATOM   348 C CD  . GLN A 1 59  ? 0.677   -10.319 -2.425  1.00 48.29 ? 490 GLN A CD  1 
ATOM   349 O OE1 . GLN A 1 59  ? 0.848   -10.090 -3.616  1.00 50.75 ? 490 GLN A OE1 1 
ATOM   350 N NE2 . GLN A 1 59  ? 1.655   -10.794 -1.627  1.00 49.50 ? 490 GLN A NE2 1 
ATOM   351 N N   . GLN A 1 60  ? -3.469  -6.702  -1.671  1.00 47.36 ? 491 GLN A N   1 
ATOM   352 C CA  . GLN A 1 60  ? -3.890  -5.387  -2.180  1.00 47.97 ? 491 GLN A CA  1 
ATOM   353 C C   . GLN A 1 60  ? -2.622  -4.573  -2.342  1.00 47.29 ? 491 GLN A C   1 
ATOM   354 O O   . GLN A 1 60  ? -2.114  -3.951  -1.409  1.00 46.49 ? 491 GLN A O   1 
ATOM   355 C CB  . GLN A 1 60  ? -4.816  -4.693  -1.166  1.00 48.22 ? 491 GLN A CB  1 
ATOM   356 C CG  . GLN A 1 60  ? -6.231  -5.231  -1.020  1.00 50.30 ? 491 GLN A CG  1 
ATOM   357 C CD  . GLN A 1 60  ? -6.793  -4.786  0.357   1.00 53.07 ? 491 GLN A CD  1 
ATOM   358 O OE1 . GLN A 1 60  ? -6.064  -4.876  1.344   1.00 63.00 ? 491 GLN A OE1 1 
ATOM   359 N NE2 . GLN A 1 60  ? -8.021  -4.213  0.408   1.00 56.30 ? 491 GLN A NE2 1 
ATOM   360 N N   . VAL A 1 61  ? -2.070  -4.624  -3.548  1.00 47.02 ? 492 VAL A N   1 
ATOM   361 C CA  . VAL A 1 61  ? -0.776  -4.025  -3.807  1.00 46.04 ? 492 VAL A CA  1 
ATOM   362 C C   . VAL A 1 61  ? -0.784  -2.521  -3.902  1.00 45.53 ? 492 VAL A C   1 
ATOM   363 O O   . VAL A 1 61  ? -1.496  -1.925  -4.740  1.00 43.57 ? 492 VAL A O   1 
ATOM   364 C CB  . VAL A 1 61  ? -0.160  -4.600  -5.097  1.00 45.13 ? 492 VAL A CB  1 
ATOM   365 C CG1 . VAL A 1 61  ? 1.204   -4.015  -5.324  1.00 45.98 ? 492 VAL A CG1 1 
ATOM   366 C CG2 . VAL A 1 61  ? -0.015  -6.133  -4.968  1.00 46.21 ? 492 VAL A CG2 1 
ATOM   367 N N   . ILE A 1 62  ? 0.026   -1.899  -3.065  1.00 45.66 ? 493 ILE A N   1 
ATOM   368 C CA  . ILE A 1 62  ? 0.152   -0.445  -3.104  1.00 46.15 ? 493 ILE A CA  1 
ATOM   369 C C   . ILE A 1 62  ? 1.635   -0.077  -3.144  1.00 46.55 ? 493 ILE A C   1 
ATOM   370 O O   . ILE A 1 62  ? 2.526   -0.866  -2.746  1.00 48.14 ? 493 ILE A O   1 
ATOM   371 C CB  . ILE A 1 62  ? -0.506  0.199   -1.896  1.00 45.18 ? 493 ILE A CB  1 
ATOM   372 C CG1 . ILE A 1 62  ? 0.157   -0.304  -0.588  1.00 45.85 ? 493 ILE A CG1 1 
ATOM   373 C CG2 . ILE A 1 62  ? -1.966  -0.073  -1.900  1.00 45.19 ? 493 ILE A CG2 1 
ATOM   374 C CD1 . ILE A 1 62  ? -0.263  0.506   0.639   1.00 47.21 ? 493 ILE A CD1 1 
ATOM   375 N N   . GLY A 1 63  ? 1.872   1.148   -3.557  1.00 46.26 ? 494 GLY A N   1 
ATOM   376 C CA  . GLY A 1 63  ? 3.094   1.859   -3.218  1.00 45.52 ? 494 GLY A CA  1 
ATOM   377 C C   . GLY A 1 63  ? 2.835   2.858   -2.154  1.00 46.31 ? 494 GLY A C   1 
ATOM   378 O O   . GLY A 1 63  ? 1.824   3.592   -2.179  1.00 45.79 ? 494 GLY A O   1 
ATOM   379 N N   . LEU A 1 64  ? 3.690   2.853   -1.135  1.00 46.05 ? 495 LEU A N   1 
ATOM   380 C CA  . LEU A 1 64  ? 3.589   3.791   -0.040  1.00 46.45 ? 495 LEU A CA  1 
ATOM   381 C C   . LEU A 1 64  ? 4.703   4.806   -0.212  1.00 46.45 ? 495 LEU A C   1 
ATOM   382 O O   . LEU A 1 64  ? 5.870   4.459   -0.201  1.00 46.66 ? 495 LEU A O   1 
ATOM   383 C CB  . LEU A 1 64  ? 3.722   3.109   1.340   1.00 46.78 ? 495 LEU A CB  1 
ATOM   384 C CG  . LEU A 1 64  ? 3.297   3.930   2.559   1.00 45.58 ? 495 LEU A CG  1 
ATOM   385 C CD1 . LEU A 1 64  ? 1.807   4.117   2.650   1.00 45.73 ? 495 LEU A CD1 1 
ATOM   386 C CD2 . LEU A 1 64  ? 3.849   3.296   3.867   1.00 48.15 ? 495 LEU A CD2 1 
ATOM   387 N N   . ALA A 1 65  ? 4.324   6.074   -0.303  1.00 47.00 ? 496 ALA A N   1 
ATOM   388 C CA  . ALA A 1 65  ? 5.266   7.196   -0.361  1.00 46.71 ? 496 ALA A CA  1 
ATOM   389 C C   . ALA A 1 65  ? 5.853   7.539   0.994   1.00 45.89 ? 496 ALA A C   1 
ATOM   390 O O   . ALA A 1 65  ? 5.254   7.323   2.026   1.00 44.84 ? 496 ALA A O   1 
ATOM   391 C CB  . ALA A 1 65  ? 4.566   8.427   -0.891  1.00 46.28 ? 496 ALA A CB  1 
ATOM   392 N N   . GLY A 1 66  ? 7.033   8.172   0.971   1.00 46.57 ? 497 GLY A N   1 
ATOM   393 C CA  . GLY A 1 66  ? 7.622   8.655   2.224   1.00 45.31 ? 497 GLY A CA  1 
ATOM   394 C C   . GLY A 1 66  ? 7.127   9.999   2.687   1.00 45.48 ? 497 GLY A C   1 
ATOM   395 O O   . GLY A 1 66  ? 7.291   10.366  3.837   1.00 44.86 ? 497 GLY A O   1 
ATOM   396 N N   . ASN A 1 67  ? 6.547   10.775  1.760   1.00 45.13 ? 498 ASN A N   1 
ATOM   397 C CA  . ASN A 1 67  ? 5.914   12.033  2.116   1.00 45.98 ? 498 ASN A CA  1 
ATOM   398 C C   . ASN A 1 67  ? 4.532   12.097  1.553   1.00 44.27 ? 498 ASN A C   1 
ATOM   399 O O   . ASN A 1 67  ? 4.310   11.557  0.448   1.00 42.38 ? 498 ASN A O   1 
ATOM   400 C CB  . ASN A 1 67  ? 6.775   13.177  1.614   1.00 45.51 ? 498 ASN A CB  1 
ATOM   401 C CG  . ASN A 1 67  ? 8.168   13.069  2.197   1.00 51.93 ? 498 ASN A CG  1 
ATOM   402 O OD1 . ASN A 1 67  ? 8.360   13.335  3.379   1.00 55.70 ? 498 ASN A OD1 1 
ATOM   403 N ND2 . ASN A 1 67  ? 9.115   12.555  1.408   1.00 56.43 ? 498 ASN A ND2 1 
ATOM   404 N N   . PRO A 1 68  ? 3.611   12.722  2.303   1.00 45.77 ? 499 PRO A N   1 
ATOM   405 C CA  . PRO A 1 68  ? 2.234   12.838  1.859   1.00 46.02 ? 499 PRO A CA  1 
ATOM   406 C C   . PRO A 1 68  ? 1.989   13.955  0.834   1.00 45.97 ? 499 PRO A C   1 
ATOM   407 O O   . PRO A 1 68  ? 2.659   15.005  0.853   1.00 44.08 ? 499 PRO A O   1 
ATOM   408 C CB  . PRO A 1 68  ? 1.495   13.149  3.157   1.00 46.55 ? 499 PRO A CB  1 
ATOM   409 C CG  . PRO A 1 68  ? 2.421   13.914  3.942   1.00 46.88 ? 499 PRO A CG  1 
ATOM   410 C CD  . PRO A 1 68  ? 3.796   13.358  3.628   1.00 45.26 ? 499 PRO A CD  1 
ATOM   411 N N   . THR A 1 69  ? 1.028   13.753  -0.057  1.00 46.21 ? 500 THR A N   1 
ATOM   412 C CA  . THR A 1 69  ? 0.521   14.858  -0.846  1.00 47.55 ? 500 THR A CA  1 
ATOM   413 C C   . THR A 1 69  ? -0.964  14.730  -0.966  1.00 48.09 ? 500 THR A C   1 
ATOM   414 O O   . THR A 1 69  ? -1.516  13.616  -0.896  1.00 46.20 ? 500 THR A O   1 
ATOM   415 C CB  . THR A 1 69  ? 1.114   14.939  -2.266  1.00 47.97 ? 500 THR A CB  1 
ATOM   416 O OG1 . THR A 1 69  ? 0.441   15.979  -3.007  1.00 55.19 ? 500 THR A OG1 1 
ATOM   417 C CG2 . THR A 1 69  ? 0.985   13.631  -3.006  1.00 47.51 ? 500 THR A CG2 1 
ATOM   418 N N   . ASP A 1 70  ? -1.590  15.887  -1.157  1.00 49.22 ? 501 ASP A N   1 
ATOM   419 C CA  . ASP A 1 70  ? -3.037  15.969  -1.153  1.00 51.59 ? 501 ASP A CA  1 
ATOM   420 C C   . ASP A 1 70  ? -3.545  14.880  -2.057  1.00 52.52 ? 501 ASP A C   1 
ATOM   421 O O   . ASP A 1 70  ? -2.888  14.502  -3.140  1.00 51.83 ? 501 ASP A O   1 
ATOM   422 C CB  . ASP A 1 70  ? -3.563  17.376  -1.541  1.00 51.85 ? 501 ASP A CB  1 
ATOM   423 C CG  . ASP A 1 70  ? -3.729  17.562  -3.073  1.00 54.32 ? 501 ASP A CG  1 
ATOM   424 O OD1 . ASP A 1 70  ? -2.794  17.031  -3.798  1.00 58.84 ? 501 ASP A OD1 1 
ATOM   425 O OD2 . ASP A 1 70  ? -4.767  18.265  -3.550  1.00 53.12 ? 501 ASP A OD2 1 
ATOM   426 N N   . THR A 1 71  ? -4.726  14.347  -1.537  1.00 55.03 ? 502 THR A N   1 
ATOM   427 C CA  . THR A 1 71  ? -5.504  13.391  -2.262  1.00 56.01 ? 502 THR A CA  1 
ATOM   428 C C   . THR A 1 71  ? -5.923  13.965  -3.626  1.00 56.82 ? 502 THR A C   1 
ATOM   429 O O   . THR A 1 71  ? -6.840  14.789  -3.773  1.00 58.75 ? 502 THR A O   1 
ATOM   430 C CB  . THR A 1 71  ? -6.687  12.920  -1.419  1.00 57.30 ? 502 THR A CB  1 
ATOM   431 O OG1 . THR A 1 71  ? -6.992  13.910  -0.408  1.00 58.76 ? 502 THR A OG1 1 
ATOM   432 C CG2 . THR A 1 71  ? -6.329  11.638  -0.761  1.00 56.88 ? 502 THR A CG2 1 
ATOM   433 N N   . SER A 1 72  ? -5.055  13.601  -4.549  1.00 57.12 ? 503 SER A N   1 
ATOM   434 C CA  . SER A 1 72  ? -5.104  13.754  -5.989  1.00 55.72 ? 503 SER A CA  1 
ATOM   435 C C   . SER A 1 72  ? -4.549  15.063  -6.577  1.00 54.04 ? 503 SER A C   1 
ATOM   436 O O   . SER A 1 72  ? -5.207  15.869  -7.202  1.00 53.57 ? 503 SER A O   1 
ATOM   437 C CB  . SER A 1 72  ? -6.366  13.220  -6.597  1.00 57.20 ? 503 SER A CB  1 
ATOM   438 O OG  . SER A 1 72  ? -6.016  12.429  -7.734  1.00 59.92 ? 503 SER A OG  1 
ATOM   439 N N   . GLN A 1 73  ? -3.273  15.224  -6.275  1.00 51.95 ? 504 GLN A N   1 
ATOM   440 C CA  . GLN A 1 73  ? -2.223  15.397  -7.259  1.00 50.21 ? 504 GLN A CA  1 
ATOM   441 C C   . GLN A 1 73  ? -1.814  13.957  -7.587  1.00 49.19 ? 504 GLN A C   1 
ATOM   442 O O   . GLN A 1 73  ? -1.617  13.120  -6.638  1.00 47.66 ? 504 GLN A O   1 
ATOM   443 C CB  . GLN A 1 73  ? -0.984  16.059  -6.632  1.00 50.43 ? 504 GLN A CB  1 
ATOM   444 C CG  . GLN A 1 73  ? -1.179  17.463  -6.159  1.00 51.07 ? 504 GLN A CG  1 
ATOM   445 C CD  . GLN A 1 73  ? -1.080  18.482  -7.283  1.00 51.10 ? 504 GLN A CD  1 
ATOM   446 O OE1 . GLN A 1 73  ? -0.524  18.207  -8.362  1.00 51.22 ? 504 GLN A OE1 1 
ATOM   447 N NE2 . GLN A 1 73  ? -1.613  19.675  -7.030  1.00 53.32 ? 504 GLN A NE2 1 
ATOM   448 N N   . PRO A 1 74  ? -1.651  13.607  -8.877  1.00 47.74 ? 505 PRO A N   1 
ATOM   449 C CA  . PRO A 1 74  ? -0.985  12.294  -9.114  1.00 48.43 ? 505 PRO A CA  1 
ATOM   450 C C   . PRO A 1 74  ? 0.481   12.116  -8.588  1.00 48.37 ? 505 PRO A C   1 
ATOM   451 O O   . PRO A 1 74  ? 1.178   13.109  -8.302  1.00 46.49 ? 505 PRO A O   1 
ATOM   452 C CB  . PRO A 1 74  ? -1.038  12.132  -10.640 1.00 48.72 ? 505 PRO A CB  1 
ATOM   453 C CG  . PRO A 1 74  ? -2.128  13.027  -11.089 1.00 48.76 ? 505 PRO A CG  1 
ATOM   454 C CD  . PRO A 1 74  ? -2.100  14.221  -10.148 1.00 49.62 ? 505 PRO A CD  1 
ATOM   455 N N   . TYR A 1 75  ? 0.912   10.858  -8.468  1.00 47.25 ? 506 TYR A N   1 
ATOM   456 C CA  . TYR A 1 75  ? 2.267   10.525  -7.936  1.00 48.98 ? 506 TYR A CA  1 
ATOM   457 C C   . TYR A 1 75  ? 3.376   11.369  -8.606  1.00 48.54 ? 506 TYR A C   1 
ATOM   458 O O   . TYR A 1 75  ? 3.339   11.584  -9.810  1.00 47.06 ? 506 TYR A O   1 
ATOM   459 C CB  . TYR A 1 75  ? 2.594   9.021   -8.100  1.00 48.32 ? 506 TYR A CB  1 
ATOM   460 C CG  . TYR A 1 75  ? 4.022   8.720   -7.643  1.00 48.39 ? 506 TYR A CG  1 
ATOM   461 C CD1 . TYR A 1 75  ? 4.318   8.606   -6.296  1.00 50.82 ? 506 TYR A CD1 1 
ATOM   462 C CD2 . TYR A 1 75  ? 5.077   8.682   -8.564  1.00 50.55 ? 506 TYR A CD2 1 
ATOM   463 C CE1 . TYR A 1 75  ? 5.646   8.357   -5.853  1.00 50.56 ? 506 TYR A CE1 1 
ATOM   464 C CE2 . TYR A 1 75  ? 6.415   8.459   -8.136  1.00 49.22 ? 506 TYR A CE2 1 
ATOM   465 C CZ  . TYR A 1 75  ? 6.681   8.318   -6.796  1.00 51.91 ? 506 TYR A CZ  1 
ATOM   466 O OH  . TYR A 1 75  ? 7.985   8.099   -6.374  1.00 50.76 ? 506 TYR A OH  1 
ATOM   467 N N   . SER A 1 76  ? 4.361   11.830  -7.826  1.00 49.41 ? 507 SER A N   1 
ATOM   468 C CA  . SER A 1 76  ? 5.588   12.489  -8.378  1.00 49.26 ? 507 SER A CA  1 
ATOM   469 C C   . SER A 1 76  ? 6.812   12.286  -7.454  1.00 49.67 ? 507 SER A C   1 
ATOM   470 O O   . SER A 1 76  ? 6.648   12.054  -6.230  1.00 49.49 ? 507 SER A O   1 
ATOM   471 C CB  . SER A 1 76  ? 5.365   13.989  -8.609  1.00 50.53 ? 507 SER A CB  1 
ATOM   472 O OG  . SER A 1 76  ? 5.767   14.789  -7.491  1.00 51.02 ? 507 SER A OG  1 
ATOM   473 N N   . ASP A 1 82  ? 9.184   8.989   -3.771  1.00 52.12 ? 513 ASP A N   1 
ATOM   474 C CA  . ASP A 1 82  ? 9.790   7.634   -3.603  1.00 52.75 ? 513 ASP A CA  1 
ATOM   475 C C   . ASP A 1 82  ? 9.020   6.501   -2.863  1.00 51.59 ? 513 ASP A C   1 
ATOM   476 O O   . ASP A 1 82  ? 8.839   6.533   -1.618  1.00 51.36 ? 513 ASP A O   1 
ATOM   477 C CB  . ASP A 1 82  ? 11.113  7.783   -2.937  1.00 53.60 ? 513 ASP A CB  1 
ATOM   478 C CG  . ASP A 1 82  ? 12.151  6.892   -3.564  1.00 57.74 ? 513 ASP A CG  1 
ATOM   479 O OD1 . ASP A 1 82  ? 12.297  5.747   -3.053  1.00 63.11 ? 513 ASP A OD1 1 
ATOM   480 O OD2 . ASP A 1 82  ? 12.762  7.324   -4.582  1.00 57.14 ? 513 ASP A OD2 1 
ATOM   481 N N   . LEU A 1 83  ? 8.662   5.434   -3.589  1.00 49.46 ? 514 LEU A N   1 
ATOM   482 C CA  . LEU A 1 83  ? 7.669   4.488   -3.055  1.00 48.52 ? 514 LEU A CA  1 
ATOM   483 C C   . LEU A 1 83  ? 8.246   3.184   -2.540  1.00 47.22 ? 514 LEU A C   1 
ATOM   484 O O   . LEU A 1 83  ? 9.204   2.664   -3.081  1.00 48.62 ? 514 LEU A O   1 
ATOM   485 C CB  . LEU A 1 83  ? 6.604   4.100   -4.089  1.00 47.06 ? 514 LEU A CB  1 
ATOM   486 C CG  . LEU A 1 83  ? 5.887   5.249   -4.733  1.00 46.10 ? 514 LEU A CG  1 
ATOM   487 C CD1 . LEU A 1 83  ? 5.135   4.690   -5.961  1.00 49.08 ? 514 LEU A CD1 1 
ATOM   488 C CD2 . LEU A 1 83  ? 4.972   5.883   -3.762  1.00 47.62 ? 514 LEU A CD2 1 
ATOM   489 N N   . ALA A 1 84  ? 7.663   2.710   -1.450  1.00 47.20 ? 515 ALA A N   1 
ATOM   490 C CA  . ALA A 1 84  ? 7.861   1.339   -0.973  1.00 46.52 ? 515 ALA A CA  1 
ATOM   491 C C   . ALA A 1 84  ? 6.651   0.499   -1.328  1.00 45.71 ? 515 ALA A C   1 
ATOM   492 O O   . ALA A 1 84  ? 5.543   0.819   -0.977  1.00 48.15 ? 515 ALA A O   1 
ATOM   493 C CB  . ALA A 1 84  ? 8.063   1.325   0.512   1.00 46.47 ? 515 ALA A CB  1 
ATOM   494 N N   . PHE A 1 85  ? 6.873   -0.594  -2.030  1.00 47.00 ? 516 PHE A N   1 
ATOM   495 C CA  . PHE A 1 85  ? 5.769   -1.476  -2.407  1.00 46.59 ? 516 PHE A CA  1 
ATOM   496 C C   . PHE A 1 85  ? 5.395   -2.466  -1.343  1.00 46.64 ? 516 PHE A C   1 
ATOM   497 O O   . PHE A 1 85  ? 6.268   -3.067  -0.686  1.00 45.86 ? 516 PHE A O   1 
ATOM   498 C CB  . PHE A 1 85  ? 6.133   -2.234  -3.695  1.00 47.54 ? 516 PHE A CB  1 
ATOM   499 C CG  . PHE A 1 85  ? 6.229   -1.330  -4.887  1.00 48.22 ? 516 PHE A CG  1 
ATOM   500 C CD1 . PHE A 1 85  ? 5.113   -0.691  -5.361  1.00 48.59 ? 516 PHE A CD1 1 
ATOM   501 C CD2 . PHE A 1 85  ? 7.443   -1.097  -5.498  1.00 50.81 ? 516 PHE A CD2 1 
ATOM   502 C CE1 . PHE A 1 85  ? 5.206   0.160   -6.461  1.00 49.39 ? 516 PHE A CE1 1 
ATOM   503 C CE2 . PHE A 1 85  ? 7.533   -0.248  -6.572  1.00 49.26 ? 516 PHE A CE2 1 
ATOM   504 C CZ  . PHE A 1 85  ? 6.422   0.379   -7.045  1.00 47.99 ? 516 PHE A CZ  1 
ATOM   505 N N   . MET A 1 86  ? 4.088   -2.662  -1.152  1.00 45.40 ? 517 MET A N   1 
ATOM   506 C CA  . MET A 1 86  ? 3.615   -3.556  -0.108  1.00 47.27 ? 517 MET A CA  1 
ATOM   507 C C   . MET A 1 86  ? 2.192   -4.029  -0.277  1.00 47.28 ? 517 MET A C   1 
ATOM   508 O O   . MET A 1 86  ? 1.400   -3.441  -1.023  1.00 48.31 ? 517 MET A O   1 
ATOM   509 C CB  . MET A 1 86  ? 3.794   -2.936  1.310   1.00 47.51 ? 517 MET A CB  1 
ATOM   510 C CG  . MET A 1 86  ? 2.966   -1.761  1.527   1.00 48.15 ? 517 MET A CG  1 
ATOM   511 S SD  . MET A 1 86  ? 3.401   -0.709  2.906   1.00 49.83 ? 517 MET A SD  1 
ATOM   512 C CE  . MET A 1 86  ? 4.944   0.001   2.254   1.00 48.54 ? 517 MET A CE  1 
ATOM   513 N N   . ASP A 1 87  ? 1.855   -5.074  0.465   1.00 47.10 ? 518 ASP A N   1 
ATOM   514 C CA  . ASP A 1 87  ? 0.445   -5.491  0.589   1.00 47.17 ? 518 ASP A CA  1 
ATOM   515 C C   . ASP A 1 87  ? -0.292  -4.612  1.630   1.00 46.94 ? 518 ASP A C   1 
ATOM   516 O O   . ASP A 1 87  ? 0.041   -4.651  2.809   1.00 47.36 ? 518 ASP A O   1 
ATOM   517 C CB  . ASP A 1 87  ? 0.471   -6.960  1.003   1.00 46.14 ? 518 ASP A CB  1 
ATOM   518 C CG  . ASP A 1 87  ? -0.929  -7.586  1.172   1.00 48.49 ? 518 ASP A CG  1 
ATOM   519 O OD1 . ASP A 1 87  ? -1.992  -6.950  0.911   1.00 47.98 ? 518 ASP A OD1 1 
ATOM   520 O OD2 . ASP A 1 87  ? -0.919  -8.744  1.533   1.00 47.66 ? 518 ASP A OD2 1 
ATOM   521 N N   . MET A 1 88  ? -1.318  -3.847  1.217   1.00 47.83 ? 519 MET A N   1 
ATOM   522 C CA  . MET A 1 88  ? -2.055  -2.985  2.147   1.00 48.70 ? 519 MET A CA  1 
ATOM   523 C C   . MET A 1 88  ? -2.710  -3.782  3.247   1.00 48.86 ? 519 MET A C   1 
ATOM   524 O O   . MET A 1 88  ? -3.004  -3.229  4.292   1.00 48.26 ? 519 MET A O   1 
ATOM   525 C CB  . MET A 1 88  ? -3.143  -2.142  1.450   1.00 48.68 ? 519 MET A CB  1 
ATOM   526 C CG  . MET A 1 88  ? -3.693  -0.890  2.319   1.00 50.40 ? 519 MET A CG  1 
ATOM   527 S SD  . MET A 1 88  ? -4.813  0.023   1.181   1.00 52.13 ? 519 MET A SD  1 
ATOM   528 C CE  . MET A 1 88  ? -4.989  1.560   2.079   1.00 53.29 ? 519 MET A CE  1 
ATOM   529 N N   . LYS A 1 89  ? -2.978  -5.053  3.000   1.00 48.53 ? 520 LYS A N   1 
ATOM   530 C CA  . LYS A 1 89  ? -3.573  -5.859  4.028   1.00 49.50 ? 520 LYS A CA  1 
ATOM   531 C C   . LYS A 1 89  ? -2.624  -6.012  5.189   1.00 47.26 ? 520 LYS A C   1 
ATOM   532 O O   . LYS A 1 89  ? -3.051  -5.855  6.337   1.00 48.02 ? 520 LYS A O   1 
ATOM   533 C CB  . LYS A 1 89  ? -4.012  -7.215  3.505   1.00 50.45 ? 520 LYS A CB  1 
ATOM   534 C CG  . LYS A 1 89  ? -5.302  -7.133  2.685   1.00 57.50 ? 520 LYS A CG  1 
ATOM   535 C CD  . LYS A 1 89  ? -6.475  -6.421  3.409   1.00 61.53 ? 520 LYS A CD  1 
ATOM   536 C CE  . LYS A 1 89  ? -6.894  -7.154  4.704   1.00 63.65 ? 520 LYS A CE  1 
ATOM   537 N NZ  . LYS A 1 89  ? -7.936  -6.419  5.515   1.00 62.25 ? 520 LYS A NZ  1 
ATOM   538 N N   . LYS A 1 90  ? -1.335  -6.216  4.871   1.00 47.05 ? 521 LYS A N   1 
ATOM   539 C CA  . LYS A 1 90  ? -0.283  -6.361  5.867   1.00 46.92 ? 521 LYS A CA  1 
ATOM   540 C C   . LYS A 1 90  ? 0.020   -5.035  6.522   1.00 46.10 ? 521 LYS A C   1 
ATOM   541 O O   . LYS A 1 90  ? 0.192   -4.980  7.719   1.00 47.28 ? 521 LYS A O   1 
ATOM   542 C CB  . LYS A 1 90  ? 1.024   -6.900  5.273   1.00 47.27 ? 521 LYS A CB  1 
ATOM   543 C CG  . LYS A 1 90  ? 0.924   -8.267  4.627   1.00 48.28 ? 521 LYS A CG  1 
ATOM   544 C CD  . LYS A 1 90  ? 0.418   -9.319  5.579   1.00 50.16 ? 521 LYS A CD  1 
ATOM   545 C CE  . LYS A 1 90  ? 0.399   -10.679 4.942   1.00 51.98 ? 521 LYS A CE  1 
ATOM   546 N NZ  . LYS A 1 90  ? 1.752   -11.230 4.579   1.00 54.73 ? 521 LYS A NZ  1 
ATOM   547 N N   . LEU A 1 91  ? 0.006   -3.952  5.720   1.00 45.88 ? 522 LEU A N   1 
ATOM   548 C CA  . LEU A 1 91  ? 0.183   -2.600  6.237   1.00 46.56 ? 522 LEU A CA  1 
ATOM   549 C C   . LEU A 1 91  ? -0.880  -2.226  7.252   1.00 45.75 ? 522 LEU A C   1 
ATOM   550 O O   . LEU A 1 91  ? -0.534  -1.725  8.326   1.00 44.36 ? 522 LEU A O   1 
ATOM   551 C CB  . LEU A 1 91  ? 0.178   -1.552  5.118   1.00 46.54 ? 522 LEU A CB  1 
ATOM   552 C CG  . LEU A 1 91  ? 0.353   -0.124  5.639   1.00 46.30 ? 522 LEU A CG  1 
ATOM   553 C CD1 . LEU A 1 91  ? 1.680   0.093   6.396   1.00 48.15 ? 522 LEU A CD1 1 
ATOM   554 C CD2 . LEU A 1 91  ? 0.150   0.864   4.460   1.00 48.42 ? 522 LEU A CD2 1 
ATOM   555 N N   . ALA A 1 92  ? -2.149  -2.474  6.929   1.00 44.16 ? 523 ALA A N   1 
ATOM   556 C CA  . ALA A 1 92  ? -3.254  -2.189  7.851   1.00 45.60 ? 523 ALA A CA  1 
ATOM   557 C C   . ALA A 1 92  ? -3.142  -2.914  9.198   1.00 45.83 ? 523 ALA A C   1 
ATOM   558 O O   . ALA A 1 92  ? -3.455  -2.351  10.270  1.00 46.81 ? 523 ALA A O   1 
ATOM   559 C CB  . ALA A 1 92  ? -4.556  -2.554  7.181   1.00 46.03 ? 523 ALA A CB  1 
ATOM   560 N N   . GLN A 1 93  ? -2.754  -4.179  9.156   1.00 45.88 ? 524 GLN A N   1 
ATOM   561 C CA  . GLN A 1 93  ? -2.502  -4.976  10.370  1.00 45.78 ? 524 GLN A CA  1 
ATOM   562 C C   . GLN A 1 93  ? -1.387  -4.380  11.205  1.00 45.34 ? 524 GLN A C   1 
ATOM   563 O O   . GLN A 1 93  ? -1.478  -4.351  12.457  1.00 43.41 ? 524 GLN A O   1 
ATOM   564 C CB  . GLN A 1 93  ? -2.166  -6.410  9.954   1.00 45.60 ? 524 GLN A CB  1 
ATOM   565 C CG  . GLN A 1 93  ? -1.880  -7.424  11.032  1.00 47.62 ? 524 GLN A CG  1 
ATOM   566 C CD  . GLN A 1 93  ? -1.553  -8.806  10.443  1.00 48.81 ? 524 GLN A CD  1 
ATOM   567 O OE1 . GLN A 1 93  ? -2.018  -9.134  9.354   1.00 54.87 ? 524 GLN A OE1 1 
ATOM   568 N NE2 . GLN A 1 93  ? -0.741  -9.601  11.153  1.00 52.33 ? 524 GLN A NE2 1 
ATOM   569 N N   . PHE A 1 94  ? -0.308  -3.989  10.529  1.00 45.22 ? 525 PHE A N   1 
ATOM   570 C CA  . PHE A 1 94  ? 0.779   -3.299  11.204  1.00 45.83 ? 525 PHE A CA  1 
ATOM   571 C C   . PHE A 1 94  ? 0.304   -2.001  11.847  1.00 45.34 ? 525 PHE A C   1 
ATOM   572 O O   . PHE A 1 94  ? 0.544   -1.745  13.050  1.00 44.81 ? 525 PHE A O   1 
ATOM   573 C CB  . PHE A 1 94  ? 1.950   -3.093  10.235  1.00 45.55 ? 525 PHE A CB  1 
ATOM   574 C CG  . PHE A 1 94  ? 3.057   -2.266  10.793  1.00 46.11 ? 525 PHE A CG  1 
ATOM   575 C CD1 . PHE A 1 94  ? 4.072   -2.861  11.568  1.00 48.54 ? 525 PHE A CD1 1 
ATOM   576 C CD2 . PHE A 1 94  ? 3.103   -0.892  10.551  1.00 46.32 ? 525 PHE A CD2 1 
ATOM   577 C CE1 . PHE A 1 94  ? 5.112   -2.057  12.091  1.00 48.63 ? 525 PHE A CE1 1 
ATOM   578 C CE2 . PHE A 1 94  ? 4.118   -0.096  11.079  1.00 47.91 ? 525 PHE A CE2 1 
ATOM   579 C CZ  . PHE A 1 94  ? 5.109   -0.684  11.844  1.00 47.73 ? 525 PHE A CZ  1 
ATOM   580 N N   . LEU A 1 95  ? -0.413  -1.188  11.097  1.00 45.39 ? 526 LEU A N   1 
ATOM   581 C CA  . LEU A 1 95  ? -0.811  0.142   11.593  1.00 45.92 ? 526 LEU A CA  1 
ATOM   582 C C   . LEU A 1 95  ? -1.853  0.115   12.687  1.00 45.27 ? 526 LEU A C   1 
ATOM   583 O O   . LEU A 1 95  ? -1.917  1.059   13.530  1.00 46.42 ? 526 LEU A O   1 
ATOM   584 C CB  . LEU A 1 95  ? -1.368  0.949   10.402  1.00 48.18 ? 526 LEU A CB  1 
ATOM   585 C CG  . LEU A 1 95  ? -0.342  1.368   9.354   1.00 47.44 ? 526 LEU A CG  1 
ATOM   586 C CD1 . LEU A 1 95  ? -1.042  2.161   8.213   1.00 46.57 ? 526 LEU A CD1 1 
ATOM   587 C CD2 . LEU A 1 95  ? 0.777   2.177   9.930   1.00 48.11 ? 526 LEU A CD2 1 
ATOM   588 N N   . ALA A 1 96  ? -2.627  -0.965  12.762  1.00 44.92 ? 527 ALA A N   1 
ATOM   589 C CA  . ALA A 1 96  ? -3.642  -1.101  13.831  1.00 45.58 ? 527 ALA A CA  1 
ATOM   590 C C   . ALA A 1 96  ? -2.962  -1.230  15.202  1.00 44.12 ? 527 ALA A C   1 
ATOM   591 O O   . ALA A 1 96  ? -3.475  -0.790  16.253  1.00 45.98 ? 527 ALA A O   1 
ATOM   592 C CB  . ALA A 1 96  ? -4.519  -2.301  13.536  1.00 45.09 ? 527 ALA A CB  1 
ATOM   593 N N   . GLY A 1 97  ? -1.781  -1.827  15.193  1.00 44.61 ? 528 GLY A N   1 
ATOM   594 C CA  . GLY A 1 97  ? -0.960  -1.976  16.394  1.00 45.74 ? 528 GLY A CA  1 
ATOM   595 C C   . GLY A 1 97  ? 0.036   -0.876  16.669  1.00 46.63 ? 528 GLY A C   1 
ATOM   596 O O   . GLY A 1 97  ? 0.444   -0.681  17.823  1.00 46.12 ? 528 GLY A O   1 
ATOM   597 N N   . LYS A 1 98  ? 0.446   -0.171  15.625  1.00 47.53 ? 529 LYS A N   1 
ATOM   598 C CA  . LYS A 1 98  ? 1.452   0.903   15.708  1.00 48.07 ? 529 LYS A CA  1 
ATOM   599 C C   . LYS A 1 98  ? 1.143   1.890   14.587  1.00 47.13 ? 529 LYS A C   1 
ATOM   600 O O   . LYS A 1 98  ? 1.489   1.602   13.463  1.00 45.71 ? 529 LYS A O   1 
ATOM   601 C CB  . LYS A 1 98  ? 2.822   0.255   15.463  1.00 48.64 ? 529 LYS A CB  1 
ATOM   602 C CG  . LYS A 1 98  ? 4.037   0.981   15.922  1.00 52.42 ? 529 LYS A CG  1 
ATOM   603 C CD  . LYS A 1 98  ? 5.308   0.345   15.321  1.00 52.56 ? 529 LYS A CD  1 
ATOM   604 C CE  . LYS A 1 98  ? 6.464   0.430   16.278  1.00 57.27 ? 529 LYS A CE  1 
ATOM   605 N NZ  . LYS A 1 98  ? 7.772   0.234   15.565  1.00 59.33 ? 529 LYS A NZ  1 
ATOM   606 N N   . PRO A 1 99  ? 0.437   3.013   14.872  1.00 46.49 ? 530 PRO A N   1 
ATOM   607 C CA  . PRO A 1 99  ? 0.020   3.895   13.808  1.00 47.19 ? 530 PRO A CA  1 
ATOM   608 C C   . PRO A 1 99  ? 1.119   4.832   13.325  1.00 47.19 ? 530 PRO A C   1 
ATOM   609 O O   . PRO A 1 99  ? 1.087   6.043   13.596  1.00 45.76 ? 530 PRO A O   1 
ATOM   610 C CB  . PRO A 1 99  ? -1.175  4.638   14.405  1.00 46.26 ? 530 PRO A CB  1 
ATOM   611 C CG  . PRO A 1 99  ? -0.875  4.702   15.864  1.00 48.01 ? 530 PRO A CG  1 
ATOM   612 C CD  . PRO A 1 99  ? -0.073  3.461   16.188  1.00 48.79 ? 530 PRO A CD  1 
ATOM   613 N N   . GLU A 1 100 ? 2.098   4.251   12.659  1.00 46.68 ? 531 GLU A N   1 
ATOM   614 C CA  . GLU A 1 100 ? 3.289   4.979   12.263  1.00 48.62 ? 531 GLU A CA  1 
ATOM   615 C C   . GLU A 1 100 ? 3.821   4.397   10.967  1.00 47.53 ? 531 GLU A C   1 
ATOM   616 O O   . GLU A 1 100 ? 3.711   3.195   10.681  1.00 47.30 ? 531 GLU A O   1 
ATOM   617 C CB  . GLU A 1 100 ? 4.292   5.031   13.378  1.00 49.07 ? 531 GLU A CB  1 
ATOM   618 C CG  . GLU A 1 100 ? 5.251   3.919   13.427  1.00 52.53 ? 531 GLU A CG  1 
ATOM   619 C CD  . GLU A 1 100 ? 6.160   3.985   14.639  1.00 54.52 ? 531 GLU A CD  1 
ATOM   620 O OE1 . GLU A 1 100 ? 6.069   4.943   15.454  1.00 59.83 ? 531 GLU A OE1 1 
ATOM   621 O OE2 . GLU A 1 100 ? 7.015   3.073   14.770  1.00 64.07 ? 531 GLU A OE2 1 
ATOM   622 N N   . HIS A 1 101 ? 4.287   5.280   10.121  1.00 46.67 ? 532 HIS A N   1 
ATOM   623 C CA  . HIS A 1 101 ? 4.774   4.848   8.836   1.00 45.90 ? 532 HIS A CA  1 
ATOM   624 C C   . HIS A 1 101 ? 5.923   3.821   9.081   1.00 44.17 ? 532 HIS A C   1 
ATOM   625 O O   . HIS A 1 101 ? 6.810   4.012   9.889   1.00 46.13 ? 532 HIS A O   1 
ATOM   626 C CB  . HIS A 1 101 ? 5.204   6.096   8.083   1.00 45.28 ? 532 HIS A CB  1 
ATOM   627 C CG  . HIS A 1 101 ? 5.713   5.817   6.708   1.00 45.23 ? 532 HIS A CG  1 
ATOM   628 N ND1 . HIS A 1 101 ? 5.215   6.425   5.576   1.00 46.73 ? 532 HIS A ND1 1 
ATOM   629 C CD2 . HIS A 1 101 ? 6.753   5.058   6.307   1.00 45.52 ? 532 HIS A CD2 1 
ATOM   630 C CE1 . HIS A 1 101 ? 5.886   5.989   4.526   1.00 43.77 ? 532 HIS A CE1 1 
ATOM   631 N NE2 . HIS A 1 101 ? 6.845   5.177   4.945   1.00 48.98 ? 532 HIS A NE2 1 
ATOM   632 N N   . PRO A 1 102 ? 5.861   2.709   8.409   1.00 44.54 ? 533 PRO A N   1 
ATOM   633 C CA  . PRO A 1 102 ? 6.806   1.627   8.683   1.00 46.11 ? 533 PRO A CA  1 
ATOM   634 C C   . PRO A 1 102 ? 8.270   1.978   8.392   1.00 46.32 ? 533 PRO A C   1 
ATOM   635 O O   . PRO A 1 102 ? 9.172   1.298   8.946   1.00 45.08 ? 533 PRO A O   1 
ATOM   636 C CB  . PRO A 1 102 ? 6.299   0.530   7.753   1.00 46.06 ? 533 PRO A CB  1 
ATOM   637 C CG  . PRO A 1 102 ? 5.615   1.204   6.673   1.00 46.24 ? 533 PRO A CG  1 
ATOM   638 C CD  . PRO A 1 102 ? 4.900   2.309   7.363   1.00 45.49 ? 533 PRO A CD  1 
ATOM   639 N N   . MET A 1 103 ? 8.530   3.008   7.558   1.00 45.91 ? 534 MET A N   1 
ATOM   640 C CA  . MET A 1 103 ? 9.911   3.503   7.366   1.00 47.98 ? 534 MET A CA  1 
ATOM   641 C C   . MET A 1 103 ? 10.278  4.849   8.001   1.00 46.93 ? 534 MET A C   1 
ATOM   642 O O   . MET A 1 103 ? 11.380  4.986   8.449   1.00 45.74 ? 534 MET A O   1 
ATOM   643 C CB  . MET A 1 103 ? 10.325  3.429   5.905   1.00 48.55 ? 534 MET A CB  1 
ATOM   644 C CG  . MET A 1 103 ? 10.390  1.916   5.470   1.00 53.25 ? 534 MET A CG  1 
ATOM   645 S SD  . MET A 1 103 ? 10.360  1.696   3.674   1.00 56.38 ? 534 MET A SD  1 
ATOM   646 C CE  . MET A 1 103 ? 11.719  2.754   3.160   1.00 58.29 ? 534 MET A CE  1 
ATOM   647 N N   . THR A 1 104 ? 9.385   5.844   7.985   1.00 45.52 ? 535 THR A N   1 
ATOM   648 C CA  . THR A 1 104 ? 9.719   7.193   8.495   1.00 46.02 ? 535 THR A CA  1 
ATOM   649 C C   . THR A 1 104 ? 9.282   7.340   9.933   1.00 46.22 ? 535 THR A C   1 
ATOM   650 O O   . THR A 1 104 ? 9.733   8.273   10.644  1.00 45.32 ? 535 THR A O   1 
ATOM   651 C CB  . THR A 1 104 ? 9.030   8.258   7.710   1.00 45.85 ? 535 THR A CB  1 
ATOM   652 O OG1 . THR A 1 104 ? 7.615   8.137   7.901   1.00 43.15 ? 535 THR A OG1 1 
ATOM   653 C CG2 . THR A 1 104 ? 9.348   8.104   6.237   1.00 46.60 ? 535 THR A CG2 1 
ATOM   654 N N   . ARG A 1 105 ? 8.367   6.462   10.347  1.00 46.73 ? 536 ARG A N   1 
ATOM   655 C CA  . ARG A 1 105 ? 7.741   6.525   11.644  1.00 48.59 ? 536 ARG A CA  1 
ATOM   656 C C   . ARG A 1 105 ? 6.873   7.751   11.906  1.00 48.30 ? 536 ARG A C   1 
ATOM   657 O O   . ARG A 1 105 ? 6.456   7.982   13.024  1.00 48.90 ? 536 ARG A O   1 
ATOM   658 C CB  . ARG A 1 105 ? 8.762   6.385   12.745  1.00 48.61 ? 536 ARG A CB  1 
ATOM   659 C CG  . ARG A 1 105 ? 9.505   5.098   12.696  1.00 51.75 ? 536 ARG A CG  1 
ATOM   660 C CD  . ARG A 1 105 ? 10.263  4.893   14.004  1.00 52.19 ? 536 ARG A CD  1 
ATOM   661 N NE  . ARG A 1 105 ? 9.361   4.941   15.174  1.00 54.67 ? 536 ARG A NE  1 
ATOM   662 C CZ  . ARG A 1 105 ? 9.757   4.988   16.448  1.00 55.56 ? 536 ARG A CZ  1 
ATOM   663 N NH1 . ARG A 1 105 ? 11.041  4.980   16.763  1.00 57.04 ? 536 ARG A NH1 1 
ATOM   664 N NH2 . ARG A 1 105 ? 8.855   5.045   17.421  1.00 57.07 ? 536 ARG A NH2 1 
ATOM   665 N N   . GLU A 1 106 ? 6.495   8.468   10.850  1.00 49.21 ? 537 GLU A N   1 
ATOM   666 C CA  . GLU A 1 106 ? 5.559   9.564   10.990  1.00 49.03 ? 537 GLU A CA  1 
ATOM   667 C C   . GLU A 1 106 ? 4.170   8.978   11.127  1.00 48.32 ? 537 GLU A C   1 
ATOM   668 O O   . GLU A 1 106 ? 3.905   7.881   10.620  1.00 47.97 ? 537 GLU A O   1 
ATOM   669 C CB  . GLU A 1 106 ? 5.645   10.510  9.799   1.00 49.67 ? 537 GLU A CB  1 
ATOM   670 C CG  . GLU A 1 106 ? 7.071   11.053  9.549   1.00 52.91 ? 537 GLU A CG  1 
ATOM   671 C CD  . GLU A 1 106 ? 7.667   11.800  10.749  1.00 57.78 ? 537 GLU A CD  1 
ATOM   672 O OE1 . GLU A 1 106 ? 6.885   12.354  11.558  1.00 60.69 ? 537 GLU A OE1 1 
ATOM   673 O OE2 . GLU A 1 106 ? 8.933   11.857  10.883  1.00 60.84 ? 537 GLU A OE2 1 
ATOM   674 N N   . THR A 1 107 ? 3.293   9.684   11.839  1.00 47.64 ? 538 THR A N   1 
ATOM   675 C CA  . THR A 1 107 ? 1.934   9.174   12.096  1.00 47.92 ? 538 THR A CA  1 
ATOM   676 C C   . THR A 1 107 ? 1.290   8.763   10.794  1.00 48.02 ? 538 THR A C   1 
ATOM   677 O O   . THR A 1 107 ? 1.272   9.538   9.834   1.00 47.72 ? 538 THR A O   1 
ATOM   678 C CB  . THR A 1 107 ? 1.027   10.221  12.749  1.00 47.83 ? 538 THR A CB  1 
ATOM   679 O OG1 . THR A 1 107 ? 1.626   10.702  13.960  1.00 48.18 ? 538 THR A OG1 1 
ATOM   680 C CG2 . THR A 1 107 ? -0.357  9.620   13.031  1.00 48.10 ? 538 THR A CG2 1 
ATOM   681 N N   . LEU A 1 108 ? 0.733   7.562   10.776  1.00 47.87 ? 539 LEU A N   1 
ATOM   682 C CA  . LEU A 1 108 ? 0.043   6.993   9.604   1.00 47.72 ? 539 LEU A CA  1 
ATOM   683 C C   . LEU A 1 108 ? -1.124  6.141   10.117  1.00 47.57 ? 539 LEU A C   1 
ATOM   684 O O   . LEU A 1 108 ? -0.947  5.234   10.922  1.00 46.48 ? 539 LEU A O   1 
ATOM   685 C CB  . LEU A 1 108 ? 0.988   6.141   8.786   1.00 46.17 ? 539 LEU A CB  1 
ATOM   686 C CG  . LEU A 1 108 ? 0.501   5.671   7.405   1.00 46.85 ? 539 LEU A CG  1 
ATOM   687 C CD1 . LEU A 1 108 ? 0.376   6.838   6.482   1.00 49.53 ? 539 LEU A CD1 1 
ATOM   688 C CD2 . LEU A 1 108 ? 1.450   4.699   6.820   1.00 48.85 ? 539 LEU A CD2 1 
ATOM   689 N N   . ASN A 1 109 ? -2.317  6.460   9.641   1.00 48.32 ? 540 ASN A N   1 
ATOM   690 C CA  . ASN A 1 109 ? -3.579  5.882   10.139  1.00 47.82 ? 540 ASN A CA  1 
ATOM   691 C C   . ASN A 1 109 ? -4.660  6.042   9.053   1.00 47.66 ? 540 ASN A C   1 
ATOM   692 O O   . ASN A 1 109 ? -4.350  6.457   7.911   1.00 47.31 ? 540 ASN A O   1 
ATOM   693 C CB  . ASN A 1 109 ? -3.956  6.566   11.495  1.00 48.14 ? 540 ASN A CB  1 
ATOM   694 C CG  . ASN A 1 109 ? -4.033  8.075   11.400  1.00 47.37 ? 540 ASN A CG  1 
ATOM   695 O OD1 . ASN A 1 109 ? -4.248  8.620   10.323  1.00 49.06 ? 540 ASN A OD1 1 
ATOM   696 N ND2 . ASN A 1 109 ? -3.822  8.787   12.546  1.00 48.21 ? 540 ASN A ND2 1 
ATOM   697 N N   . ALA A 1 110 ? -5.907  5.668   9.379   1.00 47.24 ? 541 ALA A N   1 
ATOM   698 C CA  . ALA A 1 110 ? -7.053  5.791   8.440   1.00 47.02 ? 541 ALA A CA  1 
ATOM   699 C C   . ALA A 1 110 ? -7.220  7.191   7.944   1.00 47.28 ? 541 ALA A C   1 
ATOM   700 O O   . ALA A 1 110 ? -7.604  7.430   6.800   1.00 48.06 ? 541 ALA A O   1 
ATOM   701 C CB  . ALA A 1 110 ? -8.368  5.323   9.085   1.00 47.75 ? 541 ALA A CB  1 
ATOM   702 N N   . GLU A 1 111 ? -6.935  8.154   8.825   1.00 47.58 ? 542 GLU A N   1 
ATOM   703 C CA  . GLU A 1 111 ? -7.157  9.517   8.520   1.00 47.47 ? 542 GLU A CA  1 
ATOM   704 C C   . GLU A 1 111 ? -6.308  10.003  7.338   1.00 47.39 ? 542 GLU A C   1 
ATOM   705 O O   . GLU A 1 111 ? -6.796  10.772  6.530   1.00 48.86 ? 542 GLU A O   1 
ATOM   706 C CB  . GLU A 1 111 ? -6.893  10.357  9.780   1.00 48.24 ? 542 GLU A CB  1 
ATOM   707 C CG  . GLU A 1 111 ? -7.903  10.201  10.890  1.00 51.96 ? 542 GLU A CG  1 
ATOM   708 C CD  . GLU A 1 111 ? -8.120  8.773   11.462  1.00 55.85 ? 542 GLU A CD  1 
ATOM   709 O OE1 . GLU A 1 111 ? -7.145  8.050   11.721  1.00 55.73 ? 542 GLU A OE1 1 
ATOM   710 O OE2 . GLU A 1 111 ? -9.311  8.399   11.716  1.00 60.78 ? 542 GLU A OE2 1 
ATOM   711 N N   . ASN A 1 112 ? -5.046  9.596   7.233   1.00 46.82 ? 543 ASN A N   1 
ATOM   712 C CA  . ASN A 1 112 ? -4.161  10.135  6.191   1.00 47.42 ? 543 ASN A CA  1 
ATOM   713 C C   . ASN A 1 112 ? -3.573  9.109   5.198   1.00 47.36 ? 543 ASN A C   1 
ATOM   714 O O   . ASN A 1 112 ? -2.763  9.456   4.339   1.00 46.20 ? 543 ASN A O   1 
ATOM   715 C CB  . ASN A 1 112 ? -3.016  10.935  6.833   1.00 47.54 ? 543 ASN A CB  1 
ATOM   716 C CG  . ASN A 1 112 ? -1.999  10.054  7.587   1.00 48.98 ? 543 ASN A CG  1 
ATOM   717 O OD1 . ASN A 1 112 ? -2.230  8.869   7.852   1.00 49.52 ? 543 ASN A OD1 1 
ATOM   718 N ND2 . ASN A 1 112 ? -0.853  10.660  7.941   1.00 49.16 ? 543 ASN A ND2 1 
ATOM   719 N N   . ILE A 1 113 ? -3.994  7.839   5.252   1.00 47.76 ? 544 ILE A N   1 
ATOM   720 C CA  . ILE A 1 113 ? -3.323  6.819   4.407   1.00 46.58 ? 544 ILE A CA  1 
ATOM   721 C C   . ILE A 1 113 ? -3.432  7.175   2.905   1.00 47.18 ? 544 ILE A C   1 
ATOM   722 O O   . ILE A 1 113 ? -2.506  6.940   2.115   1.00 46.58 ? 544 ILE A O   1 
ATOM   723 C CB  . ILE A 1 113 ? -3.909  5.400   4.698   1.00 47.52 ? 544 ILE A CB  1 
ATOM   724 C CG1 . ILE A 1 113 ? -3.190  4.340   3.871   1.00 48.06 ? 544 ILE A CG1 1 
ATOM   725 C CG2 . ILE A 1 113 ? -5.375  5.362   4.438   1.00 45.46 ? 544 ILE A CG2 1 
ATOM   726 C CD1 . ILE A 1 113 ? -1.751  4.203   4.176   1.00 50.07 ? 544 ILE A CD1 1 
ATOM   727 N N   . ALA A 1 114 ? -4.527  7.812   2.515   1.00 46.42 ? 545 ALA A N   1 
ATOM   728 C CA  . ALA A 1 114 ? -4.764  8.060   1.085   1.00 47.15 ? 545 ALA A CA  1 
ATOM   729 C C   . ALA A 1 114 ? -3.801  9.131   0.536   1.00 46.87 ? 545 ALA A C   1 
ATOM   730 O O   . ALA A 1 114 ? -3.597  9.200   -0.666  1.00 47.86 ? 545 ALA A O   1 
ATOM   731 C CB  . ALA A 1 114 ? -6.155  8.467   0.846   1.00 48.00 ? 545 ALA A CB  1 
ATOM   732 N N   . LYS A 1 115 ? -3.192  9.890   1.439   1.00 47.12 ? 546 LYS A N   1 
ATOM   733 C CA  . LYS A 1 115 ? -2.171  10.900  1.087   1.00 46.90 ? 546 LYS A CA  1 
ATOM   734 C C   . LYS A 1 115 ? -0.812  10.238  0.842   1.00 46.30 ? 546 LYS A C   1 
ATOM   735 O O   . LYS A 1 115 ? 0.112   10.869  0.228   1.00 47.43 ? 546 LYS A O   1 
ATOM   736 C CB  . LYS A 1 115 ? -2.044  11.927  2.211   1.00 46.62 ? 546 LYS A CB  1 
ATOM   737 C CG  . LYS A 1 115 ? -3.311  12.694  2.519   1.00 47.62 ? 546 LYS A CG  1 
ATOM   738 C CD  . LYS A 1 115 ? -3.099  13.720  3.627   1.00 49.41 ? 546 LYS A CD  1 
ATOM   739 C CE  . LYS A 1 115 ? -4.461  14.103  4.290   1.00 51.10 ? 546 LYS A CE  1 
ATOM   740 N NZ  . LYS A 1 115 ? -4.296  15.080  5.431   1.00 54.39 ? 546 LYS A NZ  1 
ATOM   741 N N   . TYR A 1 116 ? -0.677  8.988   1.289   1.00 46.62 ? 547 TYR A N   1 
ATOM   742 C CA  . TYR A 1 116 ? 0.563   8.298   1.131   1.00 46.64 ? 547 TYR A CA  1 
ATOM   743 C C   . TYR A 1 116 ? 0.493   7.120   0.210   1.00 45.68 ? 547 TYR A C   1 
ATOM   744 O O   . TYR A 1 116 ? 1.531   6.772   -0.310  1.00 44.99 ? 547 TYR A O   1 
ATOM   745 C CB  . TYR A 1 116 ? 1.073   7.767   2.489   1.00 46.96 ? 547 TYR A CB  1 
ATOM   746 C CG  . TYR A 1 116 ? 1.593   8.783   3.471   1.00 45.50 ? 547 TYR A CG  1 
ATOM   747 C CD1 . TYR A 1 116 ? 2.956   8.982   3.613   1.00 46.91 ? 547 TYR A CD1 1 
ATOM   748 C CD2 . TYR A 1 116 ? 0.754   9.425   4.362   1.00 46.20 ? 547 TYR A CD2 1 
ATOM   749 C CE1 . TYR A 1 116 ? 3.451   9.830   4.507   1.00 46.88 ? 547 TYR A CE1 1 
ATOM   750 C CE2 . TYR A 1 116 ? 1.259   10.289  5.317   1.00 48.99 ? 547 TYR A CE2 1 
ATOM   751 C CZ  . TYR A 1 116 ? 2.630   10.478  5.365   1.00 51.12 ? 547 TYR A CZ  1 
ATOM   752 O OH  . TYR A 1 116 ? 3.212   11.308  6.269   1.00 51.50 ? 547 TYR A OH  1 
ATOM   753 N N   . ALA A 1 117 ? -0.665  6.451   0.094   1.00 46.34 ? 548 ALA A N   1 
ATOM   754 C CA  . ALA A 1 117 ? -0.753  5.138   -0.590  1.00 44.47 ? 548 ALA A CA  1 
ATOM   755 C C   . ALA A 1 117 ? -1.337  5.272   -2.003  1.00 45.61 ? 548 ALA A C   1 
ATOM   756 O O   . ALA A 1 117 ? -2.273  6.050   -2.227  1.00 43.74 ? 548 ALA A O   1 
ATOM   757 C CB  . ALA A 1 117 ? -1.557  4.148   0.217   1.00 45.85 ? 548 ALA A CB  1 
ATOM   758 N N   . PHE A 1 118 ? -0.747  4.510   -2.925  1.00 44.93 ? 549 PHE A N   1 
ATOM   759 C CA  . PHE A 1 118 ? -1.157  4.483   -4.349  1.00 45.31 ? 549 PHE A CA  1 
ATOM   760 C C   . PHE A 1 118 ? -1.467  3.039   -4.694  1.00 45.13 ? 549 PHE A C   1 
ATOM   761 O O   . PHE A 1 118 ? -0.689  2.139   -4.373  1.00 44.92 ? 549 PHE A O   1 
ATOM   762 C CB  . PHE A 1 118 ? -0.012  4.998   -5.200  1.00 44.98 ? 549 PHE A CB  1 
ATOM   763 C CG  . PHE A 1 118 ? 0.255   6.432   -4.966  1.00 46.00 ? 549 PHE A CG  1 
ATOM   764 C CD1 . PHE A 1 118 ? -0.401  7.386   -5.722  1.00 44.28 ? 549 PHE A CD1 1 
ATOM   765 C CD2 . PHE A 1 118 ? 1.106   6.845   -3.950  1.00 44.18 ? 549 PHE A CD2 1 
ATOM   766 C CE1 . PHE A 1 118 ? -0.202  8.731   -5.498  1.00 44.58 ? 549 PHE A CE1 1 
ATOM   767 C CE2 . PHE A 1 118 ? 1.307   8.199   -3.703  1.00 42.63 ? 549 PHE A CE2 1 
ATOM   768 C CZ  . PHE A 1 118 ? 0.650   9.145   -4.490  1.00 45.63 ? 549 PHE A CZ  1 
ATOM   769 N N   . ARG A 1 119 ? -2.660  2.775   -5.213  1.00 44.06 ? 550 ARG A N   1 
ATOM   770 C CA  . ARG A 1 119 ? -3.009  1.444   -5.688  1.00 44.46 ? 550 ARG A CA  1 
ATOM   771 C C   . ARG A 1 119 ? -2.410  1.139   -7.065  1.00 45.85 ? 550 ARG A C   1 
ATOM   772 O O   . ARG A 1 119 ? -2.540  1.936   -8.007  1.00 44.24 ? 550 ARG A O   1 
ATOM   773 C CB  . ARG A 1 119 ? -4.546  1.312   -5.703  1.00 44.85 ? 550 ARG A CB  1 
ATOM   774 C CG  . ARG A 1 119 ? -5.015  0.064   -6.330  1.00 44.43 ? 550 ARG A CG  1 
ATOM   775 C CD  . ARG A 1 119 ? -6.449  -0.194  -6.004  1.00 47.57 ? 550 ARG A CD  1 
ATOM   776 N NE  . ARG A 1 119 ? -7.302  0.629   -6.788  1.00 47.61 ? 550 ARG A NE  1 
ATOM   777 C CZ  . ARG A 1 119 ? -7.775  0.345   -8.001  1.00 50.42 ? 550 ARG A CZ  1 
ATOM   778 N NH1 . ARG A 1 119 ? -7.509  -0.812  -8.639  1.00 53.16 ? 550 ARG A NH1 1 
ATOM   779 N NH2 . ARG A 1 119 ? -8.537  1.235   -8.607  1.00 46.26 ? 550 ARG A NH2 1 
ATOM   780 N N   . ILE A 1 120 ? -1.706  -0.006  -7.178  1.00 45.62 ? 551 ILE A N   1 
ATOM   781 C CA  . ILE A 1 120 ? -1.086  -0.362  -8.444  1.00 46.89 ? 551 ILE A CA  1 
ATOM   782 C C   . ILE A 1 120 ? -2.076  -1.171  -9.297  1.00 47.24 ? 551 ILE A C   1 
ATOM   783 O O   . ILE A 1 120 ? -2.620  -2.188  -8.846  1.00 46.82 ? 551 ILE A O   1 
ATOM   784 C CB  . ILE A 1 120 ? 0.226   -1.132  -8.252  1.00 46.78 ? 551 ILE A CB  1 
ATOM   785 C CG1 . ILE A 1 120 ? 1.120   -0.450  -7.208  1.00 46.66 ? 551 ILE A CG1 1 
ATOM   786 C CG2 . ILE A 1 120 ? 0.985   -1.247  -9.586  1.00 45.94 ? 551 ILE A CG2 1 
ATOM   787 C CD1 . ILE A 1 120 ? 1.253   1.057   -7.378  1.00 47.75 ? 551 ILE A CD1 1 
ATOM   788 N N   . VAL A 1 121 ? -2.317  -0.675  -10.500 1.00 47.16 ? 552 VAL A N   1 
ATOM   789 C CA  . VAL A 1 121 ? -3.243  -1.274  -11.457 1.00 47.76 ? 552 VAL A CA  1 
ATOM   790 C C   . VAL A 1 121 ? -2.520  -1.736  -12.726 1.00 47.79 ? 552 VAL A C   1 
ATOM   791 O O   . VAL A 1 121 ? -1.408  -1.289  -13.024 1.00 47.63 ? 552 VAL A O   1 
ATOM   792 C CB  . VAL A 1 121 ? -4.361  -0.281  -11.860 1.00 47.83 ? 552 VAL A CB  1 
ATOM   793 C CG1 . VAL A 1 121 ? -5.135  0.182   -10.621 1.00 46.53 ? 552 VAL A CG1 1 
ATOM   794 C CG2 . VAL A 1 121 ? -3.802  0.924   -12.617 1.00 47.11 ? 552 VAL A CG2 1 
ATOM   795 N N   . PRO A 1 122 ? -3.131  -2.670  -13.463 1.00 48.66 ? 553 PRO A N   1 
ATOM   796 C CA  . PRO A 1 122 ? -2.597  -3.002  -14.796 1.00 48.55 ? 553 PRO A CA  1 
ATOM   797 C C   . PRO A 1 122 ? -2.667  -1.842  -15.817 1.00 50.22 ? 553 PRO A C   1 
ATOM   798 O O   . PRO A 1 122 ? -3.525  -0.945  -15.690 1.00 51.15 ? 553 PRO A O   1 
ATOM   799 C CB  . PRO A 1 122 ? -3.476  -4.173  -15.246 1.00 48.59 ? 553 PRO A CB  1 
ATOM   800 C CG  . PRO A 1 122 ? -4.201  -4.647  -14.060 1.00 48.29 ? 553 PRO A CG  1 
ATOM   801 C CD  . PRO A 1 122 ? -4.313  -3.481  -13.128 1.00 48.39 ? 553 PRO A CD  1 
HETATM 802 O O   . HOH B 2 .   ? -4.040  8.019   -2.735  1.00 40.04 ? 1   HOH A O   1 
HETATM 803 O O   . HOH B 2 .   ? -7.038  8.408   4.083   1.00 36.30 ? 2   HOH A O   1 
HETATM 804 O O   . HOH B 2 .   ? 7.673   4.993   2.031   1.00 38.89 ? 3   HOH A O   1 
HETATM 805 O O   . HOH B 2 .   ? -14.820 -14.344 10.730  1.00 80.06 ? 4   HOH A O   1 
HETATM 806 O O   . HOH B 2 .   ? 1.167   -10.346 1.411   1.00 39.85 ? 5   HOH A O   1 
HETATM 807 O O   . HOH B 2 .   ? -0.042  -5.090  14.535  1.00 49.98 ? 6   HOH A O   1 
HETATM 808 O O   . HOH B 2 .   ? -3.680  11.219  10.362  1.00 55.01 ? 7   HOH A O   1 
HETATM 809 O O   . HOH B 2 .   ? -5.815  -1.075  10.413  1.00 43.88 ? 8   HOH A O   1 
HETATM 810 O O   . HOH B 2 .   ? -6.542  4.264   11.646  1.00 49.40 ? 9   HOH A O   1 
HETATM 811 O O   . HOH B 2 .   ? 6.533   10.223  6.265   1.00 43.76 ? 10  HOH A O   1 
HETATM 812 O O   . HOH B 2 .   ? -3.798  -5.689  -5.836  1.00 43.29 ? 11  HOH A O   1 
HETATM 813 O O   . HOH B 2 .   ? 8.901   -3.479  -1.092  1.00 41.15 ? 12  HOH A O   1 
HETATM 814 O O   . HOH B 2 .   ? -18.087 -5.817  8.534   1.00 53.59 ? 13  HOH A O   1 
HETATM 815 O O   . HOH B 2 .   ? 3.377   -9.382  2.651   1.00 43.17 ? 14  HOH A O   1 
HETATM 816 O O   . HOH B 2 .   ? -8.202  7.458   -7.949  1.00 54.65 ? 15  HOH A O   1 
HETATM 817 O O   . HOH B 2 .   ? 3.427   11.463  -3.237  1.00 58.66 ? 16  HOH A O   1 
HETATM 818 O O   . HOH B 2 .   ? 11.470  2.377   -0.882  1.00 49.77 ? 17  HOH A O   1 
HETATM 819 O O   . HOH B 2 .   ? 2.574   16.707  -5.526  1.00 58.73 ? 18  HOH A O   1 
HETATM 820 O O   . HOH B 2 .   ? 7.293   10.540  -1.456  1.00 48.54 ? 19  HOH A O   1 
HETATM 821 O O   . HOH B 2 .   ? -14.667 -0.300  9.510   1.00 48.56 ? 20  HOH A O   1 
HETATM 822 O O   . HOH B 2 .   ? -10.648 8.427   9.899   1.00 61.82 ? 21  HOH A O   1 
HETATM 823 O O   . HOH B 2 .   ? -8.232  10.593  -7.271  1.00 57.16 ? 22  HOH A O   1 
HETATM 824 O O   . HOH B 2 .   ? -6.460  1.036   11.892  1.00 50.27 ? 23  HOH A O   1 
HETATM 825 O O   . HOH B 2 .   ? 9.971   5.466   0.553   1.00 54.35 ? 24  HOH A O   1 
HETATM 826 O O   . HOH B 2 .   ? 11.169  -0.362  -0.940  1.00 54.70 ? 25  HOH A O   1 
HETATM 827 O O   . HOH B 2 .   ? -15.877 5.442   -2.546  1.00 50.22 ? 26  HOH A O   1 
HETATM 828 O O   . HOH B 2 .   ? 11.207  -7.033  2.071   1.00 50.09 ? 27  HOH A O   1 
HETATM 829 O O   . HOH B 2 .   ? -0.553  -12.956 1.578   1.00 55.14 ? 28  HOH A O   1 
HETATM 830 O O   . HOH B 2 .   ? 7.490   2.344   12.280  1.00 60.44 ? 29  HOH A O   1 
HETATM 831 O O   . HOH B 2 .   ? -3.172  -3.362  -6.708  1.00 50.24 ? 30  HOH A O   1 
HETATM 832 O O   . HOH B 2 .   ? -5.192  -6.504  7.345   1.00 42.91 ? 31  HOH A O   1 
HETATM 833 O O   . HOH B 2 .   ? -3.903  3.315   -15.451 1.00 62.14 ? 32  HOH A O   1 
HETATM 834 O O   . HOH B 2 .   ? 9.525   -1.521  -2.767  1.00 42.24 ? 33  HOH A O   1 
HETATM 835 O O   . HOH B 2 .   ? 12.083  -6.245  -2.877  1.00 57.64 ? 34  HOH A O   1 
HETATM 836 O O   . HOH B 2 .   ? -9.200  -11.172 -4.877  1.00 64.30 ? 35  HOH A O   1 
HETATM 837 O O   . HOH B 2 .   ? 10.552  11.219  -1.246  1.00 55.64 ? 36  HOH A O   1 
HETATM 838 O O   . HOH B 2 .   ? -3.488  4.417   -12.980 1.00 61.59 ? 37  HOH A O   1 
HETATM 839 O O   . HOH B 2 .   ? -2.822  -8.243  -5.939  1.00 46.57 ? 38  HOH A O   1 
HETATM 840 O O   . HOH B 2 .   ? -3.775  2.310   14.397  1.00 65.38 ? 39  HOH A O   1 
HETATM 841 O O   . HOH B 2 .   ? -11.756 2.133   -7.897  1.00 49.23 ? 40  HOH A O   1 
HETATM 842 O O   . HOH B 2 .   ? 6.580   13.950  5.415   1.00 64.66 ? 41  HOH A O   1 
HETATM 843 O O   . HOH B 2 .   ? -19.738 -8.739  9.265   1.00 59.20 ? 42  HOH A O   1 
HETATM 844 O O   . HOH B 2 .   ? 1.695   13.864  -5.700  1.00 51.26 ? 43  HOH A O   1 
HETATM 845 O O   . HOH B 2 .   ? -6.038  17.554  4.600   1.00 73.40 ? 44  HOH A O   1 
HETATM 846 O O   . HOH B 2 .   ? 11.602  10.993  11.161  1.00 57.63 ? 45  HOH A O   1 
HETATM 847 O O   . HOH B 2 .   ? -8.673  -11.168 -0.612  1.00 81.06 ? 46  HOH A O   1 
HETATM 848 O O   . HOH B 2 .   ? -8.577  3.546   -7.088  1.00 40.82 ? 47  HOH A O   1 
HETATM 849 O O   . HOH B 2 .   ? -0.267  13.452  7.458   1.00 61.21 ? 48  HOH A O   1 
HETATM 850 O O   . HOH B 2 .   ? 0.108   -5.407  17.172  1.00 55.92 ? 49  HOH A O   1 
HETATM 851 O O   . HOH B 2 .   ? 10.783  13.677  -1.569  1.00 58.11 ? 50  HOH A O   1 
HETATM 852 O O   . HOH B 2 .   ? 3.995   -13.301 -0.288  1.00 57.19 ? 51  HOH A O   1 
# 
